data_1S69
# 
_entry.id   1S69 
# 
_audit_conform.dict_name       mmcif_pdbx.dic 
_audit_conform.dict_version    5.398 
_audit_conform.dict_location   http://mmcif.pdb.org/dictionaries/ascii/mmcif_pdbx.dic 
# 
loop_
_database_2.database_id 
_database_2.database_code 
_database_2.pdbx_database_accession 
_database_2.pdbx_DOI 
PDB   1S69         pdb_00001s69 10.2210/pdb1s69/pdb 
RCSB  RCSB021419   ?            ?                   
WWPDB D_1000021419 ?            ?                   
# 
loop_
_pdbx_audit_revision_history.ordinal 
_pdbx_audit_revision_history.data_content_type 
_pdbx_audit_revision_history.major_revision 
_pdbx_audit_revision_history.minor_revision 
_pdbx_audit_revision_history.revision_date 
1 'Structure model' 1 0 2004-09-21 
2 'Structure model' 1 1 2008-04-29 
3 'Structure model' 1 2 2011-07-13 
4 'Structure model' 1 3 2023-08-23 
5 'Structure model' 1 4 2024-11-13 
# 
_pdbx_audit_revision_details.ordinal             1 
_pdbx_audit_revision_details.revision_ordinal    1 
_pdbx_audit_revision_details.data_content_type   'Structure model' 
_pdbx_audit_revision_details.provider            repository 
_pdbx_audit_revision_details.type                'Initial release' 
_pdbx_audit_revision_details.description         ? 
_pdbx_audit_revision_details.details             ? 
# 
loop_
_pdbx_audit_revision_group.ordinal 
_pdbx_audit_revision_group.revision_ordinal 
_pdbx_audit_revision_group.data_content_type 
_pdbx_audit_revision_group.group 
1 2 'Structure model' 'Version format compliance' 
2 3 'Structure model' 'Source and taxonomy'       
3 3 'Structure model' 'Version format compliance' 
4 4 'Structure model' 'Data collection'           
5 4 'Structure model' 'Database references'       
6 4 'Structure model' 'Derived calculations'      
7 4 'Structure model' 'Refinement description'    
8 5 'Structure model' 'Structure summary'         
# 
loop_
_pdbx_audit_revision_category.ordinal 
_pdbx_audit_revision_category.revision_ordinal 
_pdbx_audit_revision_category.data_content_type 
_pdbx_audit_revision_category.category 
1 4 'Structure model' chem_comp_atom                
2 4 'Structure model' chem_comp_bond                
3 4 'Structure model' database_2                    
4 4 'Structure model' pdbx_initial_refinement_model 
5 4 'Structure model' struct_conn                   
6 4 'Structure model' struct_conn_type              
7 4 'Structure model' struct_site                   
8 5 'Structure model' pdbx_entry_details            
9 5 'Structure model' pdbx_modification_feature     
# 
loop_
_pdbx_audit_revision_item.ordinal 
_pdbx_audit_revision_item.revision_ordinal 
_pdbx_audit_revision_item.data_content_type 
_pdbx_audit_revision_item.item 
1  4 'Structure model' '_database_2.pdbx_DOI'                
2  4 'Structure model' '_database_2.pdbx_database_accession' 
3  4 'Structure model' '_struct_conn.conn_type_id'           
4  4 'Structure model' '_struct_conn.id'                     
5  4 'Structure model' '_struct_conn.pdbx_dist_value'        
6  4 'Structure model' '_struct_conn.pdbx_leaving_atom_flag' 
7  4 'Structure model' '_struct_conn.ptnr1_auth_comp_id'     
8  4 'Structure model' '_struct_conn.ptnr1_auth_seq_id'      
9  4 'Structure model' '_struct_conn.ptnr1_label_asym_id'    
10 4 'Structure model' '_struct_conn.ptnr1_label_atom_id'    
11 4 'Structure model' '_struct_conn.ptnr1_label_comp_id'    
12 4 'Structure model' '_struct_conn.ptnr1_label_seq_id'     
13 4 'Structure model' '_struct_conn.ptnr2_auth_comp_id'     
14 4 'Structure model' '_struct_conn.ptnr2_auth_seq_id'      
15 4 'Structure model' '_struct_conn.ptnr2_label_asym_id'    
16 4 'Structure model' '_struct_conn.ptnr2_label_atom_id'    
17 4 'Structure model' '_struct_conn.ptnr2_label_comp_id'    
18 4 'Structure model' '_struct_conn_type.id'                
19 4 'Structure model' '_struct_site.pdbx_auth_asym_id'      
20 4 'Structure model' '_struct_site.pdbx_auth_comp_id'      
21 4 'Structure model' '_struct_site.pdbx_auth_seq_id'       
# 
_pdbx_database_status.status_code                     REL 
_pdbx_database_status.entry_id                        1S69 
_pdbx_database_status.recvd_initial_deposition_date   2004-01-22 
_pdbx_database_status.deposit_site                    RCSB 
_pdbx_database_status.process_site                    RCSB 
_pdbx_database_status.status_code_sf                  REL 
_pdbx_database_status.SG_entry                        . 
_pdbx_database_status.pdb_format_compatible           Y 
_pdbx_database_status.status_code_mr                  ? 
_pdbx_database_status.status_code_cs                  ? 
_pdbx_database_status.status_code_nmr_data            ? 
_pdbx_database_status.methods_development_category    ? 
# 
_pdbx_database_related.db_name        PDB 
_pdbx_database_related.db_id          1S6A 
_pdbx_database_related.details        . 
_pdbx_database_related.content_type   unspecified 
# 
loop_
_audit_author.name 
_audit_author.pdbx_ordinal 
'Trent III, J.T.' 1 
'Kundu, S.'       2 
'Hoy, J.A.'       3 
'Hargrove, M.S.'  4 
# 
_citation.id                        primary 
_citation.title                     
;Crystallographic analysis of synechocystis cyanoglobin reveals the structural changes accompanying ligand binding in a hexacoordinate hemoglobin.
;
_citation.journal_abbrev            J.Mol.Biol. 
_citation.journal_volume            341 
_citation.page_first                1097 
_citation.page_last                 1108 
_citation.year                      2004 
_citation.journal_id_ASTM           JMOBAK 
_citation.country                   UK 
_citation.journal_id_ISSN           0022-2836 
_citation.journal_id_CSD            0070 
_citation.book_publisher            ? 
_citation.pdbx_database_id_PubMed   15289104 
_citation.pdbx_database_id_DOI      10.1016/j.jmb.2004.05.070 
# 
loop_
_citation_author.citation_id 
_citation_author.name 
_citation_author.ordinal 
_citation_author.identifier_ORCID 
primary 'Trent III, J.T.' 1 ? 
primary 'Kundu, S.'       2 ? 
primary 'Hoy, J.A.'       3 ? 
primary 'Hargrove, M.S.'  4 ? 
# 
loop_
_entity.id 
_entity.type 
_entity.src_method 
_entity.pdbx_description 
_entity.formula_weight 
_entity.pdbx_number_of_molecules 
_entity.pdbx_ec 
_entity.pdbx_mutation 
_entity.pdbx_fragment 
_entity.details 
1 polymer     man Cyanoglobin                       13888.623 1   ? ? ? ? 
2 non-polymer syn 'CITRATE ANION'                   189.100   1   ? ? ? ? 
3 non-polymer syn 'CYANIDE ION'                     26.017    1   ? ? ? ? 
4 non-polymer syn 'PROTOPORPHYRIN IX CONTAINING FE' 616.487   1   ? ? ? ? 
5 water       nat water                             18.015    148 ? ? ? ? 
# 
_entity_name_com.entity_id   1 
_entity_name_com.name        'Hemoglobin, Hb' 
# 
_entity_poly.entity_id                      1 
_entity_poly.type                           'polypeptide(L)' 
_entity_poly.nstd_linkage                   no 
_entity_poly.nstd_monomer                   no 
_entity_poly.pdbx_seq_one_letter_code       
;MSTLYEKLGGTTAVDLAVDKFYERVLQDDRIKHFFADVDMAKQRAHQKAFLTYAFGGTDKYDGRYMREAHKELVENHGLN
GEHFDAVAEDLLATLKEMGVPEDLIAEVAAVAGAPAHKRDVLNQ
;
_entity_poly.pdbx_seq_one_letter_code_can   
;MSTLYEKLGGTTAVDLAVDKFYERVLQDDRIKHFFADVDMAKQRAHQKAFLTYAFGGTDKYDGRYMREAHKELVENHGLN
GEHFDAVAEDLLATLKEMGVPEDLIAEVAAVAGAPAHKRDVLNQ
;
_entity_poly.pdbx_strand_id                 A 
_entity_poly.pdbx_target_identifier         ? 
# 
loop_
_pdbx_entity_nonpoly.entity_id 
_pdbx_entity_nonpoly.name 
_pdbx_entity_nonpoly.comp_id 
2 'CITRATE ANION'                   FLC 
3 'CYANIDE ION'                     CYN 
4 'PROTOPORPHYRIN IX CONTAINING FE' HEM 
5 water                             HOH 
# 
loop_
_entity_poly_seq.entity_id 
_entity_poly_seq.num 
_entity_poly_seq.mon_id 
_entity_poly_seq.hetero 
1 1   MET n 
1 2   SER n 
1 3   THR n 
1 4   LEU n 
1 5   TYR n 
1 6   GLU n 
1 7   LYS n 
1 8   LEU n 
1 9   GLY n 
1 10  GLY n 
1 11  THR n 
1 12  THR n 
1 13  ALA n 
1 14  VAL n 
1 15  ASP n 
1 16  LEU n 
1 17  ALA n 
1 18  VAL n 
1 19  ASP n 
1 20  LYS n 
1 21  PHE n 
1 22  TYR n 
1 23  GLU n 
1 24  ARG n 
1 25  VAL n 
1 26  LEU n 
1 27  GLN n 
1 28  ASP n 
1 29  ASP n 
1 30  ARG n 
1 31  ILE n 
1 32  LYS n 
1 33  HIS n 
1 34  PHE n 
1 35  PHE n 
1 36  ALA n 
1 37  ASP n 
1 38  VAL n 
1 39  ASP n 
1 40  MET n 
1 41  ALA n 
1 42  LYS n 
1 43  GLN n 
1 44  ARG n 
1 45  ALA n 
1 46  HIS n 
1 47  GLN n 
1 48  LYS n 
1 49  ALA n 
1 50  PHE n 
1 51  LEU n 
1 52  THR n 
1 53  TYR n 
1 54  ALA n 
1 55  PHE n 
1 56  GLY n 
1 57  GLY n 
1 58  THR n 
1 59  ASP n 
1 60  LYS n 
1 61  TYR n 
1 62  ASP n 
1 63  GLY n 
1 64  ARG n 
1 65  TYR n 
1 66  MET n 
1 67  ARG n 
1 68  GLU n 
1 69  ALA n 
1 70  HIS n 
1 71  LYS n 
1 72  GLU n 
1 73  LEU n 
1 74  VAL n 
1 75  GLU n 
1 76  ASN n 
1 77  HIS n 
1 78  GLY n 
1 79  LEU n 
1 80  ASN n 
1 81  GLY n 
1 82  GLU n 
1 83  HIS n 
1 84  PHE n 
1 85  ASP n 
1 86  ALA n 
1 87  VAL n 
1 88  ALA n 
1 89  GLU n 
1 90  ASP n 
1 91  LEU n 
1 92  LEU n 
1 93  ALA n 
1 94  THR n 
1 95  LEU n 
1 96  LYS n 
1 97  GLU n 
1 98  MET n 
1 99  GLY n 
1 100 VAL n 
1 101 PRO n 
1 102 GLU n 
1 103 ASP n 
1 104 LEU n 
1 105 ILE n 
1 106 ALA n 
1 107 GLU n 
1 108 VAL n 
1 109 ALA n 
1 110 ALA n 
1 111 VAL n 
1 112 ALA n 
1 113 GLY n 
1 114 ALA n 
1 115 PRO n 
1 116 ALA n 
1 117 HIS n 
1 118 LYS n 
1 119 ARG n 
1 120 ASP n 
1 121 VAL n 
1 122 LEU n 
1 123 ASN n 
1 124 GLN n 
# 
_entity_src_gen.entity_id                          1 
_entity_src_gen.pdbx_src_id                        1 
_entity_src_gen.pdbx_alt_source_flag               sample 
_entity_src_gen.pdbx_seq_type                      ? 
_entity_src_gen.pdbx_beg_seq_num                   ? 
_entity_src_gen.pdbx_end_seq_num                   ? 
_entity_src_gen.gene_src_common_name               ? 
_entity_src_gen.gene_src_genus                     Synechocystis 
_entity_src_gen.pdbx_gene_src_gene                 'GLBN, SLR2097' 
_entity_src_gen.gene_src_species                   ? 
_entity_src_gen.gene_src_strain                    'PCC 6803' 
_entity_src_gen.gene_src_tissue                    ? 
_entity_src_gen.gene_src_tissue_fraction           ? 
_entity_src_gen.gene_src_details                   ? 
_entity_src_gen.pdbx_gene_src_fragment             ? 
_entity_src_gen.pdbx_gene_src_scientific_name      'Synechocystis sp.' 
_entity_src_gen.pdbx_gene_src_ncbi_taxonomy_id     1148 
_entity_src_gen.pdbx_gene_src_variant              ? 
_entity_src_gen.pdbx_gene_src_cell_line            ? 
_entity_src_gen.pdbx_gene_src_atcc                 ? 
_entity_src_gen.pdbx_gene_src_organ                ? 
_entity_src_gen.pdbx_gene_src_organelle            ? 
_entity_src_gen.pdbx_gene_src_cell                 ? 
_entity_src_gen.pdbx_gene_src_cellular_location    ? 
_entity_src_gen.host_org_common_name               ? 
_entity_src_gen.pdbx_host_org_scientific_name      'Escherichia coli BL21(DE3)' 
_entity_src_gen.pdbx_host_org_ncbi_taxonomy_id     469008 
_entity_src_gen.host_org_genus                     Escherichia 
_entity_src_gen.pdbx_host_org_gene                 ? 
_entity_src_gen.pdbx_host_org_organ                ? 
_entity_src_gen.host_org_species                   'Escherichia coli' 
_entity_src_gen.pdbx_host_org_tissue               ? 
_entity_src_gen.pdbx_host_org_tissue_fraction      ? 
_entity_src_gen.pdbx_host_org_strain               'BL21(DE3)' 
_entity_src_gen.pdbx_host_org_variant              ? 
_entity_src_gen.pdbx_host_org_cell_line            ? 
_entity_src_gen.pdbx_host_org_atcc                 ? 
_entity_src_gen.pdbx_host_org_culture_collection   ? 
_entity_src_gen.pdbx_host_org_cell                 ? 
_entity_src_gen.pdbx_host_org_organelle            ? 
_entity_src_gen.pdbx_host_org_cellular_location    ? 
_entity_src_gen.pdbx_host_org_vector_type          Plasmid 
_entity_src_gen.pdbx_host_org_vector               ? 
_entity_src_gen.host_org_details                   ? 
_entity_src_gen.expression_system_id               ? 
_entity_src_gen.plasmid_name                       pET28c 
_entity_src_gen.plasmid_details                    ? 
_entity_src_gen.pdbx_description                   ? 
# 
loop_
_chem_comp.id 
_chem_comp.type 
_chem_comp.mon_nstd_flag 
_chem_comp.name 
_chem_comp.pdbx_synonyms 
_chem_comp.formula 
_chem_comp.formula_weight 
ALA 'L-peptide linking' y ALANINE                           ?    'C3 H7 N O2'       89.093  
ARG 'L-peptide linking' y ARGININE                          ?    'C6 H15 N4 O2 1'   175.209 
ASN 'L-peptide linking' y ASPARAGINE                        ?    'C4 H8 N2 O3'      132.118 
ASP 'L-peptide linking' y 'ASPARTIC ACID'                   ?    'C4 H7 N O4'       133.103 
CYN non-polymer         . 'CYANIDE ION'                     ?    'C N -1'           26.017  
FLC non-polymer         . 'CITRATE ANION'                   ?    'C6 H5 O7 -3'      189.100 
GLN 'L-peptide linking' y GLUTAMINE                         ?    'C5 H10 N2 O3'     146.144 
GLU 'L-peptide linking' y 'GLUTAMIC ACID'                   ?    'C5 H9 N O4'       147.129 
GLY 'peptide linking'   y GLYCINE                           ?    'C2 H5 N O2'       75.067  
HEM non-polymer         . 'PROTOPORPHYRIN IX CONTAINING FE' HEME 'C34 H32 Fe N4 O4' 616.487 
HIS 'L-peptide linking' y HISTIDINE                         ?    'C6 H10 N3 O2 1'   156.162 
HOH non-polymer         . WATER                             ?    'H2 O'             18.015  
ILE 'L-peptide linking' y ISOLEUCINE                        ?    'C6 H13 N O2'      131.173 
LEU 'L-peptide linking' y LEUCINE                           ?    'C6 H13 N O2'      131.173 
LYS 'L-peptide linking' y LYSINE                            ?    'C6 H15 N2 O2 1'   147.195 
MET 'L-peptide linking' y METHIONINE                        ?    'C5 H11 N O2 S'    149.211 
PHE 'L-peptide linking' y PHENYLALANINE                     ?    'C9 H11 N O2'      165.189 
PRO 'L-peptide linking' y PROLINE                           ?    'C5 H9 N O2'       115.130 
SER 'L-peptide linking' y SERINE                            ?    'C3 H7 N O3'       105.093 
THR 'L-peptide linking' y THREONINE                         ?    'C4 H9 N O3'       119.119 
TYR 'L-peptide linking' y TYROSINE                          ?    'C9 H11 N O3'      181.189 
VAL 'L-peptide linking' y VALINE                            ?    'C5 H11 N O2'      117.146 
# 
loop_
_pdbx_poly_seq_scheme.asym_id 
_pdbx_poly_seq_scheme.entity_id 
_pdbx_poly_seq_scheme.seq_id 
_pdbx_poly_seq_scheme.mon_id 
_pdbx_poly_seq_scheme.ndb_seq_num 
_pdbx_poly_seq_scheme.pdb_seq_num 
_pdbx_poly_seq_scheme.auth_seq_num 
_pdbx_poly_seq_scheme.pdb_mon_id 
_pdbx_poly_seq_scheme.auth_mon_id 
_pdbx_poly_seq_scheme.pdb_strand_id 
_pdbx_poly_seq_scheme.pdb_ins_code 
_pdbx_poly_seq_scheme.hetero 
A 1 1   MET 1   1   ?   ?   ?   A . n 
A 1 2   SER 2   2   2   SER SER A . n 
A 1 3   THR 3   3   3   THR THR A . n 
A 1 4   LEU 4   4   4   LEU LEU A . n 
A 1 5   TYR 5   5   5   TYR TYR A . n 
A 1 6   GLU 6   6   6   GLU GLU A . n 
A 1 7   LYS 7   7   7   LYS LYS A . n 
A 1 8   LEU 8   8   8   LEU LEU A . n 
A 1 9   GLY 9   9   9   GLY GLY A . n 
A 1 10  GLY 10  10  10  GLY GLY A . n 
A 1 11  THR 11  11  11  THR THR A . n 
A 1 12  THR 12  12  12  THR THR A . n 
A 1 13  ALA 13  13  13  ALA ALA A . n 
A 1 14  VAL 14  14  14  VAL VAL A . n 
A 1 15  ASP 15  15  15  ASP ASP A . n 
A 1 16  LEU 16  16  16  LEU LEU A . n 
A 1 17  ALA 17  17  17  ALA ALA A . n 
A 1 18  VAL 18  18  18  VAL VAL A . n 
A 1 19  ASP 19  19  19  ASP ASP A . n 
A 1 20  LYS 20  20  20  LYS LYS A . n 
A 1 21  PHE 21  21  21  PHE PHE A . n 
A 1 22  TYR 22  22  22  TYR TYR A . n 
A 1 23  GLU 23  23  23  GLU GLU A . n 
A 1 24  ARG 24  24  24  ARG ARG A . n 
A 1 25  VAL 25  25  25  VAL VAL A . n 
A 1 26  LEU 26  26  26  LEU LEU A . n 
A 1 27  GLN 27  27  27  GLN GLN A . n 
A 1 28  ASP 28  28  28  ASP ASP A . n 
A 1 29  ASP 29  29  29  ASP ASP A . n 
A 1 30  ARG 30  30  30  ARG ARG A . n 
A 1 31  ILE 31  31  31  ILE ILE A . n 
A 1 32  LYS 32  32  32  LYS LYS A . n 
A 1 33  HIS 33  33  33  HIS HIS A . n 
A 1 34  PHE 34  34  34  PHE PHE A . n 
A 1 35  PHE 35  35  35  PHE PHE A . n 
A 1 36  ALA 36  36  36  ALA ALA A . n 
A 1 37  ASP 37  37  37  ASP ASP A . n 
A 1 38  VAL 38  38  38  VAL VAL A . n 
A 1 39  ASP 39  39  39  ASP ASP A . n 
A 1 40  MET 40  40  40  MET MET A . n 
A 1 41  ALA 41  41  41  ALA ALA A . n 
A 1 42  LYS 42  42  42  LYS LYS A . n 
A 1 43  GLN 43  43  43  GLN GLN A . n 
A 1 44  ARG 44  44  44  ARG ARG A . n 
A 1 45  ALA 45  45  45  ALA ALA A . n 
A 1 46  HIS 46  46  46  HIS HIS A . n 
A 1 47  GLN 47  47  47  GLN GLN A . n 
A 1 48  LYS 48  48  48  LYS LYS A . n 
A 1 49  ALA 49  49  49  ALA ALA A . n 
A 1 50  PHE 50  50  50  PHE PHE A . n 
A 1 51  LEU 51  51  51  LEU LEU A . n 
A 1 52  THR 52  52  52  THR THR A . n 
A 1 53  TYR 53  53  53  TYR TYR A . n 
A 1 54  ALA 54  54  54  ALA ALA A . n 
A 1 55  PHE 55  55  55  PHE PHE A . n 
A 1 56  GLY 56  56  56  GLY GLY A . n 
A 1 57  GLY 57  57  57  GLY GLY A . n 
A 1 58  THR 58  58  58  THR THR A . n 
A 1 59  ASP 59  59  59  ASP ASP A . n 
A 1 60  LYS 60  60  60  LYS LYS A . n 
A 1 61  TYR 61  61  61  TYR TYR A . n 
A 1 62  ASP 62  62  62  ASP ASP A . n 
A 1 63  GLY 63  63  63  GLY GLY A . n 
A 1 64  ARG 64  64  64  ARG ARG A . n 
A 1 65  TYR 65  65  65  TYR TYR A . n 
A 1 66  MET 66  66  66  MET MET A . n 
A 1 67  ARG 67  67  67  ARG ARG A . n 
A 1 68  GLU 68  68  68  GLU GLU A . n 
A 1 69  ALA 69  69  69  ALA ALA A . n 
A 1 70  HIS 70  70  70  HIS HIS A . n 
A 1 71  LYS 71  71  71  LYS LYS A . n 
A 1 72  GLU 72  72  72  GLU GLU A . n 
A 1 73  LEU 73  73  73  LEU LEU A . n 
A 1 74  VAL 74  74  74  VAL VAL A . n 
A 1 75  GLU 75  75  75  GLU GLU A . n 
A 1 76  ASN 76  76  76  ASN ASN A . n 
A 1 77  HIS 77  77  77  HIS HIS A . n 
A 1 78  GLY 78  78  78  GLY GLY A . n 
A 1 79  LEU 79  79  79  LEU LEU A . n 
A 1 80  ASN 80  80  80  ASN ASN A . n 
A 1 81  GLY 81  81  81  GLY GLY A . n 
A 1 82  GLU 82  82  82  GLU GLU A . n 
A 1 83  HIS 83  83  83  HIS HIS A . n 
A 1 84  PHE 84  84  84  PHE PHE A . n 
A 1 85  ASP 85  85  85  ASP ASP A . n 
A 1 86  ALA 86  86  86  ALA ALA A . n 
A 1 87  VAL 87  87  87  VAL VAL A . n 
A 1 88  ALA 88  88  88  ALA ALA A . n 
A 1 89  GLU 89  89  89  GLU GLU A . n 
A 1 90  ASP 90  90  90  ASP ASP A . n 
A 1 91  LEU 91  91  91  LEU LEU A . n 
A 1 92  LEU 92  92  92  LEU LEU A . n 
A 1 93  ALA 93  93  93  ALA ALA A . n 
A 1 94  THR 94  94  94  THR THR A . n 
A 1 95  LEU 95  95  95  LEU LEU A . n 
A 1 96  LYS 96  96  96  LYS LYS A . n 
A 1 97  GLU 97  97  97  GLU GLU A . n 
A 1 98  MET 98  98  98  MET MET A . n 
A 1 99  GLY 99  99  99  GLY GLY A . n 
A 1 100 VAL 100 100 100 VAL VAL A . n 
A 1 101 PRO 101 101 101 PRO PRO A . n 
A 1 102 GLU 102 102 102 GLU GLU A . n 
A 1 103 ASP 103 103 103 ASP ASP A . n 
A 1 104 LEU 104 104 104 LEU LEU A . n 
A 1 105 ILE 105 105 105 ILE ILE A . n 
A 1 106 ALA 106 106 106 ALA ALA A . n 
A 1 107 GLU 107 107 107 GLU GLU A . n 
A 1 108 VAL 108 108 108 VAL VAL A . n 
A 1 109 ALA 109 109 109 ALA ALA A . n 
A 1 110 ALA 110 110 110 ALA ALA A . n 
A 1 111 VAL 111 111 111 VAL VAL A . n 
A 1 112 ALA 112 112 112 ALA ALA A . n 
A 1 113 GLY 113 113 113 GLY GLY A . n 
A 1 114 ALA 114 114 114 ALA ALA A . n 
A 1 115 PRO 115 115 115 PRO PRO A . n 
A 1 116 ALA 116 116 116 ALA ALA A . n 
A 1 117 HIS 117 117 117 HIS HIS A . n 
A 1 118 LYS 118 118 118 LYS LYS A . n 
A 1 119 ARG 119 119 119 ARG ARG A . n 
A 1 120 ASP 120 120 120 ASP ASP A . n 
A 1 121 VAL 121 121 121 VAL VAL A . n 
A 1 122 LEU 122 122 122 LEU LEU A . n 
A 1 123 ASN 123 123 123 ASN ASN A . n 
A 1 124 GLN 124 124 124 GLN GLN A . n 
# 
loop_
_pdbx_nonpoly_scheme.asym_id 
_pdbx_nonpoly_scheme.entity_id 
_pdbx_nonpoly_scheme.mon_id 
_pdbx_nonpoly_scheme.ndb_seq_num 
_pdbx_nonpoly_scheme.pdb_seq_num 
_pdbx_nonpoly_scheme.auth_seq_num 
_pdbx_nonpoly_scheme.pdb_mon_id 
_pdbx_nonpoly_scheme.auth_mon_id 
_pdbx_nonpoly_scheme.pdb_strand_id 
_pdbx_nonpoly_scheme.pdb_ins_code 
B 2 FLC 1   227 127 FLC FLC A . 
C 3 CYN 1   126 126 CYN CN  A . 
D 4 HEM 1   125 125 HEM HEM A . 
E 5 HOH 1   228 1   HOH HOH A . 
E 5 HOH 2   229 2   HOH HOH A . 
E 5 HOH 3   230 3   HOH HOH A . 
E 5 HOH 4   231 4   HOH HOH A . 
E 5 HOH 5   232 5   HOH HOH A . 
E 5 HOH 6   233 6   HOH HOH A . 
E 5 HOH 7   234 7   HOH HOH A . 
E 5 HOH 8   235 8   HOH HOH A . 
E 5 HOH 9   236 9   HOH HOH A . 
E 5 HOH 10  237 10  HOH HOH A . 
E 5 HOH 11  238 11  HOH HOH A . 
E 5 HOH 12  239 12  HOH HOH A . 
E 5 HOH 13  240 13  HOH HOH A . 
E 5 HOH 14  241 14  HOH HOH A . 
E 5 HOH 15  242 15  HOH HOH A . 
E 5 HOH 16  243 16  HOH HOH A . 
E 5 HOH 17  244 17  HOH HOH A . 
E 5 HOH 18  245 18  HOH HOH A . 
E 5 HOH 19  246 19  HOH HOH A . 
E 5 HOH 20  247 20  HOH HOH A . 
E 5 HOH 21  248 21  HOH HOH A . 
E 5 HOH 22  249 22  HOH HOH A . 
E 5 HOH 23  250 23  HOH HOH A . 
E 5 HOH 24  251 24  HOH HOH A . 
E 5 HOH 25  252 25  HOH HOH A . 
E 5 HOH 26  253 26  HOH HOH A . 
E 5 HOH 27  254 27  HOH HOH A . 
E 5 HOH 28  255 28  HOH HOH A . 
E 5 HOH 29  256 29  HOH HOH A . 
E 5 HOH 30  257 30  HOH HOH A . 
E 5 HOH 31  258 31  HOH HOH A . 
E 5 HOH 32  259 32  HOH HOH A . 
E 5 HOH 33  260 33  HOH HOH A . 
E 5 HOH 34  261 34  HOH HOH A . 
E 5 HOH 35  262 35  HOH HOH A . 
E 5 HOH 36  263 36  HOH HOH A . 
E 5 HOH 37  264 37  HOH HOH A . 
E 5 HOH 38  265 38  HOH HOH A . 
E 5 HOH 39  266 39  HOH HOH A . 
E 5 HOH 40  267 40  HOH HOH A . 
E 5 HOH 41  268 41  HOH HOH A . 
E 5 HOH 42  269 42  HOH HOH A . 
E 5 HOH 43  270 43  HOH HOH A . 
E 5 HOH 44  271 44  HOH HOH A . 
E 5 HOH 45  272 45  HOH HOH A . 
E 5 HOH 46  273 46  HOH HOH A . 
E 5 HOH 47  274 47  HOH HOH A . 
E 5 HOH 48  275 48  HOH HOH A . 
E 5 HOH 49  276 49  HOH HOH A . 
E 5 HOH 50  277 50  HOH HOH A . 
E 5 HOH 51  278 51  HOH HOH A . 
E 5 HOH 52  279 52  HOH HOH A . 
E 5 HOH 53  280 53  HOH HOH A . 
E 5 HOH 54  281 54  HOH HOH A . 
E 5 HOH 55  282 55  HOH HOH A . 
E 5 HOH 56  283 56  HOH HOH A . 
E 5 HOH 57  284 57  HOH HOH A . 
E 5 HOH 58  285 58  HOH HOH A . 
E 5 HOH 59  286 59  HOH HOH A . 
E 5 HOH 60  287 60  HOH HOH A . 
E 5 HOH 61  288 61  HOH HOH A . 
E 5 HOH 62  289 62  HOH HOH A . 
E 5 HOH 63  290 63  HOH HOH A . 
E 5 HOH 64  291 64  HOH HOH A . 
E 5 HOH 65  292 65  HOH HOH A . 
E 5 HOH 66  293 66  HOH HOH A . 
E 5 HOH 67  294 67  HOH HOH A . 
E 5 HOH 68  295 68  HOH HOH A . 
E 5 HOH 69  296 69  HOH HOH A . 
E 5 HOH 70  297 70  HOH HOH A . 
E 5 HOH 71  298 71  HOH HOH A . 
E 5 HOH 72  299 72  HOH HOH A . 
E 5 HOH 73  300 73  HOH HOH A . 
E 5 HOH 74  301 74  HOH HOH A . 
E 5 HOH 75  302 75  HOH HOH A . 
E 5 HOH 76  303 76  HOH HOH A . 
E 5 HOH 77  304 77  HOH HOH A . 
E 5 HOH 78  305 78  HOH HOH A . 
E 5 HOH 79  306 79  HOH HOH A . 
E 5 HOH 80  307 80  HOH HOH A . 
E 5 HOH 81  308 81  HOH HOH A . 
E 5 HOH 82  309 82  HOH HOH A . 
E 5 HOH 83  310 83  HOH HOH A . 
E 5 HOH 84  311 84  HOH HOH A . 
E 5 HOH 85  312 85  HOH HOH A . 
E 5 HOH 86  313 86  HOH HOH A . 
E 5 HOH 87  314 87  HOH HOH A . 
E 5 HOH 88  315 88  HOH HOH A . 
E 5 HOH 89  316 89  HOH HOH A . 
E 5 HOH 90  317 90  HOH HOH A . 
E 5 HOH 91  318 91  HOH HOH A . 
E 5 HOH 92  319 92  HOH HOH A . 
E 5 HOH 93  320 93  HOH HOH A . 
E 5 HOH 94  321 94  HOH HOH A . 
E 5 HOH 95  322 95  HOH HOH A . 
E 5 HOH 96  323 96  HOH HOH A . 
E 5 HOH 97  324 97  HOH HOH A . 
E 5 HOH 98  325 98  HOH HOH A . 
E 5 HOH 99  326 99  HOH HOH A . 
E 5 HOH 100 327 100 HOH HOH A . 
E 5 HOH 101 328 101 HOH HOH A . 
E 5 HOH 102 329 102 HOH HOH A . 
E 5 HOH 103 330 103 HOH HOH A . 
E 5 HOH 104 331 104 HOH HOH A . 
E 5 HOH 105 332 105 HOH HOH A . 
E 5 HOH 106 333 106 HOH HOH A . 
E 5 HOH 107 334 107 HOH HOH A . 
E 5 HOH 108 335 108 HOH HOH A . 
E 5 HOH 109 336 109 HOH HOH A . 
E 5 HOH 110 337 110 HOH HOH A . 
E 5 HOH 111 338 111 HOH HOH A . 
E 5 HOH 112 339 112 HOH HOH A . 
E 5 HOH 113 340 113 HOH HOH A . 
E 5 HOH 114 341 114 HOH HOH A . 
E 5 HOH 115 342 115 HOH HOH A . 
E 5 HOH 116 343 116 HOH HOH A . 
E 5 HOH 117 344 117 HOH HOH A . 
E 5 HOH 118 345 118 HOH HOH A . 
E 5 HOH 119 346 119 HOH HOH A . 
E 5 HOH 120 347 120 HOH HOH A . 
E 5 HOH 121 348 121 HOH HOH A . 
E 5 HOH 122 349 122 HOH HOH A . 
E 5 HOH 123 350 123 HOH HOH A . 
E 5 HOH 124 351 124 HOH HOH A . 
E 5 HOH 125 352 125 HOH HOH A . 
E 5 HOH 126 353 126 HOH HOH A . 
E 5 HOH 127 354 127 HOH HOH A . 
E 5 HOH 128 355 128 HOH HOH A . 
E 5 HOH 129 356 129 HOH HOH A . 
E 5 HOH 130 357 130 HOH HOH A . 
E 5 HOH 131 358 131 HOH HOH A . 
E 5 HOH 132 359 132 HOH HOH A . 
E 5 HOH 133 360 133 HOH HOH A . 
E 5 HOH 134 361 134 HOH HOH A . 
E 5 HOH 135 362 135 HOH HOH A . 
E 5 HOH 136 363 136 HOH HOH A . 
E 5 HOH 137 364 137 HOH HOH A . 
E 5 HOH 138 365 138 HOH HOH A . 
E 5 HOH 139 366 139 HOH HOH A . 
E 5 HOH 140 367 140 HOH HOH A . 
E 5 HOH 141 368 141 HOH HOH A . 
E 5 HOH 142 369 142 HOH HOH A . 
E 5 HOH 143 370 143 HOH HOH A . 
E 5 HOH 144 371 144 HOH HOH A . 
E 5 HOH 145 372 145 HOH HOH A . 
E 5 HOH 146 373 146 HOH HOH A . 
E 5 HOH 147 374 147 HOH HOH A . 
E 5 HOH 148 375 148 HOH HOH A . 
# 
loop_
_software.name 
_software.classification 
_software.version 
_software.citation_id 
_software.pdbx_ordinal 
REFMAC  refinement       5.1.24 ? 1 
CRYSTAL 'data reduction' VIEW   ? 2 
d*TREK  'data scaling'   .      ? 3 
CNS     phasing          .      ? 4 
# 
_cell.entry_id           1S69 
_cell.length_a           84.060 
_cell.length_b           84.060 
_cell.length_c           64.620 
_cell.angle_alpha        90.00 
_cell.angle_beta         90.00 
_cell.angle_gamma        90.00 
_cell.Z_PDB              8 
_cell.pdbx_unique_axis   ? 
# 
_symmetry.entry_id                         1S69 
_symmetry.space_group_name_H-M             'I 41' 
_symmetry.pdbx_full_space_group_name_H-M   ? 
_symmetry.cell_setting                     ? 
_symmetry.Int_Tables_number                80 
_symmetry.space_group_name_Hall            ? 
# 
_exptl.entry_id          1S69 
_exptl.method            'X-RAY DIFFRACTION' 
_exptl.crystals_number   2 
# 
_exptl_crystal.id                    1 
_exptl_crystal.density_meas          ? 
_exptl_crystal.density_percent_sol   68.77 
_exptl_crystal.description           'Friedel pairs were used.' 
_exptl_crystal.density_Matthews      3.97 
_exptl_crystal.F_000                 ? 
_exptl_crystal.preparation           ? 
# 
_exptl_crystal_grow.crystal_id      1 
_exptl_crystal_grow.method          'VAPOR DIFFUSION, HANGING DROP' 
_exptl_crystal_grow.temp            277 
_exptl_crystal_grow.temp_details    ? 
_exptl_crystal_grow.pH              6.0 
_exptl_crystal_grow.pdbx_details    
;1.5M sodium citrate, 0.2M ammonium citrate, 20% sucrose, 3% dioxane, 25mM sodium cyanide, pH 6.0, VAPOR DIFFUSION, HANGING DROP, temperature 277K
;
_exptl_crystal_grow.pdbx_pH_range   . 
# 
loop_
_diffrn.id 
_diffrn.ambient_temp 
_diffrn.ambient_temp_details 
_diffrn.crystal_id 
1   100 ? 1 
2   100 ? 1 
1,2 ?   ? 1 
# 
loop_
_diffrn_detector.diffrn_id 
_diffrn_detector.detector 
_diffrn_detector.type 
_diffrn_detector.pdbx_collection_date 
_diffrn_detector.details 
1 'IMAGE PLATE' 'RIGAKU RAXIS IV' 2002-10-01 ? 
2 'IMAGE PLATE' 'RIGAKU RAXIS IV' 2002-10-02 ? 
# 
loop_
_diffrn_radiation.diffrn_id 
_diffrn_radiation.wavelength_id 
_diffrn_radiation.pdbx_monochromatic_or_laue_m_l 
_diffrn_radiation.monochromator 
_diffrn_radiation.pdbx_diffrn_protocol 
_diffrn_radiation.pdbx_scattering_type 
1 1 M ? 'SINGLE WAVELENGTH' x-ray 
2 1 M ? 'SINGLE WAVELENGTH' x-ray 
# 
_diffrn_radiation_wavelength.id           1 
_diffrn_radiation_wavelength.wavelength   1.5418 
_diffrn_radiation_wavelength.wt           1.0 
# 
loop_
_diffrn_source.diffrn_id 
_diffrn_source.source 
_diffrn_source.type 
_diffrn_source.pdbx_synchrotron_site 
_diffrn_source.pdbx_synchrotron_beamline 
_diffrn_source.pdbx_wavelength 
_diffrn_source.pdbx_wavelength_list 
1 'ROTATING ANODE' RIGAKU ? ? ? 1.5418 
2 'ROTATING ANODE' RIGAKU ? ? ? 1.5418 
# 
_reflns.entry_id                     1S69 
_reflns.observed_criterion_sigma_F   3.0 
_reflns.observed_criterion_sigma_I   3.0 
_reflns.d_resolution_high            1.68 
_reflns.d_resolution_low             32.49 
_reflns.number_all                   ? 
_reflns.number_obs                   37950 
_reflns.percent_possible_obs         75.2 
_reflns.pdbx_Rmerge_I_obs            0.055 
_reflns.pdbx_Rsym_value              ? 
_reflns.pdbx_netI_over_sigmaI        15.3 
_reflns.B_iso_Wilson_estimate        ? 
_reflns.pdbx_redundancy              4.92 
_reflns.R_free_details               ? 
_reflns.limit_h_max                  ? 
_reflns.limit_h_min                  ? 
_reflns.limit_k_max                  ? 
_reflns.limit_k_min                  ? 
_reflns.limit_l_max                  ? 
_reflns.limit_l_min                  ? 
_reflns.observed_criterion_F_max     ? 
_reflns.observed_criterion_F_min     ? 
_reflns.pdbx_chi_squared             ? 
_reflns.pdbx_scaling_rejects         ? 
_reflns.pdbx_ordinal                 1 
_reflns.pdbx_diffrn_id               1,2 
# 
_reflns_shell.d_res_high             1.68 
_reflns_shell.d_res_low              1.74 
_reflns_shell.percent_possible_all   5.0 
_reflns_shell.Rmerge_I_obs           0.343 
_reflns_shell.pdbx_Rsym_value        ? 
_reflns_shell.meanI_over_sigI_obs    2.1 
_reflns_shell.pdbx_redundancy        1.02 
_reflns_shell.percent_possible_obs   ? 
_reflns_shell.number_unique_all      254 
_reflns_shell.number_measured_all    ? 
_reflns_shell.number_measured_obs    ? 
_reflns_shell.number_unique_obs      ? 
_reflns_shell.pdbx_chi_squared       ? 
_reflns_shell.pdbx_ordinal           1 
_reflns_shell.pdbx_diffrn_id         1,2 
# 
_refine.entry_id                                 1S69 
_refine.ls_number_reflns_obs                     37837 
_refine.ls_number_reflns_all                     ? 
_refine.pdbx_ls_sigma_I                          3.0 
_refine.pdbx_ls_sigma_F                          3.0 
_refine.pdbx_data_cutoff_high_absF               ? 
_refine.pdbx_data_cutoff_low_absF                ? 
_refine.pdbx_data_cutoff_high_rms_absF           ? 
_refine.ls_d_res_low                             32.5 
_refine.ls_d_res_high                            1.68 
_refine.ls_percent_reflns_obs                    80.46 
_refine.ls_R_factor_obs                          0.1927 
_refine.ls_R_factor_all                          0.19921 
_refine.ls_R_factor_R_work                       0.19236 
_refine.ls_R_factor_R_free                       0.19921 
_refine.ls_R_factor_R_free_error                 ? 
_refine.ls_R_factor_R_free_error_details         ? 
_refine.ls_percent_reflns_R_free                 5.1 
_refine.ls_number_reflns_R_free                  1053 
_refine.ls_number_parameters                     ? 
_refine.ls_number_restraints                     ? 
_refine.occupancy_min                            ? 
_refine.occupancy_max                            ? 
_refine.correlation_coeff_Fo_to_Fc               0.957 
_refine.correlation_coeff_Fo_to_Fc_free          0.957 
_refine.B_iso_mean                               28.241 
_refine.aniso_B[1][1]                            -0.38 
_refine.aniso_B[2][2]                            -0.38 
_refine.aniso_B[3][3]                            0.75 
_refine.aniso_B[1][2]                            0.00 
_refine.aniso_B[1][3]                            0.00 
_refine.aniso_B[2][3]                            0.00 
_refine.solvent_model_details                    'BABINET MODEL WITH MASK' 
_refine.solvent_model_param_ksol                 ? 
_refine.solvent_model_param_bsol                 ? 
_refine.pdbx_solvent_vdw_probe_radii             1.40 
_refine.pdbx_solvent_ion_probe_radii             0.80 
_refine.pdbx_solvent_shrinkage_radii             0.80 
_refine.pdbx_ls_cross_valid_method               THROUGHOUT 
_refine.details                                  'Friedel pairs were used.' 
_refine.pdbx_starting_model                      'PDB entry 1dly' 
_refine.pdbx_method_to_determine_struct          'MOLECULAR REPLACEMENT' 
_refine.pdbx_isotropic_thermal_model             ? 
_refine.pdbx_stereochemistry_target_values       'MAXIMUM LIKELIHOOD' 
_refine.pdbx_stereochem_target_val_spec_case     ? 
_refine.pdbx_R_Free_selection_details            RANDOM 
_refine.pdbx_overall_ESU_R                       0.099 
_refine.pdbx_overall_ESU_R_Free                  0.090 
_refine.overall_SU_ML                            0.070 
_refine.overall_SU_B                             2.564 
_refine.ls_redundancy_reflns_obs                 ? 
_refine.B_iso_min                                ? 
_refine.B_iso_max                                ? 
_refine.overall_SU_R_Cruickshank_DPI             ? 
_refine.overall_SU_R_free                        ? 
_refine.ls_wR_factor_R_free                      ? 
_refine.ls_wR_factor_R_work                      ? 
_refine.overall_FOM_free_R_set                   ? 
_refine.overall_FOM_work_R_set                   ? 
_refine.pdbx_refine_id                           'X-RAY DIFFRACTION' 
_refine.pdbx_diffrn_id                           1 
_refine.pdbx_TLS_residual_ADP_flag               ? 
_refine.pdbx_overall_phase_error                 ? 
_refine.pdbx_overall_SU_R_free_Cruickshank_DPI   ? 
_refine.pdbx_overall_SU_R_Blow_DPI               ? 
_refine.pdbx_overall_SU_R_free_Blow_DPI          ? 
# 
_refine_hist.pdbx_refine_id                   'X-RAY DIFFRACTION' 
_refine_hist.cycle_id                         LAST 
_refine_hist.pdbx_number_atoms_protein        969 
_refine_hist.pdbx_number_atoms_nucleic_acid   0 
_refine_hist.pdbx_number_atoms_ligand         58 
_refine_hist.number_atoms_solvent             148 
_refine_hist.number_atoms_total               1175 
_refine_hist.d_res_high                       1.68 
_refine_hist.d_res_low                        32.5 
# 
loop_
_refine_ls_restr.type 
_refine_ls_restr.dev_ideal 
_refine_ls_restr.dev_ideal_target 
_refine_ls_restr.weight 
_refine_ls_restr.number 
_refine_ls_restr.pdbx_refine_id 
_refine_ls_restr.pdbx_restraint_function 
r_bond_refined_d         0.023 0.021 ? 1050 'X-RAY DIFFRACTION' ? 
r_angle_refined_deg      1.809 2.088 ? 1429 'X-RAY DIFFRACTION' ? 
r_dihedral_angle_1_deg   5.294 5.000 ? 122  'X-RAY DIFFRACTION' ? 
r_chiral_restr           0.121 0.200 ? 145  'X-RAY DIFFRACTION' ? 
r_gen_planes_refined     0.011 0.020 ? 820  'X-RAY DIFFRACTION' ? 
r_nbd_refined            0.229 0.200 ? 547  'X-RAY DIFFRACTION' ? 
r_xyhbond_nbd_refined    0.197 0.200 ? 130  'X-RAY DIFFRACTION' ? 
r_symmetry_vdw_refined   0.134 0.200 ? 21   'X-RAY DIFFRACTION' ? 
r_symmetry_hbond_refined 0.217 0.200 ? 17   'X-RAY DIFFRACTION' ? 
r_mcbond_it              1.019 1.500 ? 610  'X-RAY DIFFRACTION' ? 
r_mcangle_it             1.927 2.000 ? 967  'X-RAY DIFFRACTION' ? 
r_scbond_it              3.442 3.000 ? 440  'X-RAY DIFFRACTION' ? 
r_scangle_it             5.658 4.500 ? 462  'X-RAY DIFFRACTION' ? 
# 
_refine_ls_shell.pdbx_total_number_of_bins_used   20 
_refine_ls_shell.d_res_high                       1.680 
_refine_ls_shell.d_res_low                        1.723 
_refine_ls_shell.number_reflns_R_work             121 
_refine_ls_shell.R_factor_R_work                  0.437 
_refine_ls_shell.percent_reflns_obs               ? 
_refine_ls_shell.R_factor_R_free                  0.457 
_refine_ls_shell.R_factor_R_free_error            ? 
_refine_ls_shell.percent_reflns_R_free            ? 
_refine_ls_shell.number_reflns_R_free             9 
_refine_ls_shell.number_reflns_obs                ? 
_refine_ls_shell.redundancy_reflns_obs            ? 
_refine_ls_shell.number_reflns_all                ? 
_refine_ls_shell.pdbx_refine_id                   'X-RAY DIFFRACTION' 
_refine_ls_shell.R_factor_all                     ? 
# 
_struct.entry_id                  1S69 
_struct.title                     
;The X-ray structure of the cyanobacteria Synechocystis hemoglobin "cyanoglobin" with cyanide ligand
;
_struct.pdbx_model_details        ? 
_struct.pdbx_CASP_flag            ? 
_struct.pdbx_model_type_details   ? 
# 
_struct_keywords.entry_id        1S69 
_struct_keywords.pdbx_keywords   'OXYGEN STORAGE/TRANSPORT' 
_struct_keywords.text            
;2 on 2 helical fold, globin, heme, iron, hemoglobin, cyanobacteria, oxygen binding, hexacoordinate, truncated, OXYGEN STORAGE-TRANSPORT COMPLEX
;
# 
loop_
_struct_asym.id 
_struct_asym.pdbx_blank_PDB_chainid_flag 
_struct_asym.pdbx_modified 
_struct_asym.entity_id 
_struct_asym.details 
A N N 1 ? 
B N N 2 ? 
C N N 3 ? 
D N N 4 ? 
E N N 5 ? 
# 
_struct_ref.id                         1 
_struct_ref.db_name                    UNP 
_struct_ref.db_code                    GLBN_SYNY3 
_struct_ref.pdbx_db_accession          P73925 
_struct_ref.entity_id                  1 
_struct_ref.pdbx_seq_one_letter_code   
;MSTLYEKLGGTTAVDLAVDKFYERVLQDDRIKHFFADVDMAKQRAHQKAFLTYAFGGTDKYDGRYMREAHKELVENHGLN
GEHFDAVAEDLLATLKEMGVPEDLIAEVAAVAGAPAHKRDVLNQ
;
_struct_ref.pdbx_align_begin           1 
_struct_ref.pdbx_db_isoform            ? 
# 
_struct_ref_seq.align_id                      1 
_struct_ref_seq.ref_id                        1 
_struct_ref_seq.pdbx_PDB_id_code              1S69 
_struct_ref_seq.pdbx_strand_id                A 
_struct_ref_seq.seq_align_beg                 1 
_struct_ref_seq.pdbx_seq_align_beg_ins_code   ? 
_struct_ref_seq.seq_align_end                 124 
_struct_ref_seq.pdbx_seq_align_end_ins_code   ? 
_struct_ref_seq.pdbx_db_accession             P73925 
_struct_ref_seq.db_align_beg                  1 
_struct_ref_seq.pdbx_db_align_beg_ins_code    ? 
_struct_ref_seq.db_align_end                  124 
_struct_ref_seq.pdbx_db_align_end_ins_code    ? 
_struct_ref_seq.pdbx_auth_seq_align_beg       1 
_struct_ref_seq.pdbx_auth_seq_align_end       124 
# 
_pdbx_struct_assembly.id                   1 
_pdbx_struct_assembly.details              author_defined_assembly 
_pdbx_struct_assembly.method_details       ? 
_pdbx_struct_assembly.oligomeric_details   monomeric 
_pdbx_struct_assembly.oligomeric_count     1 
# 
_pdbx_struct_assembly_gen.assembly_id       1 
_pdbx_struct_assembly_gen.oper_expression   1 
_pdbx_struct_assembly_gen.asym_id_list      A,B,C,D,E 
# 
_pdbx_struct_oper_list.id                   1 
_pdbx_struct_oper_list.type                 'identity operation' 
_pdbx_struct_oper_list.name                 1_555 
_pdbx_struct_oper_list.symmetry_operation   x,y,z 
_pdbx_struct_oper_list.matrix[1][1]         1.0000000000 
_pdbx_struct_oper_list.matrix[1][2]         0.0000000000 
_pdbx_struct_oper_list.matrix[1][3]         0.0000000000 
_pdbx_struct_oper_list.vector[1]            0.0000000000 
_pdbx_struct_oper_list.matrix[2][1]         0.0000000000 
_pdbx_struct_oper_list.matrix[2][2]         1.0000000000 
_pdbx_struct_oper_list.matrix[2][3]         0.0000000000 
_pdbx_struct_oper_list.vector[2]            0.0000000000 
_pdbx_struct_oper_list.matrix[3][1]         0.0000000000 
_pdbx_struct_oper_list.matrix[3][2]         0.0000000000 
_pdbx_struct_oper_list.matrix[3][3]         1.0000000000 
_pdbx_struct_oper_list.vector[3]            0.0000000000 
# 
_struct_biol.id                    1 
_struct_biol.pdbx_parent_biol_id   ? 
_struct_biol.details               ? 
# 
loop_
_struct_conf.conf_type_id 
_struct_conf.id 
_struct_conf.pdbx_PDB_helix_id 
_struct_conf.beg_label_comp_id 
_struct_conf.beg_label_asym_id 
_struct_conf.beg_label_seq_id 
_struct_conf.pdbx_beg_PDB_ins_code 
_struct_conf.end_label_comp_id 
_struct_conf.end_label_asym_id 
_struct_conf.end_label_seq_id 
_struct_conf.pdbx_end_PDB_ins_code 
_struct_conf.beg_auth_comp_id 
_struct_conf.beg_auth_asym_id 
_struct_conf.beg_auth_seq_id 
_struct_conf.end_auth_comp_id 
_struct_conf.end_auth_asym_id 
_struct_conf.end_auth_seq_id 
_struct_conf.pdbx_PDB_helix_class 
_struct_conf.details 
_struct_conf.pdbx_PDB_helix_length 
HELX_P HELX_P1 1 THR A 3   ? GLY A 9   ? THR A 3   GLY A 9   1 ? 7  
HELX_P HELX_P2 2 GLY A 9   ? GLN A 27  ? GLY A 9   GLN A 27  1 ? 19 
HELX_P HELX_P3 3 ILE A 31  ? ALA A 36  ? ILE A 31  ALA A 36  5 ? 6  
HELX_P HELX_P4 4 ASP A 39  ? PHE A 55  ? ASP A 39  PHE A 55  1 ? 17 
HELX_P HELX_P5 5 TYR A 65  ? GLY A 78  ? TYR A 65  GLY A 78  1 ? 14 
HELX_P HELX_P6 6 ASN A 80  ? GLY A 99  ? ASN A 80  GLY A 99  1 ? 20 
HELX_P HELX_P7 7 PRO A 101 ? ALA A 114 ? PRO A 101 ALA A 114 1 ? 14 
HELX_P HELX_P8 8 ALA A 114 ? LEU A 122 ? ALA A 114 LEU A 122 1 ? 9  
# 
_struct_conf_type.id          HELX_P 
_struct_conf_type.criteria    ? 
_struct_conf_type.reference   ? 
# 
loop_
_struct_conn.id 
_struct_conn.conn_type_id 
_struct_conn.pdbx_leaving_atom_flag 
_struct_conn.pdbx_PDB_id 
_struct_conn.ptnr1_label_asym_id 
_struct_conn.ptnr1_label_comp_id 
_struct_conn.ptnr1_label_seq_id 
_struct_conn.ptnr1_label_atom_id 
_struct_conn.pdbx_ptnr1_label_alt_id 
_struct_conn.pdbx_ptnr1_PDB_ins_code 
_struct_conn.pdbx_ptnr1_standard_comp_id 
_struct_conn.ptnr1_symmetry 
_struct_conn.ptnr2_label_asym_id 
_struct_conn.ptnr2_label_comp_id 
_struct_conn.ptnr2_label_seq_id 
_struct_conn.ptnr2_label_atom_id 
_struct_conn.pdbx_ptnr2_label_alt_id 
_struct_conn.pdbx_ptnr2_PDB_ins_code 
_struct_conn.ptnr1_auth_asym_id 
_struct_conn.ptnr1_auth_comp_id 
_struct_conn.ptnr1_auth_seq_id 
_struct_conn.ptnr2_auth_asym_id 
_struct_conn.ptnr2_auth_comp_id 
_struct_conn.ptnr2_auth_seq_id 
_struct_conn.ptnr2_symmetry 
_struct_conn.pdbx_ptnr3_label_atom_id 
_struct_conn.pdbx_ptnr3_label_seq_id 
_struct_conn.pdbx_ptnr3_label_comp_id 
_struct_conn.pdbx_ptnr3_label_asym_id 
_struct_conn.pdbx_ptnr3_label_alt_id 
_struct_conn.pdbx_ptnr3_PDB_ins_code 
_struct_conn.details 
_struct_conn.pdbx_dist_value 
_struct_conn.pdbx_value_order 
_struct_conn.pdbx_role 
covale1 covale none ? A HIS 117 NE2 ? ? ? 1_555 D HEM . CAB ? ? A HIS 117 A HEM 125 1_555 ? ? ? ? ? ? ? 2.023 ? ? 
metalc1 metalc ?    ? A HIS 70  NE2 ? ? ? 1_555 D HEM . FE  ? ? A HIS 70  A HEM 125 1_555 ? ? ? ? ? ? ? 2.093 ? ? 
metalc2 metalc ?    ? D HEM .   FE  ? ? ? 1_555 C CYN . C   ? ? A HEM 125 A CYN 126 1_555 ? ? ? ? ? ? ? 2.053 ? ? 
# 
loop_
_struct_conn_type.id 
_struct_conn_type.criteria 
_struct_conn_type.reference 
covale ? ? 
metalc ? ? 
# 
loop_
_pdbx_struct_conn_angle.id 
_pdbx_struct_conn_angle.ptnr1_label_atom_id 
_pdbx_struct_conn_angle.ptnr1_label_alt_id 
_pdbx_struct_conn_angle.ptnr1_label_asym_id 
_pdbx_struct_conn_angle.ptnr1_label_comp_id 
_pdbx_struct_conn_angle.ptnr1_label_seq_id 
_pdbx_struct_conn_angle.ptnr1_auth_atom_id 
_pdbx_struct_conn_angle.ptnr1_auth_asym_id 
_pdbx_struct_conn_angle.ptnr1_auth_comp_id 
_pdbx_struct_conn_angle.ptnr1_auth_seq_id 
_pdbx_struct_conn_angle.ptnr1_PDB_ins_code 
_pdbx_struct_conn_angle.ptnr1_symmetry 
_pdbx_struct_conn_angle.ptnr2_label_atom_id 
_pdbx_struct_conn_angle.ptnr2_label_alt_id 
_pdbx_struct_conn_angle.ptnr2_label_asym_id 
_pdbx_struct_conn_angle.ptnr2_label_comp_id 
_pdbx_struct_conn_angle.ptnr2_label_seq_id 
_pdbx_struct_conn_angle.ptnr2_auth_atom_id 
_pdbx_struct_conn_angle.ptnr2_auth_asym_id 
_pdbx_struct_conn_angle.ptnr2_auth_comp_id 
_pdbx_struct_conn_angle.ptnr2_auth_seq_id 
_pdbx_struct_conn_angle.ptnr2_PDB_ins_code 
_pdbx_struct_conn_angle.ptnr2_symmetry 
_pdbx_struct_conn_angle.ptnr3_label_atom_id 
_pdbx_struct_conn_angle.ptnr3_label_alt_id 
_pdbx_struct_conn_angle.ptnr3_label_asym_id 
_pdbx_struct_conn_angle.ptnr3_label_comp_id 
_pdbx_struct_conn_angle.ptnr3_label_seq_id 
_pdbx_struct_conn_angle.ptnr3_auth_atom_id 
_pdbx_struct_conn_angle.ptnr3_auth_asym_id 
_pdbx_struct_conn_angle.ptnr3_auth_comp_id 
_pdbx_struct_conn_angle.ptnr3_auth_seq_id 
_pdbx_struct_conn_angle.ptnr3_PDB_ins_code 
_pdbx_struct_conn_angle.ptnr3_symmetry 
_pdbx_struct_conn_angle.value 
_pdbx_struct_conn_angle.value_esd 
1  NE2 ? A HIS 70 ? A HIS 70  ? 1_555 FE ? D HEM . ? A HEM 125 ? 1_555 NA ? D HEM . ? A HEM 125 ? 1_555 92.0  ? 
2  NE2 ? A HIS 70 ? A HIS 70  ? 1_555 FE ? D HEM . ? A HEM 125 ? 1_555 NB ? D HEM . ? A HEM 125 ? 1_555 91.5  ? 
3  NA  ? D HEM .  ? A HEM 125 ? 1_555 FE ? D HEM . ? A HEM 125 ? 1_555 NB ? D HEM . ? A HEM 125 ? 1_555 90.3  ? 
4  NE2 ? A HIS 70 ? A HIS 70  ? 1_555 FE ? D HEM . ? A HEM 125 ? 1_555 NC ? D HEM . ? A HEM 125 ? 1_555 89.7  ? 
5  NA  ? D HEM .  ? A HEM 125 ? 1_555 FE ? D HEM . ? A HEM 125 ? 1_555 NC ? D HEM . ? A HEM 125 ? 1_555 177.2 ? 
6  NB  ? D HEM .  ? A HEM 125 ? 1_555 FE ? D HEM . ? A HEM 125 ? 1_555 NC ? D HEM . ? A HEM 125 ? 1_555 87.5  ? 
7  NE2 ? A HIS 70 ? A HIS 70  ? 1_555 FE ? D HEM . ? A HEM 125 ? 1_555 ND ? D HEM . ? A HEM 125 ? 1_555 86.8  ? 
8  NA  ? D HEM .  ? A HEM 125 ? 1_555 FE ? D HEM . ? A HEM 125 ? 1_555 ND ? D HEM . ? A HEM 125 ? 1_555 90.6  ? 
9  NB  ? D HEM .  ? A HEM 125 ? 1_555 FE ? D HEM . ? A HEM 125 ? 1_555 ND ? D HEM . ? A HEM 125 ? 1_555 178.1 ? 
10 NC  ? D HEM .  ? A HEM 125 ? 1_555 FE ? D HEM . ? A HEM 125 ? 1_555 ND ? D HEM . ? A HEM 125 ? 1_555 91.7  ? 
11 NE2 ? A HIS 70 ? A HIS 70  ? 1_555 FE ? D HEM . ? A HEM 125 ? 1_555 C  ? C CYN . ? A CYN 126 ? 1_555 177.7 ? 
12 NA  ? D HEM .  ? A HEM 125 ? 1_555 FE ? D HEM . ? A HEM 125 ? 1_555 C  ? C CYN . ? A CYN 126 ? 1_555 88.9  ? 
13 NB  ? D HEM .  ? A HEM 125 ? 1_555 FE ? D HEM . ? A HEM 125 ? 1_555 C  ? C CYN . ? A CYN 126 ? 1_555 90.6  ? 
14 NC  ? D HEM .  ? A HEM 125 ? 1_555 FE ? D HEM . ? A HEM 125 ? 1_555 C  ? C CYN . ? A CYN 126 ? 1_555 89.5  ? 
15 ND  ? D HEM .  ? A HEM 125 ? 1_555 FE ? D HEM . ? A HEM 125 ? 1_555 C  ? C CYN . ? A CYN 126 ? 1_555 91.1  ? 
# 
_pdbx_modification_feature.ordinal                            1 
_pdbx_modification_feature.label_comp_id                      HEM 
_pdbx_modification_feature.label_asym_id                      D 
_pdbx_modification_feature.label_seq_id                       . 
_pdbx_modification_feature.label_alt_id                       ? 
_pdbx_modification_feature.modified_residue_label_comp_id     HIS 
_pdbx_modification_feature.modified_residue_label_asym_id     A 
_pdbx_modification_feature.modified_residue_label_seq_id      117 
_pdbx_modification_feature.modified_residue_label_alt_id      ? 
_pdbx_modification_feature.auth_comp_id                       HEM 
_pdbx_modification_feature.auth_asym_id                       A 
_pdbx_modification_feature.auth_seq_id                        125 
_pdbx_modification_feature.PDB_ins_code                       ? 
_pdbx_modification_feature.symmetry                           1_555 
_pdbx_modification_feature.modified_residue_auth_comp_id      HIS 
_pdbx_modification_feature.modified_residue_auth_asym_id      A 
_pdbx_modification_feature.modified_residue_auth_seq_id       117 
_pdbx_modification_feature.modified_residue_PDB_ins_code      ? 
_pdbx_modification_feature.modified_residue_symmetry          1_555 
_pdbx_modification_feature.comp_id_linking_atom               CAB 
_pdbx_modification_feature.modified_residue_id_linking_atom   NE2 
_pdbx_modification_feature.modified_residue_id                HIS 
_pdbx_modification_feature.ref_pcm_id                         6 
_pdbx_modification_feature.ref_comp_id                        HEM 
_pdbx_modification_feature.type                               None 
_pdbx_modification_feature.category                           Heme/heme-like 
# 
loop_
_struct_site.id 
_struct_site.pdbx_evidence_code 
_struct_site.pdbx_auth_asym_id 
_struct_site.pdbx_auth_comp_id 
_struct_site.pdbx_auth_seq_id 
_struct_site.pdbx_auth_ins_code 
_struct_site.pdbx_num_residues 
_struct_site.details 
AC1 Software A FLC 227 ? 16 'BINDING SITE FOR RESIDUE FLC A 227' 
AC2 Software A CYN 126 ? 4  'BINDING SITE FOR RESIDUE CYN A 126' 
AC3 Software A HEM 125 ? 22 'BINDING SITE FOR RESIDUE HEM A 125' 
# 
loop_
_struct_site_gen.id 
_struct_site_gen.site_id 
_struct_site_gen.pdbx_num_res 
_struct_site_gen.label_comp_id 
_struct_site_gen.label_asym_id 
_struct_site_gen.label_seq_id 
_struct_site_gen.pdbx_auth_ins_code 
_struct_site_gen.auth_comp_id 
_struct_site_gen.auth_asym_id 
_struct_site_gen.auth_seq_id 
_struct_site_gen.label_atom_id 
_struct_site_gen.label_alt_id 
_struct_site_gen.symmetry 
_struct_site_gen.details 
1  AC1 16 PHE A 50  ? PHE A 50  . ? 1_555 ? 
2  AC1 16 TYR A 53  ? TYR A 53  . ? 1_555 ? 
3  AC1 16 TYR A 65  ? TYR A 65  . ? 1_555 ? 
4  AC1 16 MET A 66  ? MET A 66  . ? 1_555 ? 
5  AC1 16 HIS A 77  ? HIS A 77  . ? 8_555 ? 
6  AC1 16 ALA A 116 ? ALA A 116 . ? 1_555 ? 
7  AC1 16 HIS A 117 ? HIS A 117 . ? 1_555 ? 
8  AC1 16 ASP A 120 ? ASP A 120 . ? 1_555 ? 
9  AC1 16 HOH E .   ? HOH A 247 . ? 1_555 ? 
10 AC1 16 HOH E .   ? HOH A 280 . ? 1_555 ? 
11 AC1 16 HOH E .   ? HOH A 282 . ? 1_555 ? 
12 AC1 16 HOH E .   ? HOH A 306 . ? 1_555 ? 
13 AC1 16 HOH E .   ? HOH A 321 . ? 1_555 ? 
14 AC1 16 HOH E .   ? HOH A 339 . ? 1_555 ? 
15 AC1 16 HOH E .   ? HOH A 360 . ? 1_555 ? 
16 AC1 16 HOH E .   ? HOH A 375 . ? 1_555 ? 
17 AC2 4  TYR A 22  ? TYR A 22  . ? 1_555 ? 
18 AC2 4  GLN A 43  ? GLN A 43  . ? 1_555 ? 
19 AC2 4  GLN A 47  ? GLN A 47  . ? 1_555 ? 
20 AC2 4  HEM D .   ? HEM A 125 . ? 1_555 ? 
21 AC3 22 ILE A 31  ? ILE A 31  . ? 1_555 ? 
22 AC3 22 PHE A 34  ? PHE A 34  . ? 1_555 ? 
23 AC3 22 PHE A 35  ? PHE A 35  . ? 1_555 ? 
24 AC3 22 VAL A 38  ? VAL A 38  . ? 1_555 ? 
25 AC3 22 GLN A 43  ? GLN A 43  . ? 1_555 ? 
26 AC3 22 HIS A 46  ? HIS A 46  . ? 1_555 ? 
27 AC3 22 GLN A 47  ? GLN A 47  . ? 1_555 ? 
28 AC3 22 PHE A 50  ? PHE A 50  . ? 1_555 ? 
29 AC3 22 TYR A 61  ? TYR A 61  . ? 1_555 ? 
30 AC3 22 GLY A 63  ? GLY A 63  . ? 1_555 ? 
31 AC3 22 ARG A 64  ? ARG A 64  . ? 1_555 ? 
32 AC3 22 MET A 66  ? MET A 66  . ? 1_555 ? 
33 AC3 22 HIS A 70  ? HIS A 70  . ? 1_555 ? 
34 AC3 22 LEU A 73  ? LEU A 73  . ? 1_555 ? 
35 AC3 22 LEU A 79  ? LEU A 79  . ? 1_555 ? 
36 AC3 22 PHE A 84  ? PHE A 84  . ? 1_555 ? 
37 AC3 22 VAL A 87  ? VAL A 87  . ? 1_555 ? 
38 AC3 22 HIS A 117 ? HIS A 117 . ? 1_555 ? 
39 AC3 22 CYN C .   ? CYN A 126 . ? 1_555 ? 
40 AC3 22 HOH E .   ? HOH A 302 . ? 1_555 ? 
41 AC3 22 HOH E .   ? HOH A 322 . ? 1_555 ? 
42 AC3 22 HOH E .   ? HOH A 365 . ? 1_555 ? 
# 
_pdbx_entry_details.entry_id                   1S69 
_pdbx_entry_details.compound_details           ? 
_pdbx_entry_details.source_details             ? 
_pdbx_entry_details.nonpolymer_details         ? 
_pdbx_entry_details.sequence_details           ? 
_pdbx_entry_details.has_ligand_of_interest     ? 
_pdbx_entry_details.has_protein_modification   Y 
# 
loop_
_pdbx_validate_close_contact.id 
_pdbx_validate_close_contact.PDB_model_num 
_pdbx_validate_close_contact.auth_atom_id_1 
_pdbx_validate_close_contact.auth_asym_id_1 
_pdbx_validate_close_contact.auth_comp_id_1 
_pdbx_validate_close_contact.auth_seq_id_1 
_pdbx_validate_close_contact.PDB_ins_code_1 
_pdbx_validate_close_contact.label_alt_id_1 
_pdbx_validate_close_contact.auth_atom_id_2 
_pdbx_validate_close_contact.auth_asym_id_2 
_pdbx_validate_close_contact.auth_comp_id_2 
_pdbx_validate_close_contact.auth_seq_id_2 
_pdbx_validate_close_contact.PDB_ins_code_2 
_pdbx_validate_close_contact.label_alt_id_2 
_pdbx_validate_close_contact.dist 
1 1 O A HOH 263 ? ? O A HOH 332 ? ? 2.08 
2 1 O A HOH 253 ? ? O A HOH 319 ? ? 2.11 
3 1 O A HOH 298 ? ? O A HOH 330 ? ? 2.14 
# 
_pdbx_validate_symm_contact.id                1 
_pdbx_validate_symm_contact.PDB_model_num     1 
_pdbx_validate_symm_contact.auth_atom_id_1    O 
_pdbx_validate_symm_contact.auth_asym_id_1    A 
_pdbx_validate_symm_contact.auth_comp_id_1    HOH 
_pdbx_validate_symm_contact.auth_seq_id_1     289 
_pdbx_validate_symm_contact.PDB_ins_code_1    ? 
_pdbx_validate_symm_contact.label_alt_id_1    ? 
_pdbx_validate_symm_contact.site_symmetry_1   1_555 
_pdbx_validate_symm_contact.auth_atom_id_2    O 
_pdbx_validate_symm_contact.auth_asym_id_2    A 
_pdbx_validate_symm_contact.auth_comp_id_2    HOH 
_pdbx_validate_symm_contact.auth_seq_id_2     327 
_pdbx_validate_symm_contact.PDB_ins_code_2    ? 
_pdbx_validate_symm_contact.label_alt_id_2    ? 
_pdbx_validate_symm_contact.site_symmetry_2   7_554 
_pdbx_validate_symm_contact.dist              2.14 
# 
loop_
_pdbx_validate_rmsd_angle.id 
_pdbx_validate_rmsd_angle.PDB_model_num 
_pdbx_validate_rmsd_angle.auth_atom_id_1 
_pdbx_validate_rmsd_angle.auth_asym_id_1 
_pdbx_validate_rmsd_angle.auth_comp_id_1 
_pdbx_validate_rmsd_angle.auth_seq_id_1 
_pdbx_validate_rmsd_angle.PDB_ins_code_1 
_pdbx_validate_rmsd_angle.label_alt_id_1 
_pdbx_validate_rmsd_angle.auth_atom_id_2 
_pdbx_validate_rmsd_angle.auth_asym_id_2 
_pdbx_validate_rmsd_angle.auth_comp_id_2 
_pdbx_validate_rmsd_angle.auth_seq_id_2 
_pdbx_validate_rmsd_angle.PDB_ins_code_2 
_pdbx_validate_rmsd_angle.label_alt_id_2 
_pdbx_validate_rmsd_angle.auth_atom_id_3 
_pdbx_validate_rmsd_angle.auth_asym_id_3 
_pdbx_validate_rmsd_angle.auth_comp_id_3 
_pdbx_validate_rmsd_angle.auth_seq_id_3 
_pdbx_validate_rmsd_angle.PDB_ins_code_3 
_pdbx_validate_rmsd_angle.label_alt_id_3 
_pdbx_validate_rmsd_angle.angle_value 
_pdbx_validate_rmsd_angle.angle_target_value 
_pdbx_validate_rmsd_angle.angle_deviation 
_pdbx_validate_rmsd_angle.angle_standard_deviation 
_pdbx_validate_rmsd_angle.linker_flag 
1 1 CB A ASP 19 ? ? CG A ASP 19 ? ? OD1 A ASP 19 ? ? 123.76 118.30 5.46  0.90 N 
2 1 CB A LEU 26 ? ? CG A LEU 26 ? ? CD1 A LEU 26 ? ? 121.63 111.00 10.63 1.70 N 
3 1 CB A ASP 37 ? ? CG A ASP 37 ? ? OD2 A ASP 37 ? ? 127.47 118.30 9.17  0.90 N 
# 
_pdbx_validate_torsion.id              1 
_pdbx_validate_torsion.PDB_model_num   1 
_pdbx_validate_torsion.auth_comp_id    ILE 
_pdbx_validate_torsion.auth_asym_id    A 
_pdbx_validate_torsion.auth_seq_id     31 
_pdbx_validate_torsion.PDB_ins_code    ? 
_pdbx_validate_torsion.label_alt_id    ? 
_pdbx_validate_torsion.phi             -141.17 
_pdbx_validate_torsion.psi             -9.19 
# 
_pdbx_unobs_or_zero_occ_residues.id               1 
_pdbx_unobs_or_zero_occ_residues.PDB_model_num    1 
_pdbx_unobs_or_zero_occ_residues.polymer_flag     Y 
_pdbx_unobs_or_zero_occ_residues.occupancy_flag   1 
_pdbx_unobs_or_zero_occ_residues.auth_asym_id     A 
_pdbx_unobs_or_zero_occ_residues.auth_comp_id     MET 
_pdbx_unobs_or_zero_occ_residues.auth_seq_id      1 
_pdbx_unobs_or_zero_occ_residues.PDB_ins_code     ? 
_pdbx_unobs_or_zero_occ_residues.label_asym_id    A 
_pdbx_unobs_or_zero_occ_residues.label_comp_id    MET 
_pdbx_unobs_or_zero_occ_residues.label_seq_id     1 
# 
loop_
_chem_comp_atom.comp_id 
_chem_comp_atom.atom_id 
_chem_comp_atom.type_symbol 
_chem_comp_atom.pdbx_aromatic_flag 
_chem_comp_atom.pdbx_stereo_config 
_chem_comp_atom.pdbx_ordinal 
ALA N    N  N N 1   
ALA CA   C  N S 2   
ALA C    C  N N 3   
ALA O    O  N N 4   
ALA CB   C  N N 5   
ALA OXT  O  N N 6   
ALA H    H  N N 7   
ALA H2   H  N N 8   
ALA HA   H  N N 9   
ALA HB1  H  N N 10  
ALA HB2  H  N N 11  
ALA HB3  H  N N 12  
ALA HXT  H  N N 13  
ARG N    N  N N 14  
ARG CA   C  N S 15  
ARG C    C  N N 16  
ARG O    O  N N 17  
ARG CB   C  N N 18  
ARG CG   C  N N 19  
ARG CD   C  N N 20  
ARG NE   N  N N 21  
ARG CZ   C  N N 22  
ARG NH1  N  N N 23  
ARG NH2  N  N N 24  
ARG OXT  O  N N 25  
ARG H    H  N N 26  
ARG H2   H  N N 27  
ARG HA   H  N N 28  
ARG HB2  H  N N 29  
ARG HB3  H  N N 30  
ARG HG2  H  N N 31  
ARG HG3  H  N N 32  
ARG HD2  H  N N 33  
ARG HD3  H  N N 34  
ARG HE   H  N N 35  
ARG HH11 H  N N 36  
ARG HH12 H  N N 37  
ARG HH21 H  N N 38  
ARG HH22 H  N N 39  
ARG HXT  H  N N 40  
ASN N    N  N N 41  
ASN CA   C  N S 42  
ASN C    C  N N 43  
ASN O    O  N N 44  
ASN CB   C  N N 45  
ASN CG   C  N N 46  
ASN OD1  O  N N 47  
ASN ND2  N  N N 48  
ASN OXT  O  N N 49  
ASN H    H  N N 50  
ASN H2   H  N N 51  
ASN HA   H  N N 52  
ASN HB2  H  N N 53  
ASN HB3  H  N N 54  
ASN HD21 H  N N 55  
ASN HD22 H  N N 56  
ASN HXT  H  N N 57  
ASP N    N  N N 58  
ASP CA   C  N S 59  
ASP C    C  N N 60  
ASP O    O  N N 61  
ASP CB   C  N N 62  
ASP CG   C  N N 63  
ASP OD1  O  N N 64  
ASP OD2  O  N N 65  
ASP OXT  O  N N 66  
ASP H    H  N N 67  
ASP H2   H  N N 68  
ASP HA   H  N N 69  
ASP HB2  H  N N 70  
ASP HB3  H  N N 71  
ASP HD2  H  N N 72  
ASP HXT  H  N N 73  
CYN C    C  N N 74  
CYN N    N  N N 75  
FLC CAC  C  N N 76  
FLC CA   C  N N 77  
FLC CB   C  N N 78  
FLC CBC  C  N N 79  
FLC CG   C  N N 80  
FLC CGC  C  N N 81  
FLC OA1  O  N N 82  
FLC OA2  O  N N 83  
FLC OB1  O  N N 84  
FLC OB2  O  N N 85  
FLC OG1  O  N N 86  
FLC OG2  O  N N 87  
FLC OHB  O  N N 88  
FLC HA1  H  N N 89  
FLC HA2  H  N N 90  
FLC HG1  H  N N 91  
FLC HG2  H  N N 92  
FLC HOB  H  N N 93  
GLN N    N  N N 94  
GLN CA   C  N S 95  
GLN C    C  N N 96  
GLN O    O  N N 97  
GLN CB   C  N N 98  
GLN CG   C  N N 99  
GLN CD   C  N N 100 
GLN OE1  O  N N 101 
GLN NE2  N  N N 102 
GLN OXT  O  N N 103 
GLN H    H  N N 104 
GLN H2   H  N N 105 
GLN HA   H  N N 106 
GLN HB2  H  N N 107 
GLN HB3  H  N N 108 
GLN HG2  H  N N 109 
GLN HG3  H  N N 110 
GLN HE21 H  N N 111 
GLN HE22 H  N N 112 
GLN HXT  H  N N 113 
GLU N    N  N N 114 
GLU CA   C  N S 115 
GLU C    C  N N 116 
GLU O    O  N N 117 
GLU CB   C  N N 118 
GLU CG   C  N N 119 
GLU CD   C  N N 120 
GLU OE1  O  N N 121 
GLU OE2  O  N N 122 
GLU OXT  O  N N 123 
GLU H    H  N N 124 
GLU H2   H  N N 125 
GLU HA   H  N N 126 
GLU HB2  H  N N 127 
GLU HB3  H  N N 128 
GLU HG2  H  N N 129 
GLU HG3  H  N N 130 
GLU HE2  H  N N 131 
GLU HXT  H  N N 132 
GLY N    N  N N 133 
GLY CA   C  N N 134 
GLY C    C  N N 135 
GLY O    O  N N 136 
GLY OXT  O  N N 137 
GLY H    H  N N 138 
GLY H2   H  N N 139 
GLY HA2  H  N N 140 
GLY HA3  H  N N 141 
GLY HXT  H  N N 142 
HEM CHA  C  N N 143 
HEM CHB  C  N N 144 
HEM CHC  C  N N 145 
HEM CHD  C  N N 146 
HEM C1A  C  Y N 147 
HEM C2A  C  Y N 148 
HEM C3A  C  Y N 149 
HEM C4A  C  Y N 150 
HEM CMA  C  N N 151 
HEM CAA  C  N N 152 
HEM CBA  C  N N 153 
HEM CGA  C  N N 154 
HEM O1A  O  N N 155 
HEM O2A  O  N N 156 
HEM C1B  C  N N 157 
HEM C2B  C  N N 158 
HEM C3B  C  N N 159 
HEM C4B  C  N N 160 
HEM CMB  C  N N 161 
HEM CAB  C  N N 162 
HEM CBB  C  N N 163 
HEM C1C  C  Y N 164 
HEM C2C  C  Y N 165 
HEM C3C  C  Y N 166 
HEM C4C  C  Y N 167 
HEM CMC  C  N N 168 
HEM CAC  C  N N 169 
HEM CBC  C  N N 170 
HEM C1D  C  N N 171 
HEM C2D  C  N N 172 
HEM C3D  C  N N 173 
HEM C4D  C  N N 174 
HEM CMD  C  N N 175 
HEM CAD  C  N N 176 
HEM CBD  C  N N 177 
HEM CGD  C  N N 178 
HEM O1D  O  N N 179 
HEM O2D  O  N N 180 
HEM NA   N  Y N 181 
HEM NB   N  N N 182 
HEM NC   N  Y N 183 
HEM ND   N  N N 184 
HEM FE   FE N N 185 
HEM HHB  H  N N 186 
HEM HHC  H  N N 187 
HEM HHD  H  N N 188 
HEM HMA  H  N N 189 
HEM HMAA H  N N 190 
HEM HMAB H  N N 191 
HEM HAA  H  N N 192 
HEM HAAA H  N N 193 
HEM HBA  H  N N 194 
HEM HBAA H  N N 195 
HEM HMB  H  N N 196 
HEM HMBA H  N N 197 
HEM HMBB H  N N 198 
HEM HAB  H  N N 199 
HEM HBB  H  N N 200 
HEM HBBA H  N N 201 
HEM HMC  H  N N 202 
HEM HMCA H  N N 203 
HEM HMCB H  N N 204 
HEM HAC  H  N N 205 
HEM HBC  H  N N 206 
HEM HBCA H  N N 207 
HEM HMD  H  N N 208 
HEM HMDA H  N N 209 
HEM HMDB H  N N 210 
HEM HAD  H  N N 211 
HEM HADA H  N N 212 
HEM HBD  H  N N 213 
HEM HBDA H  N N 214 
HEM H2A  H  N N 215 
HEM H2D  H  N N 216 
HEM HHA  H  N N 217 
HIS N    N  N N 218 
HIS CA   C  N S 219 
HIS C    C  N N 220 
HIS O    O  N N 221 
HIS CB   C  N N 222 
HIS CG   C  Y N 223 
HIS ND1  N  Y N 224 
HIS CD2  C  Y N 225 
HIS CE1  C  Y N 226 
HIS NE2  N  Y N 227 
HIS OXT  O  N N 228 
HIS H    H  N N 229 
HIS H2   H  N N 230 
HIS HA   H  N N 231 
HIS HB2  H  N N 232 
HIS HB3  H  N N 233 
HIS HD1  H  N N 234 
HIS HD2  H  N N 235 
HIS HE1  H  N N 236 
HIS HE2  H  N N 237 
HIS HXT  H  N N 238 
HOH O    O  N N 239 
HOH H1   H  N N 240 
HOH H2   H  N N 241 
ILE N    N  N N 242 
ILE CA   C  N S 243 
ILE C    C  N N 244 
ILE O    O  N N 245 
ILE CB   C  N S 246 
ILE CG1  C  N N 247 
ILE CG2  C  N N 248 
ILE CD1  C  N N 249 
ILE OXT  O  N N 250 
ILE H    H  N N 251 
ILE H2   H  N N 252 
ILE HA   H  N N 253 
ILE HB   H  N N 254 
ILE HG12 H  N N 255 
ILE HG13 H  N N 256 
ILE HG21 H  N N 257 
ILE HG22 H  N N 258 
ILE HG23 H  N N 259 
ILE HD11 H  N N 260 
ILE HD12 H  N N 261 
ILE HD13 H  N N 262 
ILE HXT  H  N N 263 
LEU N    N  N N 264 
LEU CA   C  N S 265 
LEU C    C  N N 266 
LEU O    O  N N 267 
LEU CB   C  N N 268 
LEU CG   C  N N 269 
LEU CD1  C  N N 270 
LEU CD2  C  N N 271 
LEU OXT  O  N N 272 
LEU H    H  N N 273 
LEU H2   H  N N 274 
LEU HA   H  N N 275 
LEU HB2  H  N N 276 
LEU HB3  H  N N 277 
LEU HG   H  N N 278 
LEU HD11 H  N N 279 
LEU HD12 H  N N 280 
LEU HD13 H  N N 281 
LEU HD21 H  N N 282 
LEU HD22 H  N N 283 
LEU HD23 H  N N 284 
LEU HXT  H  N N 285 
LYS N    N  N N 286 
LYS CA   C  N S 287 
LYS C    C  N N 288 
LYS O    O  N N 289 
LYS CB   C  N N 290 
LYS CG   C  N N 291 
LYS CD   C  N N 292 
LYS CE   C  N N 293 
LYS NZ   N  N N 294 
LYS OXT  O  N N 295 
LYS H    H  N N 296 
LYS H2   H  N N 297 
LYS HA   H  N N 298 
LYS HB2  H  N N 299 
LYS HB3  H  N N 300 
LYS HG2  H  N N 301 
LYS HG3  H  N N 302 
LYS HD2  H  N N 303 
LYS HD3  H  N N 304 
LYS HE2  H  N N 305 
LYS HE3  H  N N 306 
LYS HZ1  H  N N 307 
LYS HZ2  H  N N 308 
LYS HZ3  H  N N 309 
LYS HXT  H  N N 310 
MET N    N  N N 311 
MET CA   C  N S 312 
MET C    C  N N 313 
MET O    O  N N 314 
MET CB   C  N N 315 
MET CG   C  N N 316 
MET SD   S  N N 317 
MET CE   C  N N 318 
MET OXT  O  N N 319 
MET H    H  N N 320 
MET H2   H  N N 321 
MET HA   H  N N 322 
MET HB2  H  N N 323 
MET HB3  H  N N 324 
MET HG2  H  N N 325 
MET HG3  H  N N 326 
MET HE1  H  N N 327 
MET HE2  H  N N 328 
MET HE3  H  N N 329 
MET HXT  H  N N 330 
PHE N    N  N N 331 
PHE CA   C  N S 332 
PHE C    C  N N 333 
PHE O    O  N N 334 
PHE CB   C  N N 335 
PHE CG   C  Y N 336 
PHE CD1  C  Y N 337 
PHE CD2  C  Y N 338 
PHE CE1  C  Y N 339 
PHE CE2  C  Y N 340 
PHE CZ   C  Y N 341 
PHE OXT  O  N N 342 
PHE H    H  N N 343 
PHE H2   H  N N 344 
PHE HA   H  N N 345 
PHE HB2  H  N N 346 
PHE HB3  H  N N 347 
PHE HD1  H  N N 348 
PHE HD2  H  N N 349 
PHE HE1  H  N N 350 
PHE HE2  H  N N 351 
PHE HZ   H  N N 352 
PHE HXT  H  N N 353 
PRO N    N  N N 354 
PRO CA   C  N S 355 
PRO C    C  N N 356 
PRO O    O  N N 357 
PRO CB   C  N N 358 
PRO CG   C  N N 359 
PRO CD   C  N N 360 
PRO OXT  O  N N 361 
PRO H    H  N N 362 
PRO HA   H  N N 363 
PRO HB2  H  N N 364 
PRO HB3  H  N N 365 
PRO HG2  H  N N 366 
PRO HG3  H  N N 367 
PRO HD2  H  N N 368 
PRO HD3  H  N N 369 
PRO HXT  H  N N 370 
SER N    N  N N 371 
SER CA   C  N S 372 
SER C    C  N N 373 
SER O    O  N N 374 
SER CB   C  N N 375 
SER OG   O  N N 376 
SER OXT  O  N N 377 
SER H    H  N N 378 
SER H2   H  N N 379 
SER HA   H  N N 380 
SER HB2  H  N N 381 
SER HB3  H  N N 382 
SER HG   H  N N 383 
SER HXT  H  N N 384 
THR N    N  N N 385 
THR CA   C  N S 386 
THR C    C  N N 387 
THR O    O  N N 388 
THR CB   C  N R 389 
THR OG1  O  N N 390 
THR CG2  C  N N 391 
THR OXT  O  N N 392 
THR H    H  N N 393 
THR H2   H  N N 394 
THR HA   H  N N 395 
THR HB   H  N N 396 
THR HG1  H  N N 397 
THR HG21 H  N N 398 
THR HG22 H  N N 399 
THR HG23 H  N N 400 
THR HXT  H  N N 401 
TYR N    N  N N 402 
TYR CA   C  N S 403 
TYR C    C  N N 404 
TYR O    O  N N 405 
TYR CB   C  N N 406 
TYR CG   C  Y N 407 
TYR CD1  C  Y N 408 
TYR CD2  C  Y N 409 
TYR CE1  C  Y N 410 
TYR CE2  C  Y N 411 
TYR CZ   C  Y N 412 
TYR OH   O  N N 413 
TYR OXT  O  N N 414 
TYR H    H  N N 415 
TYR H2   H  N N 416 
TYR HA   H  N N 417 
TYR HB2  H  N N 418 
TYR HB3  H  N N 419 
TYR HD1  H  N N 420 
TYR HD2  H  N N 421 
TYR HE1  H  N N 422 
TYR HE2  H  N N 423 
TYR HH   H  N N 424 
TYR HXT  H  N N 425 
VAL N    N  N N 426 
VAL CA   C  N S 427 
VAL C    C  N N 428 
VAL O    O  N N 429 
VAL CB   C  N N 430 
VAL CG1  C  N N 431 
VAL CG2  C  N N 432 
VAL OXT  O  N N 433 
VAL H    H  N N 434 
VAL H2   H  N N 435 
VAL HA   H  N N 436 
VAL HB   H  N N 437 
VAL HG11 H  N N 438 
VAL HG12 H  N N 439 
VAL HG13 H  N N 440 
VAL HG21 H  N N 441 
VAL HG22 H  N N 442 
VAL HG23 H  N N 443 
VAL HXT  H  N N 444 
# 
loop_
_chem_comp_bond.comp_id 
_chem_comp_bond.atom_id_1 
_chem_comp_bond.atom_id_2 
_chem_comp_bond.value_order 
_chem_comp_bond.pdbx_aromatic_flag 
_chem_comp_bond.pdbx_stereo_config 
_chem_comp_bond.pdbx_ordinal 
ALA N   CA   sing N N 1   
ALA N   H    sing N N 2   
ALA N   H2   sing N N 3   
ALA CA  C    sing N N 4   
ALA CA  CB   sing N N 5   
ALA CA  HA   sing N N 6   
ALA C   O    doub N N 7   
ALA C   OXT  sing N N 8   
ALA CB  HB1  sing N N 9   
ALA CB  HB2  sing N N 10  
ALA CB  HB3  sing N N 11  
ALA OXT HXT  sing N N 12  
ARG N   CA   sing N N 13  
ARG N   H    sing N N 14  
ARG N   H2   sing N N 15  
ARG CA  C    sing N N 16  
ARG CA  CB   sing N N 17  
ARG CA  HA   sing N N 18  
ARG C   O    doub N N 19  
ARG C   OXT  sing N N 20  
ARG CB  CG   sing N N 21  
ARG CB  HB2  sing N N 22  
ARG CB  HB3  sing N N 23  
ARG CG  CD   sing N N 24  
ARG CG  HG2  sing N N 25  
ARG CG  HG3  sing N N 26  
ARG CD  NE   sing N N 27  
ARG CD  HD2  sing N N 28  
ARG CD  HD3  sing N N 29  
ARG NE  CZ   sing N N 30  
ARG NE  HE   sing N N 31  
ARG CZ  NH1  sing N N 32  
ARG CZ  NH2  doub N N 33  
ARG NH1 HH11 sing N N 34  
ARG NH1 HH12 sing N N 35  
ARG NH2 HH21 sing N N 36  
ARG NH2 HH22 sing N N 37  
ARG OXT HXT  sing N N 38  
ASN N   CA   sing N N 39  
ASN N   H    sing N N 40  
ASN N   H2   sing N N 41  
ASN CA  C    sing N N 42  
ASN CA  CB   sing N N 43  
ASN CA  HA   sing N N 44  
ASN C   O    doub N N 45  
ASN C   OXT  sing N N 46  
ASN CB  CG   sing N N 47  
ASN CB  HB2  sing N N 48  
ASN CB  HB3  sing N N 49  
ASN CG  OD1  doub N N 50  
ASN CG  ND2  sing N N 51  
ASN ND2 HD21 sing N N 52  
ASN ND2 HD22 sing N N 53  
ASN OXT HXT  sing N N 54  
ASP N   CA   sing N N 55  
ASP N   H    sing N N 56  
ASP N   H2   sing N N 57  
ASP CA  C    sing N N 58  
ASP CA  CB   sing N N 59  
ASP CA  HA   sing N N 60  
ASP C   O    doub N N 61  
ASP C   OXT  sing N N 62  
ASP CB  CG   sing N N 63  
ASP CB  HB2  sing N N 64  
ASP CB  HB3  sing N N 65  
ASP CG  OD1  doub N N 66  
ASP CG  OD2  sing N N 67  
ASP OD2 HD2  sing N N 68  
ASP OXT HXT  sing N N 69  
CYN C   N    trip N N 70  
FLC CAC CA   sing N N 71  
FLC CAC OA1  doub N N 72  
FLC CAC OA2  sing N N 73  
FLC CA  CB   sing N N 74  
FLC CA  HA1  sing N N 75  
FLC CA  HA2  sing N N 76  
FLC CB  CBC  sing N N 77  
FLC CB  CG   sing N N 78  
FLC CB  OHB  sing N N 79  
FLC CBC OB1  doub N N 80  
FLC CBC OB2  sing N N 81  
FLC CG  CGC  sing N N 82  
FLC CG  HG1  sing N N 83  
FLC CG  HG2  sing N N 84  
FLC CGC OG1  doub N N 85  
FLC CGC OG2  sing N N 86  
FLC OHB HOB  sing N N 87  
GLN N   CA   sing N N 88  
GLN N   H    sing N N 89  
GLN N   H2   sing N N 90  
GLN CA  C    sing N N 91  
GLN CA  CB   sing N N 92  
GLN CA  HA   sing N N 93  
GLN C   O    doub N N 94  
GLN C   OXT  sing N N 95  
GLN CB  CG   sing N N 96  
GLN CB  HB2  sing N N 97  
GLN CB  HB3  sing N N 98  
GLN CG  CD   sing N N 99  
GLN CG  HG2  sing N N 100 
GLN CG  HG3  sing N N 101 
GLN CD  OE1  doub N N 102 
GLN CD  NE2  sing N N 103 
GLN NE2 HE21 sing N N 104 
GLN NE2 HE22 sing N N 105 
GLN OXT HXT  sing N N 106 
GLU N   CA   sing N N 107 
GLU N   H    sing N N 108 
GLU N   H2   sing N N 109 
GLU CA  C    sing N N 110 
GLU CA  CB   sing N N 111 
GLU CA  HA   sing N N 112 
GLU C   O    doub N N 113 
GLU C   OXT  sing N N 114 
GLU CB  CG   sing N N 115 
GLU CB  HB2  sing N N 116 
GLU CB  HB3  sing N N 117 
GLU CG  CD   sing N N 118 
GLU CG  HG2  sing N N 119 
GLU CG  HG3  sing N N 120 
GLU CD  OE1  doub N N 121 
GLU CD  OE2  sing N N 122 
GLU OE2 HE2  sing N N 123 
GLU OXT HXT  sing N N 124 
GLY N   CA   sing N N 125 
GLY N   H    sing N N 126 
GLY N   H2   sing N N 127 
GLY CA  C    sing N N 128 
GLY CA  HA2  sing N N 129 
GLY CA  HA3  sing N N 130 
GLY C   O    doub N N 131 
GLY C   OXT  sing N N 132 
GLY OXT HXT  sing N N 133 
HEM CHA C1A  sing N N 134 
HEM CHA C4D  doub N N 135 
HEM CHA HHA  sing N N 136 
HEM CHB C4A  sing N N 137 
HEM CHB C1B  doub N N 138 
HEM CHB HHB  sing N N 139 
HEM CHC C4B  sing N N 140 
HEM CHC C1C  doub N N 141 
HEM CHC HHC  sing N N 142 
HEM CHD C4C  doub N N 143 
HEM CHD C1D  sing N N 144 
HEM CHD HHD  sing N N 145 
HEM C1A C2A  doub Y N 146 
HEM C1A NA   sing Y N 147 
HEM C2A C3A  sing Y N 148 
HEM C2A CAA  sing N N 149 
HEM C3A C4A  doub Y N 150 
HEM C3A CMA  sing N N 151 
HEM C4A NA   sing Y N 152 
HEM CMA HMA  sing N N 153 
HEM CMA HMAA sing N N 154 
HEM CMA HMAB sing N N 155 
HEM CAA CBA  sing N N 156 
HEM CAA HAA  sing N N 157 
HEM CAA HAAA sing N N 158 
HEM CBA CGA  sing N N 159 
HEM CBA HBA  sing N N 160 
HEM CBA HBAA sing N N 161 
HEM CGA O1A  doub N N 162 
HEM CGA O2A  sing N N 163 
HEM C1B C2B  sing N N 164 
HEM C1B NB   sing N N 165 
HEM C2B C3B  doub N N 166 
HEM C2B CMB  sing N N 167 
HEM C3B C4B  sing N N 168 
HEM C3B CAB  sing N N 169 
HEM C4B NB   doub N N 170 
HEM CMB HMB  sing N N 171 
HEM CMB HMBA sing N N 172 
HEM CMB HMBB sing N N 173 
HEM CAB CBB  doub N N 174 
HEM CAB HAB  sing N N 175 
HEM CBB HBB  sing N N 176 
HEM CBB HBBA sing N N 177 
HEM C1C C2C  sing Y N 178 
HEM C1C NC   sing Y N 179 
HEM C2C C3C  doub Y N 180 
HEM C2C CMC  sing N N 181 
HEM C3C C4C  sing Y N 182 
HEM C3C CAC  sing N N 183 
HEM C4C NC   sing Y N 184 
HEM CMC HMC  sing N N 185 
HEM CMC HMCA sing N N 186 
HEM CMC HMCB sing N N 187 
HEM CAC CBC  doub N N 188 
HEM CAC HAC  sing N N 189 
HEM CBC HBC  sing N N 190 
HEM CBC HBCA sing N N 191 
HEM C1D C2D  sing N N 192 
HEM C1D ND   doub N N 193 
HEM C2D C3D  doub N N 194 
HEM C2D CMD  sing N N 195 
HEM C3D C4D  sing N N 196 
HEM C3D CAD  sing N N 197 
HEM C4D ND   sing N N 198 
HEM CMD HMD  sing N N 199 
HEM CMD HMDA sing N N 200 
HEM CMD HMDB sing N N 201 
HEM CAD CBD  sing N N 202 
HEM CAD HAD  sing N N 203 
HEM CAD HADA sing N N 204 
HEM CBD CGD  sing N N 205 
HEM CBD HBD  sing N N 206 
HEM CBD HBDA sing N N 207 
HEM CGD O1D  doub N N 208 
HEM CGD O2D  sing N N 209 
HEM O2A H2A  sing N N 210 
HEM O2D H2D  sing N N 211 
HEM FE  NA   sing N N 212 
HEM FE  NB   sing N N 213 
HEM FE  NC   sing N N 214 
HEM FE  ND   sing N N 215 
HIS N   CA   sing N N 216 
HIS N   H    sing N N 217 
HIS N   H2   sing N N 218 
HIS CA  C    sing N N 219 
HIS CA  CB   sing N N 220 
HIS CA  HA   sing N N 221 
HIS C   O    doub N N 222 
HIS C   OXT  sing N N 223 
HIS CB  CG   sing N N 224 
HIS CB  HB2  sing N N 225 
HIS CB  HB3  sing N N 226 
HIS CG  ND1  sing Y N 227 
HIS CG  CD2  doub Y N 228 
HIS ND1 CE1  doub Y N 229 
HIS ND1 HD1  sing N N 230 
HIS CD2 NE2  sing Y N 231 
HIS CD2 HD2  sing N N 232 
HIS CE1 NE2  sing Y N 233 
HIS CE1 HE1  sing N N 234 
HIS NE2 HE2  sing N N 235 
HIS OXT HXT  sing N N 236 
HOH O   H1   sing N N 237 
HOH O   H2   sing N N 238 
ILE N   CA   sing N N 239 
ILE N   H    sing N N 240 
ILE N   H2   sing N N 241 
ILE CA  C    sing N N 242 
ILE CA  CB   sing N N 243 
ILE CA  HA   sing N N 244 
ILE C   O    doub N N 245 
ILE C   OXT  sing N N 246 
ILE CB  CG1  sing N N 247 
ILE CB  CG2  sing N N 248 
ILE CB  HB   sing N N 249 
ILE CG1 CD1  sing N N 250 
ILE CG1 HG12 sing N N 251 
ILE CG1 HG13 sing N N 252 
ILE CG2 HG21 sing N N 253 
ILE CG2 HG22 sing N N 254 
ILE CG2 HG23 sing N N 255 
ILE CD1 HD11 sing N N 256 
ILE CD1 HD12 sing N N 257 
ILE CD1 HD13 sing N N 258 
ILE OXT HXT  sing N N 259 
LEU N   CA   sing N N 260 
LEU N   H    sing N N 261 
LEU N   H2   sing N N 262 
LEU CA  C    sing N N 263 
LEU CA  CB   sing N N 264 
LEU CA  HA   sing N N 265 
LEU C   O    doub N N 266 
LEU C   OXT  sing N N 267 
LEU CB  CG   sing N N 268 
LEU CB  HB2  sing N N 269 
LEU CB  HB3  sing N N 270 
LEU CG  CD1  sing N N 271 
LEU CG  CD2  sing N N 272 
LEU CG  HG   sing N N 273 
LEU CD1 HD11 sing N N 274 
LEU CD1 HD12 sing N N 275 
LEU CD1 HD13 sing N N 276 
LEU CD2 HD21 sing N N 277 
LEU CD2 HD22 sing N N 278 
LEU CD2 HD23 sing N N 279 
LEU OXT HXT  sing N N 280 
LYS N   CA   sing N N 281 
LYS N   H    sing N N 282 
LYS N   H2   sing N N 283 
LYS CA  C    sing N N 284 
LYS CA  CB   sing N N 285 
LYS CA  HA   sing N N 286 
LYS C   O    doub N N 287 
LYS C   OXT  sing N N 288 
LYS CB  CG   sing N N 289 
LYS CB  HB2  sing N N 290 
LYS CB  HB3  sing N N 291 
LYS CG  CD   sing N N 292 
LYS CG  HG2  sing N N 293 
LYS CG  HG3  sing N N 294 
LYS CD  CE   sing N N 295 
LYS CD  HD2  sing N N 296 
LYS CD  HD3  sing N N 297 
LYS CE  NZ   sing N N 298 
LYS CE  HE2  sing N N 299 
LYS CE  HE3  sing N N 300 
LYS NZ  HZ1  sing N N 301 
LYS NZ  HZ2  sing N N 302 
LYS NZ  HZ3  sing N N 303 
LYS OXT HXT  sing N N 304 
MET N   CA   sing N N 305 
MET N   H    sing N N 306 
MET N   H2   sing N N 307 
MET CA  C    sing N N 308 
MET CA  CB   sing N N 309 
MET CA  HA   sing N N 310 
MET C   O    doub N N 311 
MET C   OXT  sing N N 312 
MET CB  CG   sing N N 313 
MET CB  HB2  sing N N 314 
MET CB  HB3  sing N N 315 
MET CG  SD   sing N N 316 
MET CG  HG2  sing N N 317 
MET CG  HG3  sing N N 318 
MET SD  CE   sing N N 319 
MET CE  HE1  sing N N 320 
MET CE  HE2  sing N N 321 
MET CE  HE3  sing N N 322 
MET OXT HXT  sing N N 323 
PHE N   CA   sing N N 324 
PHE N   H    sing N N 325 
PHE N   H2   sing N N 326 
PHE CA  C    sing N N 327 
PHE CA  CB   sing N N 328 
PHE CA  HA   sing N N 329 
PHE C   O    doub N N 330 
PHE C   OXT  sing N N 331 
PHE CB  CG   sing N N 332 
PHE CB  HB2  sing N N 333 
PHE CB  HB3  sing N N 334 
PHE CG  CD1  doub Y N 335 
PHE CG  CD2  sing Y N 336 
PHE CD1 CE1  sing Y N 337 
PHE CD1 HD1  sing N N 338 
PHE CD2 CE2  doub Y N 339 
PHE CD2 HD2  sing N N 340 
PHE CE1 CZ   doub Y N 341 
PHE CE1 HE1  sing N N 342 
PHE CE2 CZ   sing Y N 343 
PHE CE2 HE2  sing N N 344 
PHE CZ  HZ   sing N N 345 
PHE OXT HXT  sing N N 346 
PRO N   CA   sing N N 347 
PRO N   CD   sing N N 348 
PRO N   H    sing N N 349 
PRO CA  C    sing N N 350 
PRO CA  CB   sing N N 351 
PRO CA  HA   sing N N 352 
PRO C   O    doub N N 353 
PRO C   OXT  sing N N 354 
PRO CB  CG   sing N N 355 
PRO CB  HB2  sing N N 356 
PRO CB  HB3  sing N N 357 
PRO CG  CD   sing N N 358 
PRO CG  HG2  sing N N 359 
PRO CG  HG3  sing N N 360 
PRO CD  HD2  sing N N 361 
PRO CD  HD3  sing N N 362 
PRO OXT HXT  sing N N 363 
SER N   CA   sing N N 364 
SER N   H    sing N N 365 
SER N   H2   sing N N 366 
SER CA  C    sing N N 367 
SER CA  CB   sing N N 368 
SER CA  HA   sing N N 369 
SER C   O    doub N N 370 
SER C   OXT  sing N N 371 
SER CB  OG   sing N N 372 
SER CB  HB2  sing N N 373 
SER CB  HB3  sing N N 374 
SER OG  HG   sing N N 375 
SER OXT HXT  sing N N 376 
THR N   CA   sing N N 377 
THR N   H    sing N N 378 
THR N   H2   sing N N 379 
THR CA  C    sing N N 380 
THR CA  CB   sing N N 381 
THR CA  HA   sing N N 382 
THR C   O    doub N N 383 
THR C   OXT  sing N N 384 
THR CB  OG1  sing N N 385 
THR CB  CG2  sing N N 386 
THR CB  HB   sing N N 387 
THR OG1 HG1  sing N N 388 
THR CG2 HG21 sing N N 389 
THR CG2 HG22 sing N N 390 
THR CG2 HG23 sing N N 391 
THR OXT HXT  sing N N 392 
TYR N   CA   sing N N 393 
TYR N   H    sing N N 394 
TYR N   H2   sing N N 395 
TYR CA  C    sing N N 396 
TYR CA  CB   sing N N 397 
TYR CA  HA   sing N N 398 
TYR C   O    doub N N 399 
TYR C   OXT  sing N N 400 
TYR CB  CG   sing N N 401 
TYR CB  HB2  sing N N 402 
TYR CB  HB3  sing N N 403 
TYR CG  CD1  doub Y N 404 
TYR CG  CD2  sing Y N 405 
TYR CD1 CE1  sing Y N 406 
TYR CD1 HD1  sing N N 407 
TYR CD2 CE2  doub Y N 408 
TYR CD2 HD2  sing N N 409 
TYR CE1 CZ   doub Y N 410 
TYR CE1 HE1  sing N N 411 
TYR CE2 CZ   sing Y N 412 
TYR CE2 HE2  sing N N 413 
TYR CZ  OH   sing N N 414 
TYR OH  HH   sing N N 415 
TYR OXT HXT  sing N N 416 
VAL N   CA   sing N N 417 
VAL N   H    sing N N 418 
VAL N   H2   sing N N 419 
VAL CA  C    sing N N 420 
VAL CA  CB   sing N N 421 
VAL CA  HA   sing N N 422 
VAL C   O    doub N N 423 
VAL C   OXT  sing N N 424 
VAL CB  CG1  sing N N 425 
VAL CB  CG2  sing N N 426 
VAL CB  HB   sing N N 427 
VAL CG1 HG11 sing N N 428 
VAL CG1 HG12 sing N N 429 
VAL CG1 HG13 sing N N 430 
VAL CG2 HG21 sing N N 431 
VAL CG2 HG22 sing N N 432 
VAL CG2 HG23 sing N N 433 
VAL OXT HXT  sing N N 434 
# 
_pdbx_initial_refinement_model.id               1 
_pdbx_initial_refinement_model.entity_id_list   ? 
_pdbx_initial_refinement_model.type             'experimental model' 
_pdbx_initial_refinement_model.source_name      PDB 
_pdbx_initial_refinement_model.accession_code   1DLY 
_pdbx_initial_refinement_model.details          'PDB entry 1dly' 
# 
_atom_sites.entry_id                    1S69 
_atom_sites.fract_transf_matrix[1][1]   0.00868025 
_atom_sites.fract_transf_matrix[1][2]   0.00676343 
_atom_sites.fract_transf_matrix[1][3]   -0.00451930 
_atom_sites.fract_transf_matrix[2][1]   -0.00257923 
_atom_sites.fract_transf_matrix[2][2]   -0.00397970 
_atom_sites.fract_transf_matrix[2][3]   -0.01090983 
_atom_sites.fract_transf_matrix[3][1]   -0.01003564 
_atom_sites.fract_transf_matrix[3][2]   0.01163034 
_atom_sites.fract_transf_matrix[3][3]   -0.00186998 
_atom_sites.fract_transf_vector[1]      0.002935 
_atom_sites.fract_transf_vector[2]      0.315992 
_atom_sites.fract_transf_vector[3]      0.001233 
# 
loop_
_atom_type.symbol 
C  
FE 
N  
O  
S  
# 
loop_
_atom_site.group_PDB 
_atom_site.id 
_atom_site.type_symbol 
_atom_site.label_atom_id 
_atom_site.label_alt_id 
_atom_site.label_comp_id 
_atom_site.label_asym_id 
_atom_site.label_entity_id 
_atom_site.label_seq_id 
_atom_site.pdbx_PDB_ins_code 
_atom_site.Cartn_x 
_atom_site.Cartn_y 
_atom_site.Cartn_z 
_atom_site.occupancy 
_atom_site.B_iso_or_equiv 
_atom_site.pdbx_formal_charge 
_atom_site.auth_seq_id 
_atom_site.auth_comp_id 
_atom_site.auth_asym_id 
_atom_site.auth_atom_id 
_atom_site.pdbx_PDB_model_num 
ATOM   1    N  N   . SER A 1 2   ? -18.622 -2.105  -12.011 1.00 23.91 ? 2   SER A N   1 
ATOM   2    C  CA  . SER A 1 2   ? -18.262 -2.207  -10.565 1.00 26.04 ? 2   SER A CA  1 
ATOM   3    C  C   . SER A 1 2   ? -16.806 -1.777  -10.438 1.00 25.68 ? 2   SER A C   1 
ATOM   4    O  O   . SER A 1 2   ? -15.994 -1.994  -11.361 1.00 24.70 ? 2   SER A O   1 
ATOM   5    C  CB  . SER A 1 2   ? -18.522 -3.624  -10.007 1.00 25.21 ? 2   SER A CB  1 
ATOM   6    O  OG  . SER A 1 2   ? -17.823 -4.615  -10.722 1.00 28.88 ? 2   SER A OG  1 
ATOM   7    N  N   . THR A 1 3   ? -16.490 -1.061  -9.375  1.00 24.84 ? 3   THR A N   1 
ATOM   8    C  CA  . THR A 1 3   ? -15.065 -0.695  -9.129  1.00 24.23 ? 3   THR A CA  1 
ATOM   9    C  C   . THR A 1 3   ? -14.257 -1.872  -8.570  1.00 22.68 ? 3   THR A C   1 
ATOM   10   O  O   . THR A 1 3   ? -14.814 -2.839  -8.051  1.00 23.17 ? 3   THR A O   1 
ATOM   11   C  CB  . THR A 1 3   ? -14.944 0.475   -8.154  1.00 22.81 ? 3   THR A CB  1 
ATOM   12   O  OG1 . THR A 1 3   ? -15.543 0.082   -6.929  1.00 22.24 ? 3   THR A OG1 1 
ATOM   13   C  CG2 . THR A 1 3   ? -15.734 1.681   -8.630  1.00 22.55 ? 3   THR A CG2 1 
ATOM   14   N  N   . LEU A 1 4   ? -12.922 -1.761  -8.643  1.00 23.65 ? 4   LEU A N   1 
ATOM   15   C  CA  . LEU A 1 4   ? -12.037 -2.702  -7.957  1.00 23.71 ? 4   LEU A CA  1 
ATOM   16   C  C   . LEU A 1 4   ? -12.376 -2.780  -6.470  1.00 22.39 ? 4   LEU A C   1 
ATOM   17   O  O   . LEU A 1 4   ? -12.458 -3.856  -5.904  1.00 24.55 ? 4   LEU A O   1 
ATOM   18   C  CB  . LEU A 1 4   ? -10.569 -2.277  -8.163  1.00 23.23 ? 4   LEU A CB  1 
ATOM   19   C  CG  . LEU A 1 4   ? -9.454  -3.156  -7.582  1.00 23.84 ? 4   LEU A CG  1 
ATOM   20   C  CD1 . LEU A 1 4   ? -9.611  -4.588  -8.015  1.00 24.24 ? 4   LEU A CD1 1 
ATOM   21   C  CD2 . LEU A 1 4   ? -8.108  -2.581  -8.069  1.00 23.90 ? 4   LEU A CD2 1 
ATOM   22   N  N   . TYR A 1 5   ? -12.542 -1.621  -5.841  1.00 23.47 ? 5   TYR A N   1 
ATOM   23   C  CA  . TYR A 1 5   ? -12.984 -1.563  -4.464  1.00 23.88 ? 5   TYR A CA  1 
ATOM   24   C  C   . TYR A 1 5   ? -14.186 -2.461  -4.221  1.00 23.74 ? 5   TYR A C   1 
ATOM   25   O  O   . TYR A 1 5   ? -14.143 -3.331  -3.368  1.00 23.41 ? 5   TYR A O   1 
ATOM   26   C  CB  . TYR A 1 5   ? -13.315 -0.117  -4.133  1.00 25.08 ? 5   TYR A CB  1 
ATOM   27   C  CG  . TYR A 1 5   ? -13.732 0.153   -2.699  1.00 28.30 ? 5   TYR A CG  1 
ATOM   28   C  CD1 . TYR A 1 5   ? -12.834 -0.026  -1.639  1.00 29.30 ? 5   TYR A CD1 1 
ATOM   29   C  CD2 . TYR A 1 5   ? -15.029 0.605   -2.415  1.00 32.17 ? 5   TYR A CD2 1 
ATOM   30   C  CE1 . TYR A 1 5   ? -13.202 0.226   -0.354  1.00 31.11 ? 5   TYR A CE1 1 
ATOM   31   C  CE2 . TYR A 1 5   ? -15.409 0.898   -1.129  1.00 32.26 ? 5   TYR A CE2 1 
ATOM   32   C  CZ  . TYR A 1 5   ? -14.486 0.725   -0.099  1.00 33.13 ? 5   TYR A CZ  1 
ATOM   33   O  OH  . TYR A 1 5   ? -14.846 1.010   1.195   1.00 33.35 ? 5   TYR A OH  1 
ATOM   34   N  N   . GLU A 1 6   ? -15.251 -2.269  -4.999  1.00 23.67 ? 6   GLU A N   1 
ATOM   35   C  CA  . GLU A 1 6   ? -16.432 -3.126  -4.884  1.00 24.67 ? 6   GLU A CA  1 
ATOM   36   C  C   . GLU A 1 6   ? -16.127 -4.642  -5.131  1.00 23.48 ? 6   GLU A C   1 
ATOM   37   O  O   . GLU A 1 6   ? -16.550 -5.504  -4.370  1.00 22.91 ? 6   GLU A O   1 
ATOM   38   C  CB  . GLU A 1 6   ? -17.514 -2.625  -5.847  1.00 24.23 ? 6   GLU A CB  1 
ATOM   39   C  CG  . GLU A 1 6   ? -18.247 -1.470  -5.236  1.00 29.96 ? 6   GLU A CG  1 
ATOM   40   C  CD  . GLU A 1 6   ? -18.950 -0.581  -6.227  1.00 32.56 ? 6   GLU A CD  1 
ATOM   41   O  OE1 . GLU A 1 6   ? -18.759 -0.647  -7.507  1.00 34.40 ? 6   GLU A OE1 1 
ATOM   42   O  OE2 . GLU A 1 6   ? -19.728 0.245   -5.674  1.00 36.80 ? 6   GLU A OE2 1 
ATOM   43   N  N   . LYS A 1 7   ? -15.364 -4.944  -6.166  1.00 23.69 ? 7   LYS A N   1 
ATOM   44   C  CA  . LYS A 1 7   ? -15.104 -6.336  -6.503  1.00 25.65 ? 7   LYS A CA  1 
ATOM   45   C  C   . LYS A 1 7   ? -14.360 -7.104  -5.420  1.00 25.39 ? 7   LYS A C   1 
ATOM   46   O  O   . LYS A 1 7   ? -14.547 -8.311  -5.243  1.00 24.32 ? 7   LYS A O   1 
ATOM   47   C  CB  . LYS A 1 7   ? -14.327 -6.399  -7.816  1.00 24.45 ? 7   LYS A CB  1 
ATOM   48   C  CG  . LYS A 1 7   ? -15.154 -5.972  -9.012  1.00 25.62 ? 7   LYS A CG  1 
ATOM   49   C  CD  . LYS A 1 7   ? -14.262 -6.027  -10.201 1.00 28.26 ? 7   LYS A CD  1 
ATOM   50   C  CE  . LYS A 1 7   ? -14.954 -5.546  -11.429 1.00 32.31 ? 7   LYS A CE  1 
ATOM   51   N  NZ  . LYS A 1 7   ? -13.891 -5.335  -12.415 1.00 37.62 ? 7   LYS A NZ  1 
ATOM   52   N  N   . LEU A 1 8   ? -13.478 -6.360  -4.729  1.00 26.38 ? 8   LEU A N   1 
ATOM   53   C  CA  . LEU A 1 8   ? -12.661 -6.893  -3.647  1.00 26.23 ? 8   LEU A CA  1 
ATOM   54   C  C   . LEU A 1 8   ? -13.506 -7.152  -2.430  1.00 26.90 ? 8   LEU A C   1 
ATOM   55   O  O   . LEU A 1 8   ? -13.156 -7.984  -1.635  1.00 28.55 ? 8   LEU A O   1 
ATOM   56   C  CB  . LEU A 1 8   ? -11.597 -5.850  -3.304  1.00 27.06 ? 8   LEU A CB  1 
ATOM   57   C  CG  . LEU A 1 8   ? -10.408 -5.819  -4.277  1.00 24.30 ? 8   LEU A CG  1 
ATOM   58   C  CD1 . LEU A 1 8   ? -9.492  -4.582  -4.010  1.00 26.80 ? 8   LEU A CD1 1 
ATOM   59   C  CD2 . LEU A 1 8   ? -9.616  -7.171  -4.160  1.00 25.01 ? 8   LEU A CD2 1 
ATOM   60   N  N   . GLY A 1 9   ? -14.597 -6.405  -2.261  1.00 25.90 ? 9   GLY A N   1 
ATOM   61   C  CA  . GLY A 1 9   ? -15.445 -6.601  -1.110  1.00 26.32 ? 9   GLY A CA  1 
ATOM   62   C  C   . GLY A 1 9   ? -15.599 -5.345  -0.292  1.00 26.76 ? 9   GLY A C   1 
ATOM   63   O  O   . GLY A 1 9   ? -16.070 -5.397  0.843   1.00 27.38 ? 9   GLY A O   1 
ATOM   64   N  N   . GLY A 1 10  ? -15.223 -4.209  -0.847  1.00 26.17 ? 10  GLY A N   1 
ATOM   65   C  CA  . GLY A 1 10  ? -15.552 -2.934  -0.213  1.00 27.53 ? 10  GLY A CA  1 
ATOM   66   C  C   . GLY A 1 10  ? -14.782 -2.669  1.091   1.00 28.32 ? 10  GLY A C   1 
ATOM   67   O  O   . GLY A 1 10  ? -13.694 -3.265  1.282   1.00 26.41 ? 10  GLY A O   1 
ATOM   68   N  N   . THR A 1 11  ? -15.369 -1.826  1.980   1.00 28.36 ? 11  THR A N   1 
ATOM   69   C  CA  . THR A 1 11  ? -14.748 -1.431  3.267   1.00 30.09 ? 11  THR A CA  1 
ATOM   70   C  C   . THR A 1 11  ? -14.155 -2.561  4.048   1.00 30.83 ? 11  THR A C   1 
ATOM   71   O  O   . THR A 1 11  ? -12.996 -2.486  4.469   1.00 30.23 ? 11  THR A O   1 
ATOM   72   C  CB  . THR A 1 11  ? -15.719 -0.734  4.221   1.00 30.49 ? 11  THR A CB  1 
ATOM   73   O  OG1 . THR A 1 11  ? -16.323 0.323   3.525   1.00 34.82 ? 11  THR A OG1 1 
ATOM   74   C  CG2 . THR A 1 11  ? -14.961 0.049   5.268   1.00 30.58 ? 11  THR A CG2 1 
ATOM   75   N  N   . THR A 1 12  ? -14.946 -3.602  4.296   1.00 31.66 ? 12  THR A N   1 
ATOM   76   C  CA  . THR A 1 12  ? -14.480 -4.620  5.232   1.00 31.89 ? 12  THR A CA  1 
ATOM   77   C  C   . THR A 1 12  ? -13.345 -5.426  4.623   1.00 30.45 ? 12  THR A C   1 
ATOM   78   O  O   . THR A 1 12  ? -12.441 -5.814  5.357   1.00 29.96 ? 12  THR A O   1 
ATOM   79   C  CB  . THR A 1 12  ? -15.596 -5.540  5.728   1.00 33.53 ? 12  THR A CB  1 
ATOM   80   O  OG1 . THR A 1 12  ? -15.959 -6.355  4.630   1.00 38.23 ? 12  THR A OG1 1 
ATOM   81   C  CG2 . THR A 1 12  ? -16.887 -4.765  6.022   1.00 30.43 ? 12  THR A CG2 1 
ATOM   82   N  N   . ALA A 1 13  ? -13.369 -5.664  3.310   1.00 29.40 ? 13  ALA A N   1 
ATOM   83   C  CA  . ALA A 1 13  ? -12.209 -6.268  2.628   1.00 27.58 ? 13  ALA A CA  1 
ATOM   84   C  C   . ALA A 1 13  ? -10.912 -5.394  2.687   1.00 27.21 ? 13  ALA A C   1 
ATOM   85   O  O   . ALA A 1 13  ? -9.851  -5.911  3.003   1.00 26.23 ? 13  ALA A O   1 
ATOM   86   C  CB  . ALA A 1 13  ? -12.529 -6.659  1.196   1.00 27.71 ? 13  ALA A CB  1 
ATOM   87   N  N   . VAL A 1 14  ? -10.993 -4.102  2.354   1.00 27.88 ? 14  VAL A N   1 
ATOM   88   C  CA  . VAL A 1 14  ? -9.852  -3.195  2.461   1.00 27.45 ? 14  VAL A CA  1 
ATOM   89   C  C   . VAL A 1 14  ? -9.352  -3.104  3.911   1.00 27.72 ? 14  VAL A C   1 
ATOM   90   O  O   . VAL A 1 14  ? -8.146  -3.120  4.149   1.00 25.76 ? 14  VAL A O   1 
ATOM   91   C  CB  . VAL A 1 14  ? -10.164 -1.753  1.876   1.00 28.06 ? 14  VAL A CB  1 
ATOM   92   C  CG1 . VAL A 1 14  ? -9.039  -0.719  2.201   1.00 26.57 ? 14  VAL A CG1 1 
ATOM   93   C  CG2 . VAL A 1 14  ? -10.437 -1.813  0.418   1.00 25.80 ? 14  VAL A CG2 1 
ATOM   94   N  N   . ASP A 1 15  ? -10.275 -3.069  4.884   1.00 27.12 ? 15  ASP A N   1 
ATOM   95   C  CA  . ASP A 1 15  ? -9.910  -2.896  6.309   1.00 28.06 ? 15  ASP A CA  1 
ATOM   96   C  C   . ASP A 1 15  ? -9.084  -4.053  6.752   1.00 27.22 ? 15  ASP A C   1 
ATOM   97   O  O   . ASP A 1 15  ? -8.029  -3.888  7.379   1.00 26.71 ? 15  ASP A O   1 
ATOM   98   C  CB  . ASP A 1 15  ? -11.180 -2.769  7.192   1.00 28.29 ? 15  ASP A CB  1 
ATOM   99   C  CG  . ASP A 1 15  ? -10.861 -2.757  8.723   1.00 36.03 ? 15  ASP A CG  1 
ATOM   100  O  OD1 . ASP A 1 15  ? -10.651 -1.629  9.296   1.00 40.23 ? 15  ASP A OD1 1 
ATOM   101  O  OD2 . ASP A 1 15  ? -10.831 -3.812  9.437   1.00 40.58 ? 15  ASP A OD2 1 
ATOM   102  N  N   . LEU A 1 16  ? -9.557  -5.240  6.390   1.00 27.92 ? 16  LEU A N   1 
ATOM   103  C  CA  . LEU A 1 16  ? -8.860  -6.509  6.677   1.00 28.69 ? 16  LEU A CA  1 
ATOM   104  C  C   . LEU A 1 16  ? -7.532  -6.624  5.935   1.00 27.91 ? 16  LEU A C   1 
ATOM   105  O  O   . LEU A 1 16  ? -6.530  -7.042  6.512   1.00 28.68 ? 16  LEU A O   1 
ATOM   106  C  CB  . LEU A 1 16  ? -9.722  -7.683  6.252   1.00 29.96 ? 16  LEU A CB  1 
ATOM   107  C  CG  . LEU A 1 16  ? -9.530  -9.031  6.948   1.00 35.61 ? 16  LEU A CG  1 
ATOM   108  C  CD1 . LEU A 1 16  ? -9.051  -10.106 5.983   1.00 41.59 ? 16  LEU A CD1 1 
ATOM   109  C  CD2 . LEU A 1 16  ? -8.687  -9.012  8.260   1.00 40.36 ? 16  LEU A CD2 1 
ATOM   110  N  N   . ALA A 1 17  ? -7.534  -6.304  4.642   1.00 25.65 ? 17  ALA A N   1 
ATOM   111  C  CA  . ALA A 1 17  ? -6.294  -6.343  3.857   1.00 24.49 ? 17  ALA A CA  1 
ATOM   112  C  C   . ALA A 1 17  ? -5.214  -5.448  4.453   1.00 22.72 ? 17  ALA A C   1 
ATOM   113  O  O   . ALA A 1 17  ? -4.076  -5.832  4.536   1.00 24.01 ? 17  ALA A O   1 
ATOM   114  C  CB  . ALA A 1 17  ? -6.556  -5.940  2.417   1.00 24.05 ? 17  ALA A CB  1 
ATOM   115  N  N   . VAL A 1 18  ? -5.563  -4.230  4.798   1.00 22.91 ? 18  VAL A N   1 
ATOM   116  C  CA  . VAL A 1 18  ? -4.598  -3.280  5.345   1.00 23.14 ? 18  VAL A CA  1 
ATOM   117  C  C   . VAL A 1 18  ? -4.008  -3.770  6.691   1.00 24.41 ? 18  VAL A C   1 
ATOM   118  O  O   . VAL A 1 18  ? -2.812  -3.671  6.949   1.00 23.00 ? 18  VAL A O   1 
ATOM   119  C  CB  . VAL A 1 18  ? -5.203  -1.846  5.465   1.00 23.00 ? 18  VAL A CB  1 
ATOM   120  C  CG1 . VAL A 1 18  ? -4.284  -0.914  6.288   1.00 21.20 ? 18  VAL A CG1 1 
ATOM   121  C  CG2 . VAL A 1 18  ? -5.341  -1.205  4.026   1.00 22.63 ? 18  VAL A CG2 1 
ATOM   122  N  N   . ASP A 1 19  ? -4.863  -4.316  7.530   1.00 24.72 ? 19  ASP A N   1 
ATOM   123  C  CA  . ASP A 1 19  ? -4.414  -4.800  8.829   1.00 25.66 ? 19  ASP A CA  1 
ATOM   124  C  C   . ASP A 1 19  ? -3.419  -5.930  8.682   1.00 25.07 ? 19  ASP A C   1 
ATOM   125  O  O   . ASP A 1 19  ? -2.333  -5.927  9.306   1.00 24.06 ? 19  ASP A O   1 
ATOM   126  C  CB  . ASP A 1 19  ? -5.582  -5.309  9.654   1.00 25.23 ? 19  ASP A CB  1 
ATOM   127  C  CG  . ASP A 1 19  ? -6.407  -4.203  10.227  1.00 25.90 ? 19  ASP A CG  1 
ATOM   128  O  OD1 . ASP A 1 19  ? -6.071  -3.003  10.201  1.00 29.94 ? 19  ASP A OD1 1 
ATOM   129  O  OD2 . ASP A 1 19  ? -7.488  -4.474  10.775  1.00 32.63 ? 19  ASP A OD2 1 
ATOM   130  N  N   . LYS A 1 20  ? -3.800  -6.871  7.836   1.00 24.15 ? 20  LYS A N   1 
ATOM   131  C  CA  . LYS A 1 20  ? -3.008  -8.025  7.527   1.00 24.76 ? 20  LYS A CA  1 
ATOM   132  C  C   . LYS A 1 20  ? -1.717  -7.667  6.803   1.00 22.79 ? 20  LYS A C   1 
ATOM   133  O  O   . LYS A 1 20  ? -0.656  -8.254  7.042   1.00 23.57 ? 20  LYS A O   1 
ATOM   134  C  CB  . LYS A 1 20  ? -3.822  -8.995  6.623   1.00 26.00 ? 20  LYS A CB  1 
ATOM   135  C  CG  . LYS A 1 20  ? -4.928  -9.903  7.269   1.00 32.60 ? 20  LYS A CG  1 
ATOM   136  C  CD  . LYS A 1 20  ? -4.536  -10.349 8.646   1.00 44.88 ? 20  LYS A CD  1 
ATOM   137  C  CE  . LYS A 1 20  ? -4.943  -11.839 8.956   1.00 51.28 ? 20  LYS A CE  1 
ATOM   138  N  NZ  . LYS A 1 20  ? -4.738  -12.118 10.450  1.00 53.80 ? 20  LYS A NZ  1 
ATOM   139  N  N   . PHE A 1 21  ? -1.808  -6.703  5.904   1.00 22.29 ? 21  PHE A N   1 
ATOM   140  C  CA  . PHE A 1 21  ? -0.637  -6.234  5.151   1.00 22.40 ? 21  PHE A CA  1 
ATOM   141  C  C   . PHE A 1 21  ? 0.452   -5.700  6.133   1.00 21.85 ? 21  PHE A C   1 
ATOM   142  O  O   . PHE A 1 21  ? 1.606   -6.068  6.009   1.00 21.99 ? 21  PHE A O   1 
ATOM   143  C  CB  . PHE A 1 21  ? -1.103  -5.195  4.102   1.00 23.07 ? 21  PHE A CB  1 
ATOM   144  C  CG  . PHE A 1 21  ? -0.006  -4.347  3.531   1.00 24.35 ? 21  PHE A CG  1 
ATOM   145  C  CD1 . PHE A 1 21  ? 0.987   -4.906  2.689   1.00 22.31 ? 21  PHE A CD1 1 
ATOM   146  C  CD2 . PHE A 1 21  ? 0.031   -2.982  3.822   1.00 22.42 ? 21  PHE A CD2 1 
ATOM   147  C  CE1 . PHE A 1 21  ? 1.999   -4.094  2.132   1.00 21.29 ? 21  PHE A CE1 1 
ATOM   148  C  CE2 . PHE A 1 21  ? 1.054   -2.186  3.314   1.00 20.57 ? 21  PHE A CE2 1 
ATOM   149  C  CZ  . PHE A 1 21  ? 2.026   -2.724  2.470   1.00 21.00 ? 21  PHE A CZ  1 
ATOM   150  N  N   . TYR A 1 22  ? 0.077   -4.843  7.091   1.00 22.22 ? 22  TYR A N   1 
ATOM   151  C  CA  . TYR A 1 22  ? 1.020   -4.311  8.041   1.00 22.07 ? 22  TYR A CA  1 
ATOM   152  C  C   . TYR A 1 22  ? 1.557   -5.356  8.984   1.00 24.18 ? 22  TYR A C   1 
ATOM   153  O  O   . TYR A 1 22  ? 2.738   -5.311  9.355   1.00 24.46 ? 22  TYR A O   1 
ATOM   154  C  CB  . TYR A 1 22  ? 0.488   -3.078  8.756   1.00 22.69 ? 22  TYR A CB  1 
ATOM   155  C  CG  . TYR A 1 22  ? 0.531   -1.866  7.817   1.00 22.84 ? 22  TYR A CG  1 
ATOM   156  C  CD1 . TYR A 1 22  ? 1.771   -1.437  7.263   1.00 24.04 ? 22  TYR A CD1 1 
ATOM   157  C  CD2 . TYR A 1 22  ? -0.668  -1.225  7.378   1.00 21.86 ? 22  TYR A CD2 1 
ATOM   158  C  CE1 . TYR A 1 22  ? 1.832   -0.376  6.351   1.00 22.09 ? 22  TYR A CE1 1 
ATOM   159  C  CE2 . TYR A 1 22  ? -0.609  -0.151  6.461   1.00 21.21 ? 22  TYR A CE2 1 
ATOM   160  C  CZ  . TYR A 1 22  ? 0.648   0.245   5.943   1.00 20.76 ? 22  TYR A CZ  1 
ATOM   161  O  OH  . TYR A 1 22  ? 0.757   1.276   5.038   1.00 20.30 ? 22  TYR A OH  1 
ATOM   162  N  N   . GLU A 1 23  ? 0.729   -6.346  9.336   1.00 24.13 ? 23  GLU A N   1 
ATOM   163  C  CA  . GLU A 1 23  ? 1.270   -7.506  10.036  1.00 25.50 ? 23  GLU A CA  1 
ATOM   164  C  C   . GLU A 1 23  ? 2.386   -8.154  9.254   1.00 24.11 ? 23  GLU A C   1 
ATOM   165  O  O   . GLU A 1 23  ? 3.426   -8.457  9.830   1.00 24.00 ? 23  GLU A O   1 
ATOM   166  C  CB  . GLU A 1 23  ? 0.188   -8.560  10.392  1.00 25.19 ? 23  GLU A CB  1 
ATOM   167  C  CG  . GLU A 1 23  ? -0.673  -8.008  11.497  1.00 29.48 ? 23  GLU A CG  1 
ATOM   168  C  CD  . GLU A 1 23  ? -1.852  -8.916  11.833  1.00 40.29 ? 23  GLU A CD  1 
ATOM   169  O  OE1 . GLU A 1 23  ? -1.850  -10.106 11.401  1.00 41.36 ? 23  GLU A OE1 1 
ATOM   170  O  OE2 . GLU A 1 23  ? -2.765  -8.395  12.512  1.00 45.04 ? 23  GLU A OE2 1 
ATOM   171  N  N   . ARG A 1 24  ? 2.176   -8.345  7.959   1.00 23.54 ? 24  ARG A N   1 
ATOM   172  C  CA  . ARG A 1 24  ? 3.163   -8.968  7.102   1.00 23.36 ? 24  ARG A CA  1 
ATOM   173  C  C   . ARG A 1 24  ? 4.415   -8.054  6.979   1.00 24.49 ? 24  ARG A C   1 
ATOM   174  O  O   . ARG A 1 24  ? 5.564   -8.550  7.121   1.00 24.31 ? 24  ARG A O   1 
ATOM   175  C  CB  . ARG A 1 24  ? 2.575   -9.249  5.732   1.00 23.06 ? 24  ARG A CB  1 
ATOM   176  C  CG  . ARG A 1 24  ? 3.550   -9.960  4.716   1.00 26.27 ? 24  ARG A CG  1 
ATOM   177  C  CD  . ARG A 1 24  ? 2.844   -10.357 3.438   1.00 29.84 ? 24  ARG A CD  1 
ATOM   178  N  NE  . ARG A 1 24  ? 1.665   -11.215 3.673   1.00 34.80 ? 24  ARG A NE  1 
ATOM   179  C  CZ  . ARG A 1 24  ? 1.659   -12.566 3.639   1.00 36.65 ? 24  ARG A CZ  1 
ATOM   180  N  NH1 . ARG A 1 24  ? 2.770   -13.247 3.390   1.00 34.66 ? 24  ARG A NH1 1 
ATOM   181  N  NH2 . ARG A 1 24  ? 0.531   -13.238 3.865   1.00 36.67 ? 24  ARG A NH2 1 
ATOM   182  N  N   . VAL A 1 25  ? 4.198   -6.760  6.693   1.00 22.50 ? 25  VAL A N   1 
ATOM   183  C  CA  . VAL A 1 25  ? 5.276   -5.764  6.593   1.00 22.95 ? 25  VAL A CA  1 
ATOM   184  C  C   . VAL A 1 25  ? 6.171   -5.728  7.853   1.00 22.56 ? 25  VAL A C   1 
ATOM   185  O  O   . VAL A 1 25  ? 7.390   -5.653  7.751   1.00 21.64 ? 25  VAL A O   1 
ATOM   186  C  CB  . VAL A 1 25  ? 4.688   -4.355  6.319   1.00 21.76 ? 25  VAL A CB  1 
ATOM   187  C  CG1 . VAL A 1 25  ? 5.755   -3.224  6.610   1.00 21.58 ? 25  VAL A CG1 1 
ATOM   188  C  CG2 . VAL A 1 25  ? 4.136   -4.295  4.876   1.00 22.96 ? 25  VAL A CG2 1 
ATOM   189  N  N   . LEU A 1 26  ? 5.561   -5.759  9.046   1.00 22.77 ? 26  LEU A N   1 
ATOM   190  C  CA  . LEU A 1 26  ? 6.363   -5.645  10.281  1.00 24.76 ? 26  LEU A CA  1 
ATOM   191  C  C   . LEU A 1 26  ? 7.188   -6.908  10.600  1.00 23.89 ? 26  LEU A C   1 
ATOM   192  O  O   . LEU A 1 26  ? 8.113   -6.885  11.413  1.00 24.79 ? 26  LEU A O   1 
ATOM   193  C  CB  . LEU A 1 26  ? 5.502   -5.216  11.469  1.00 24.67 ? 26  LEU A CB  1 
ATOM   194  C  CG  . LEU A 1 26  ? 5.376   -3.740  11.906  1.00 30.71 ? 26  LEU A CG  1 
ATOM   195  C  CD1 . LEU A 1 26  ? 5.666   -2.588  10.940  1.00 33.41 ? 26  LEU A CD1 1 
ATOM   196  C  CD2 . LEU A 1 26  ? 4.026   -3.537  12.599  1.00 31.44 ? 26  LEU A CD2 1 
ATOM   197  N  N   . GLN A 1 27  ? 6.891   -7.980  9.897   1.00 24.48 ? 27  GLN A N   1 
ATOM   198  C  CA  . GLN A 1 27  ? 7.705   -9.194  9.932   1.00 25.16 ? 27  GLN A CA  1 
ATOM   199  C  C   . GLN A 1 27  ? 8.647   -9.330  8.762   1.00 25.98 ? 27  GLN A C   1 
ATOM   200  O  O   . GLN A 1 27  ? 9.344   -10.330 8.660   1.00 26.45 ? 27  GLN A O   1 
ATOM   201  C  CB  . GLN A 1 27  ? 6.845   -10.460 10.084  1.00 24.63 ? 27  GLN A CB  1 
ATOM   202  C  CG  . GLN A 1 27  ? 5.955   -10.448 11.374  1.00 26.01 ? 27  GLN A CG  1 
ATOM   203  C  CD  . GLN A 1 27  ? 6.684   -10.033 12.690  1.00 26.46 ? 27  GLN A CD  1 
ATOM   204  O  OE1 . GLN A 1 27  ? 7.760   -10.511 12.971  1.00 30.07 ? 27  GLN A OE1 1 
ATOM   205  N  NE2 . GLN A 1 27  ? 6.055   -9.155  13.487  1.00 25.14 ? 27  GLN A NE2 1 
ATOM   206  N  N   . ASP A 1 28  ? 8.624   -8.378  7.841   1.00 24.70 ? 28  ASP A N   1 
ATOM   207  C  CA  . ASP A 1 28  ? 9.446   -8.427  6.640   1.00 24.76 ? 28  ASP A CA  1 
ATOM   208  C  C   . ASP A 1 28  ? 10.762  -7.679  6.954   1.00 24.84 ? 28  ASP A C   1 
ATOM   209  O  O   . ASP A 1 28  ? 10.807  -6.456  7.012   1.00 23.31 ? 28  ASP A O   1 
ATOM   210  C  CB  . ASP A 1 28  ? 8.661   -7.750  5.490   1.00 23.58 ? 28  ASP A CB  1 
ATOM   211  C  CG  . ASP A 1 28  ? 9.326   -7.888  4.169   1.00 24.04 ? 28  ASP A CG  1 
ATOM   212  O  OD1 . ASP A 1 28  ? 10.562  -8.124  4.166   1.00 21.76 ? 28  ASP A OD1 1 
ATOM   213  O  OD2 . ASP A 1 28  ? 8.743   -7.666  3.085   1.00 26.67 ? 28  ASP A OD2 1 
ATOM   214  N  N   . ASP A 1 29  ? 11.825  -8.443  7.179   1.00 25.12 ? 29  ASP A N   1 
ATOM   215  C  CA  . ASP A 1 29  ? 13.154  -7.876  7.472   1.00 26.56 ? 29  ASP A CA  1 
ATOM   216  C  C   . ASP A 1 29  ? 13.706  -6.902  6.421   1.00 25.03 ? 29  ASP A C   1 
ATOM   217  O  O   . ASP A 1 29  ? 14.575  -6.079  6.728   1.00 25.41 ? 29  ASP A O   1 
ATOM   218  C  CB  . ASP A 1 29  ? 14.117  -9.013  7.630   1.00 26.93 ? 29  ASP A CB  1 
ATOM   219  C  CG  . ASP A 1 29  ? 14.014  -9.645  8.991   1.00 34.46 ? 29  ASP A CG  1 
ATOM   220  O  OD1 . ASP A 1 29  ? 13.164  -9.243  9.879   1.00 33.54 ? 29  ASP A OD1 1 
ATOM   221  O  OD2 . ASP A 1 29  ? 14.777  -10.581 9.248   1.00 40.20 ? 29  ASP A OD2 1 
ATOM   222  N  N   . ARG A 1 30  ? 13.183  -6.976  5.206   1.00 24.43 ? 30  ARG A N   1 
ATOM   223  C  CA  . ARG A 1 30  ? 13.612  -6.022  4.146   1.00 23.40 ? 30  ARG A CA  1 
ATOM   224  C  C   . ARG A 1 30  ? 13.158  -4.582  4.430   1.00 23.08 ? 30  ARG A C   1 
ATOM   225  O  O   . ARG A 1 30  ? 13.801  -3.610  4.011   1.00 22.59 ? 30  ARG A O   1 
ATOM   226  C  CB  . ARG A 1 30  ? 13.050  -6.478  2.843   1.00 22.11 ? 30  ARG A CB  1 
ATOM   227  C  CG  . ARG A 1 30  ? 13.565  -7.869  2.436   1.00 24.68 ? 30  ARG A CG  1 
ATOM   228  C  CD  . ARG A 1 30  ? 12.902  -8.391  1.171   1.00 26.03 ? 30  ARG A CD  1 
ATOM   229  N  NE  . ARG A 1 30  ? 11.445  -8.580  1.374   1.00 27.64 ? 30  ARG A NE  1 
ATOM   230  C  CZ  . ARG A 1 30  ? 10.616  -9.040  0.451   1.00 25.33 ? 30  ARG A CZ  1 
ATOM   231  N  NH1 . ARG A 1 30  ? 11.073  -9.319  -0.744  1.00 26.57 ? 30  ARG A NH1 1 
ATOM   232  N  NH2 . ARG A 1 30  ? 9.320   -9.130  0.696   1.00 24.48 ? 30  ARG A NH2 1 
ATOM   233  N  N   . ILE A 1 31  ? 12.058  -4.456  5.170   1.00 22.36 ? 31  ILE A N   1 
ATOM   234  C  CA  . ILE A 1 31  ? 11.385  -3.132  5.274   1.00 21.26 ? 31  ILE A CA  1 
ATOM   235  C  C   . ILE A 1 31  ? 10.823  -2.740  6.601   1.00 20.87 ? 31  ILE A C   1 
ATOM   236  O  O   . ILE A 1 31  ? 10.423  -1.595  6.779   1.00 19.90 ? 31  ILE A O   1 
ATOM   237  C  CB  . ILE A 1 31  ? 10.245  -3.006  4.182   1.00 22.77 ? 31  ILE A CB  1 
ATOM   238  C  CG1 . ILE A 1 31  ? 9.217   -4.132  4.330   1.00 19.80 ? 31  ILE A CG1 1 
ATOM   239  C  CG2 . ILE A 1 31  ? 10.880  -2.910  2.752   1.00 19.96 ? 31  ILE A CG2 1 
ATOM   240  C  CD1 . ILE A 1 31  ? 7.934   -3.980  3.437   1.00 23.41 ? 31  ILE A CD1 1 
ATOM   241  N  N   . LYS A 1 32  ? 10.781  -3.654  7.568   1.00 21.07 ? 32  LYS A N   1 
ATOM   242  C  CA  . LYS A 1 32  ? 10.017  -3.356  8.813   1.00 21.49 ? 32  LYS A CA  1 
ATOM   243  C  C   . LYS A 1 32  ? 10.539  -2.152  9.591   1.00 21.54 ? 32  LYS A C   1 
ATOM   244  O  O   . LYS A 1 32  ? 9.785   -1.435  10.251  1.00 21.78 ? 32  LYS A O   1 
ATOM   245  C  CB  . LYS A 1 32  ? 10.041  -4.572  9.737   1.00 21.69 ? 32  LYS A CB  1 
ATOM   246  C  CG  . LYS A 1 32  ? 11.449  -4.927  10.294  1.00 21.89 ? 32  LYS A CG  1 
ATOM   247  C  CD  . LYS A 1 32  ? 11.456  -6.398  10.780  1.00 24.62 ? 32  LYS A CD  1 
ATOM   248  C  CE  . LYS A 1 32  ? 12.736  -6.652  11.648  1.00 27.41 ? 32  LYS A CE  1 
ATOM   249  N  NZ  . LYS A 1 32  ? 12.784  -8.064  12.150  1.00 30.13 ? 32  LYS A NZ  1 
ATOM   250  N  N   . HIS A 1 33  ? 11.839  -1.928  9.476   1.00 22.41 ? 33  HIS A N   1 
ATOM   251  C  CA  . HIS A 1 33  ? 12.535  -0.852  10.173  1.00 23.14 ? 33  HIS A CA  1 
ATOM   252  C  C   . HIS A 1 33  ? 12.103  0.531   9.671   1.00 21.71 ? 33  HIS A C   1 
ATOM   253  O  O   . HIS A 1 33  ? 12.245  1.520   10.429  1.00 21.87 ? 33  HIS A O   1 
ATOM   254  C  CB  . HIS A 1 33  ? 14.078  -1.031  10.080  1.00 23.50 ? 33  HIS A CB  1 
ATOM   255  C  CG  . HIS A 1 33  ? 14.567  -1.169  8.667   1.00 24.93 ? 33  HIS A CG  1 
ATOM   256  N  ND1 . HIS A 1 33  ? 14.409  -2.329  7.932   1.00 24.65 ? 33  HIS A ND1 1 
ATOM   257  C  CD2 . HIS A 1 33  ? 15.146  -0.271  7.833   1.00 23.78 ? 33  HIS A CD2 1 
ATOM   258  C  CE1 . HIS A 1 33  ? 14.870  -2.143  6.710   1.00 26.07 ? 33  HIS A CE1 1 
ATOM   259  N  NE2 . HIS A 1 33  ? 15.318  -0.901  6.620   1.00 27.35 ? 33  HIS A NE2 1 
ATOM   260  N  N   . PHE A 1 34  ? 11.568  0.633   8.443   1.00 20.73 ? 34  PHE A N   1 
ATOM   261  C  CA  . PHE A 1 34  ? 11.014  1.922   7.961   1.00 20.54 ? 34  PHE A CA  1 
ATOM   262  C  C   . PHE A 1 34  ? 9.861   2.416   8.861   1.00 20.72 ? 34  PHE A C   1 
ATOM   263  O  O   . PHE A 1 34  ? 9.550   3.608   8.919   1.00 20.42 ? 34  PHE A O   1 
ATOM   264  C  CB  . PHE A 1 34  ? 10.592  1.858   6.469   1.00 19.49 ? 34  PHE A CB  1 
ATOM   265  C  CG  . PHE A 1 34  ? 11.783  1.831   5.534   1.00 21.10 ? 34  PHE A CG  1 
ATOM   266  C  CD1 . PHE A 1 34  ? 12.585  2.984   5.362   1.00 23.57 ? 34  PHE A CD1 1 
ATOM   267  C  CD2 . PHE A 1 34  ? 12.176  0.665   4.934   1.00 21.71 ? 34  PHE A CD2 1 
ATOM   268  C  CE1 . PHE A 1 34  ? 13.735  2.942   4.506   1.00 22.84 ? 34  PHE A CE1 1 
ATOM   269  C  CE2 . PHE A 1 34  ? 13.300  0.638   4.090   1.00 22.45 ? 34  PHE A CE2 1 
ATOM   270  C  CZ  . PHE A 1 34  ? 14.071  1.760   3.900   1.00 21.38 ? 34  PHE A CZ  1 
ATOM   271  N  N   . PHE A 1 35  ? 9.229   1.473   9.561   1.00 20.37 ? 35  PHE A N   1 
ATOM   272  C  CA  . PHE A 1 35  ? 8.057   1.784   10.419  1.00 21.13 ? 35  PHE A CA  1 
ATOM   273  C  C   . PHE A 1 35  ? 8.378   1.880   11.874  1.00 21.12 ? 35  PHE A C   1 
ATOM   274  O  O   . PHE A 1 35  ? 7.469   2.019   12.661  1.00 20.53 ? 35  PHE A O   1 
ATOM   275  C  CB  . PHE A 1 35  ? 6.942   0.747   10.180  1.00 20.95 ? 35  PHE A CB  1 
ATOM   276  C  CG  . PHE A 1 35  ? 6.408   0.799   8.762   1.00 22.57 ? 35  PHE A CG  1 
ATOM   277  C  CD1 . PHE A 1 35  ? 7.073   0.067   7.746   1.00 19.16 ? 35  PHE A CD1 1 
ATOM   278  C  CD2 . PHE A 1 35  ? 5.318   1.652   8.416   1.00 21.35 ? 35  PHE A CD2 1 
ATOM   279  C  CE1 . PHE A 1 35  ? 6.651   0.142   6.399   1.00 22.00 ? 35  PHE A CE1 1 
ATOM   280  C  CE2 . PHE A 1 35  ? 4.868   1.733   7.039   1.00 17.89 ? 35  PHE A CE2 1 
ATOM   281  C  CZ  . PHE A 1 35  ? 5.514   0.971   6.061   1.00 17.94 ? 35  PHE A CZ  1 
ATOM   282  N  N   . ALA A 1 36  ? 9.672   1.827   12.226  1.00 22.60 ? 36  ALA A N   1 
ATOM   283  C  CA  . ALA A 1 36  ? 10.141  1.856   13.618  1.00 24.03 ? 36  ALA A CA  1 
ATOM   284  C  C   . ALA A 1 36  ? 9.545   3.003   14.393  1.00 25.51 ? 36  ALA A C   1 
ATOM   285  O  O   . ALA A 1 36  ? 9.085   2.812   15.505  1.00 27.08 ? 36  ALA A O   1 
ATOM   286  C  CB  . ALA A 1 36  ? 11.674  1.889   13.668  1.00 23.98 ? 36  ALA A CB  1 
ATOM   287  N  N   . ASP A 1 37  ? 9.474   4.192   13.788  1.00 26.59 ? 37  ASP A N   1 
ATOM   288  C  CA  . ASP A 1 37  ? 8.989   5.327   14.500  1.00 27.50 ? 37  ASP A CA  1 
ATOM   289  C  C   . ASP A 1 37  ? 7.622   5.766   14.003  1.00 26.49 ? 37  ASP A C   1 
ATOM   290  O  O   . ASP A 1 37  ? 7.212   6.866   14.296  1.00 24.99 ? 37  ASP A O   1 
ATOM   291  C  CB  . ASP A 1 37  ? 10.059  6.441   14.476  1.00 30.54 ? 37  ASP A CB  1 
ATOM   292  C  CG  . ASP A 1 37  ? 11.390  5.964   15.263  1.00 40.24 ? 37  ASP A CG  1 
ATOM   293  O  OD1 . ASP A 1 37  ? 11.260  5.827   16.524  1.00 46.70 ? 37  ASP A OD1 1 
ATOM   294  O  OD2 . ASP A 1 37  ? 12.533  5.593   14.743  1.00 48.93 ? 37  ASP A OD2 1 
ATOM   295  N  N   . VAL A 1 38  ? 6.887   4.872   13.345  1.00 23.30 ? 38  VAL A N   1 
ATOM   296  C  CA  . VAL A 1 38  ? 5.588   5.225   12.743  1.00 23.37 ? 38  VAL A CA  1 
ATOM   297  C  C   . VAL A 1 38  ? 4.390   4.808   13.664  1.00 22.53 ? 38  VAL A C   1 
ATOM   298  O  O   . VAL A 1 38  ? 4.347   3.701   14.196  1.00 22.78 ? 38  VAL A O   1 
ATOM   299  C  CB  . VAL A 1 38  ? 5.449   4.667   11.269  1.00 22.47 ? 38  VAL A CB  1 
ATOM   300  C  CG1 . VAL A 1 38  ? 4.014   4.903   10.691  1.00 21.59 ? 38  VAL A CG1 1 
ATOM   301  C  CG2 . VAL A 1 38  ? 6.527   5.295   10.318  1.00 22.59 ? 38  VAL A CG2 1 
ATOM   302  N  N   . ASP A 1 39  ? 3.462   5.741   13.861  1.00 23.21 ? 39  ASP A N   1 
ATOM   303  C  CA  . ASP A 1 39  ? 2.208   5.472   14.557  1.00 24.37 ? 39  ASP A CA  1 
ATOM   304  C  C   . ASP A 1 39  ? 1.355   4.567   13.632  1.00 24.65 ? 39  ASP A C   1 
ATOM   305  O  O   . ASP A 1 39  ? 0.836   5.027   12.619  1.00 24.28 ? 39  ASP A O   1 
ATOM   306  C  CB  . ASP A 1 39  ? 1.531   6.799   14.829  1.00 24.79 ? 39  ASP A CB  1 
ATOM   307  C  CG  . ASP A 1 39  ? 0.214   6.637   15.598  1.00 29.04 ? 39  ASP A CG  1 
ATOM   308  O  OD1 . ASP A 1 39  ? -0.379  5.537   15.650  1.00 26.00 ? 39  ASP A OD1 1 
ATOM   309  O  OD2 . ASP A 1 39  ? -0.279  7.593   16.181  1.00 33.96 ? 39  ASP A OD2 1 
ATOM   310  N  N   . MET A 1 40  ? 1.298   3.283   13.957  1.00 24.39 ? 40  MET A N   1 
ATOM   311  C  CA  . MET A 1 40  ? 0.680   2.276   13.088  1.00 26.04 ? 40  MET A CA  1 
ATOM   312  C  C   . MET A 1 40  ? -0.851  2.379   13.047  1.00 26.92 ? 40  MET A C   1 
ATOM   313  O  O   . MET A 1 40  ? -1.453  2.048   12.039  1.00 27.05 ? 40  MET A O   1 
ATOM   314  C  CB  . MET A 1 40  ? 1.134   0.878   13.423  1.00 25.94 ? 40  MET A CB  1 
ATOM   315  C  CG  . MET A 1 40  ? 2.665   0.616   13.242  1.00 27.86 ? 40  MET A CG  1 
ATOM   316  S  SD  . MET A 1 40  ? 3.280   1.004   11.596  1.00 25.92 ? 40  MET A SD  1 
ATOM   317  C  CE  . MET A 1 40  ? 2.449   -0.279  10.595  1.00 26.51 ? 40  MET A CE  1 
ATOM   318  N  N   . ALA A 1 41  ? -1.467  2.924   14.095  1.00 27.26 ? 41  ALA A N   1 
ATOM   319  C  CA  . ALA A 1 41  ? -2.931  3.183   14.097  1.00 27.39 ? 41  ALA A CA  1 
ATOM   320  C  C   . ALA A 1 41  ? -3.244  4.220   13.044  1.00 26.85 ? 41  ALA A C   1 
ATOM   321  O  O   . ALA A 1 41  ? -4.151  4.027   12.231  1.00 26.16 ? 41  ALA A O   1 
ATOM   322  C  CB  . ALA A 1 41  ? -3.424  3.649   15.517  1.00 27.04 ? 41  ALA A CB  1 
ATOM   323  N  N   . LYS A 1 42  ? -2.468  5.316   13.045  1.00 25.60 ? 42  LYS A N   1 
ATOM   324  C  CA  . LYS A 1 42  ? -2.637  6.354   12.062  1.00 26.30 ? 42  LYS A CA  1 
ATOM   325  C  C   . LYS A 1 42  ? -2.298  5.868   10.638  1.00 24.24 ? 42  LYS A C   1 
ATOM   326  O  O   . LYS A 1 42  ? -2.971  6.238   9.680   1.00 24.56 ? 42  LYS A O   1 
ATOM   327  C  CB  . LYS A 1 42  ? -1.773  7.525   12.403  1.00 27.38 ? 42  LYS A CB  1 
ATOM   328  C  CG  . LYS A 1 42  ? -2.299  8.342   13.535  1.00 33.02 ? 42  LYS A CG  1 
ATOM   329  C  CD  . LYS A 1 42  ? -1.428  9.578   13.729  1.00 37.28 ? 42  LYS A CD  1 
ATOM   330  C  CE  . LYS A 1 42  ? -1.934  10.450  14.898  1.00 46.61 ? 42  LYS A CE  1 
ATOM   331  N  NZ  . LYS A 1 42  ? -2.930  9.716   15.762  1.00 50.89 ? 42  LYS A NZ  1 
ATOM   332  N  N   . GLN A 1 43  ? -1.257  5.063   10.524  1.00 22.54 ? 43  GLN A N   1 
ATOM   333  C  CA  . GLN A 1 43  ? -0.812  4.511   9.232   1.00 22.47 ? 43  GLN A CA  1 
ATOM   334  C  C   . GLN A 1 43  ? -1.875  3.593   8.617   1.00 21.73 ? 43  GLN A C   1 
ATOM   335  O  O   . GLN A 1 43  ? -2.208  3.722   7.447   1.00 20.14 ? 43  GLN A O   1 
ATOM   336  C  CB  . GLN A 1 43  ? 0.507   3.752   9.415   1.00 22.09 ? 43  GLN A CB  1 
ATOM   337  C  CG  . GLN A 1 43  ? 1.128   3.182   8.129   1.00 23.82 ? 43  GLN A CG  1 
ATOM   338  C  CD  . GLN A 1 43  ? 1.429   4.256   7.055   1.00 27.62 ? 43  GLN A CD  1 
ATOM   339  O  OE1 . GLN A 1 43  ? 1.775   5.382   7.386   1.00 31.81 ? 43  GLN A OE1 1 
ATOM   340  N  NE2 . GLN A 1 43  ? 1.287   3.894   5.775   1.00 29.17 ? 43  GLN A NE2 1 
ATOM   341  N  N   . ARG A 1 44  ? -2.378  2.648   9.411   1.00 20.66 ? 44  ARG A N   1 
ATOM   342  C  CA  . ARG A 1 44  ? -3.525  1.819   9.030   1.00 21.80 ? 44  ARG A CA  1 
ATOM   343  C  C   . ARG A 1 44  ? -4.728  2.642   8.503   1.00 20.81 ? 44  ARG A C   1 
ATOM   344  O  O   . ARG A 1 44  ? -5.261  2.324   7.449   1.00 20.98 ? 44  ARG A O   1 
ATOM   345  C  CB  . ARG A 1 44  ? -3.937  0.873   10.144  1.00 20.71 ? 44  ARG A CB  1 
ATOM   346  C  CG  . ARG A 1 44  ? -3.041  -0.339  10.229  1.00 23.40 ? 44  ARG A CG  1 
ATOM   347  C  CD  . ARG A 1 44  ? -3.552  -1.440  11.228  1.00 30.83 ? 44  ARG A CD  1 
ATOM   348  N  NE  . ARG A 1 44  ? -3.389  -1.002  12.604  1.00 33.70 ? 44  ARG A NE  1 
ATOM   349  C  CZ  . ARG A 1 44  ? -2.307  -1.230  13.386  1.00 36.89 ? 44  ARG A CZ  1 
ATOM   350  N  NH1 . ARG A 1 44  ? -1.293  -2.003  13.012  1.00 38.88 ? 44  ARG A NH1 1 
ATOM   351  N  NH2 . ARG A 1 44  ? -2.252  -0.695  14.568  1.00 36.57 ? 44  ARG A NH2 1 
ATOM   352  N  N   . ALA A 1 45  ? -5.146  3.676   9.237   1.00 22.68 ? 45  ALA A N   1 
ATOM   353  C  CA  . ALA A 1 45  ? -6.277  4.505   8.830   1.00 23.13 ? 45  ALA A CA  1 
ATOM   354  C  C   . ALA A 1 45  ? -5.954  5.237   7.526   1.00 24.27 ? 45  ALA A C   1 
ATOM   355  O  O   . ALA A 1 45  ? -6.797  5.280   6.602   1.00 22.93 ? 45  ALA A O   1 
ATOM   356  C  CB  . ALA A 1 45  ? -6.637  5.532   9.901   1.00 24.20 ? 45  ALA A CB  1 
ATOM   357  N  N   . HIS A 1 46  ? -4.747  5.798   7.420   1.00 22.83 ? 46  HIS A N   1 
ATOM   358  C  CA  . HIS A 1 46  ? -4.352  6.418   6.137   1.00 23.68 ? 46  HIS A CA  1 
ATOM   359  C  C   . HIS A 1 46  ? -4.360  5.453   4.946   1.00 22.97 ? 46  HIS A C   1 
ATOM   360  O  O   . HIS A 1 46  ? -4.833  5.799   3.886   1.00 20.74 ? 46  HIS A O   1 
ATOM   361  C  CB  . HIS A 1 46  ? -2.946  6.939   6.198   1.00 24.62 ? 46  HIS A CB  1 
ATOM   362  C  CG  . HIS A 1 46  ? -2.774  8.167   7.025   1.00 26.24 ? 46  HIS A CG  1 
ATOM   363  N  ND1 . HIS A 1 46  ? -3.565  9.323   6.833   1.00 36.20 ? 46  HIS A ND1 1 
ATOM   364  C  CD2 . HIS A 1 46  ? -1.862  8.441   8.016   1.00 30.31 ? 46  HIS A CD2 1 
ATOM   365  C  CE1 . HIS A 1 46  ? -3.147  10.267  7.665   1.00 34.61 ? 46  HIS A CE1 1 
ATOM   366  N  NE2 . HIS A 1 46  ? -2.129  9.747   8.406   1.00 30.33 ? 46  HIS A NE2 1 
ATOM   367  N  N   . GLN A 1 47  ? -3.781  4.266   5.118   1.00 21.43 ? 47  GLN A N   1 
ATOM   368  C  CA  . GLN A 1 47  ? -3.706  3.280   4.014   1.00 21.90 ? 47  GLN A CA  1 
ATOM   369  C  C   . GLN A 1 47  ? -5.126  2.771   3.612   1.00 21.40 ? 47  GLN A C   1 
ATOM   370  O  O   . GLN A 1 47  ? -5.411  2.576   2.417   1.00 20.72 ? 47  GLN A O   1 
ATOM   371  C  CB  . GLN A 1 47  ? -2.814  2.083   4.352   1.00 19.92 ? 47  GLN A CB  1 
ATOM   372  C  CG  . GLN A 1 47  ? -2.435  1.216   3.112   1.00 21.36 ? 47  GLN A CG  1 
ATOM   373  C  CD  . GLN A 1 47  ? -1.514  1.953   2.133   1.00 22.81 ? 47  GLN A CD  1 
ATOM   374  O  OE1 . GLN A 1 47  ? -0.285  1.883   2.267   1.00 25.13 ? 47  GLN A OE1 1 
ATOM   375  N  NE2 . GLN A 1 47  ? -2.081  2.612   1.148   1.00 16.06 ? 47  GLN A NE2 1 
ATOM   376  N  N   . LYS A 1 48  ? -6.010  2.588   4.606   1.00 20.65 ? 48  LYS A N   1 
ATOM   377  C  CA  . LYS A 1 48  ? -7.372  2.186   4.289   1.00 20.62 ? 48  LYS A CA  1 
ATOM   378  C  C   . LYS A 1 48  ? -8.030  3.240   3.418   1.00 21.77 ? 48  LYS A C   1 
ATOM   379  O  O   . LYS A 1 48  ? -8.673  2.905   2.426   1.00 22.72 ? 48  LYS A O   1 
ATOM   380  C  CB  . LYS A 1 48  ? -8.204  1.873   5.541   1.00 20.27 ? 48  LYS A CB  1 
ATOM   381  C  CG  . LYS A 1 48  ? -7.771  0.576   6.158   1.00 20.98 ? 48  LYS A CG  1 
ATOM   382  C  CD  . LYS A 1 48  ? -8.104  0.478   7.694   1.00 22.61 ? 48  LYS A CD  1 
ATOM   383  C  CE  . LYS A 1 48  ? -7.549  -0.806  8.292   1.00 22.34 ? 48  LYS A CE  1 
ATOM   384  N  NZ  . LYS A 1 48  ? -7.930  -0.773  9.763   1.00 21.80 ? 48  LYS A NZ  1 
ATOM   385  N  N   . ALA A 1 49  ? -7.893  4.504   3.810   1.00 22.45 ? 49  ALA A N   1 
ATOM   386  C  CA  . ALA A 1 49  ? -8.432  5.624   3.059   1.00 22.76 ? 49  ALA A CA  1 
ATOM   387  C  C   . ALA A 1 49  ? -7.780  5.762   1.658   1.00 22.34 ? 49  ALA A C   1 
ATOM   388  O  O   . ALA A 1 49  ? -8.462  6.029   0.649   1.00 21.74 ? 49  ALA A O   1 
ATOM   389  C  CB  . ALA A 1 49  ? -8.265  6.906   3.869   1.00 21.85 ? 49  ALA A CB  1 
ATOM   390  N  N   . PHE A 1 50  ? -6.466  5.572   1.611   1.00 20.83 ? 50  PHE A N   1 
ATOM   391  C  CA  . PHE A 1 50  ? -5.714  5.650   0.355   1.00 21.57 ? 50  PHE A CA  1 
ATOM   392  C  C   . PHE A 1 50  ? -6.087  4.542   -0.639  1.00 20.94 ? 50  PHE A C   1 
ATOM   393  O  O   . PHE A 1 50  ? -6.358  4.822   -1.792  1.00 21.19 ? 50  PHE A O   1 
ATOM   394  C  CB  . PHE A 1 50  ? -4.173  5.663   0.564   1.00 20.05 ? 50  PHE A CB  1 
ATOM   395  C  CG  . PHE A 1 50  ? -3.453  5.873   -0.728  1.00 19.09 ? 50  PHE A CG  1 
ATOM   396  C  CD1 . PHE A 1 50  ? -3.273  7.171   -1.233  1.00 20.96 ? 50  PHE A CD1 1 
ATOM   397  C  CD2 . PHE A 1 50  ? -3.133  4.787   -1.526  1.00 17.31 ? 50  PHE A CD2 1 
ATOM   398  C  CE1 . PHE A 1 50  ? -2.738  7.367   -2.505  1.00 18.75 ? 50  PHE A CE1 1 
ATOM   399  C  CE2 . PHE A 1 50  ? -2.566  4.978   -2.823  1.00 18.34 ? 50  PHE A CE2 1 
ATOM   400  C  CZ  . PHE A 1 50  ? -2.372  6.277   -3.282  1.00 19.58 ? 50  PHE A CZ  1 
ATOM   401  N  N   . LEU A 1 51  ? -6.133  3.306   -0.196  1.00 20.65 ? 51  LEU A N   1 
ATOM   402  C  CA  . LEU A 1 51  ? -6.460  2.213   -1.107  1.00 20.94 ? 51  LEU A CA  1 
ATOM   403  C  C   . LEU A 1 51  ? -7.926  2.263   -1.511  1.00 21.94 ? 51  LEU A C   1 
ATOM   404  O  O   . LEU A 1 51  ? -8.257  1.897   -2.599  1.00 22.45 ? 51  LEU A O   1 
ATOM   405  C  CB  . LEU A 1 51  ? -6.112  0.874   -0.480  1.00 19.82 ? 51  LEU A CB  1 
ATOM   406  C  CG  . LEU A 1 51  ? -4.587  0.647   -0.302  1.00 22.09 ? 51  LEU A CG  1 
ATOM   407  C  CD1 . LEU A 1 51  ? -4.347  -0.695  0.339   1.00 20.07 ? 51  LEU A CD1 1 
ATOM   408  C  CD2 . LEU A 1 51  ? -3.785  0.758   -1.633  1.00 23.41 ? 51  LEU A CD2 1 
ATOM   409  N  N   . THR A 1 52  ? -8.791  2.749   -0.605  1.00 21.61 ? 52  THR A N   1 
ATOM   410  C  CA  . THR A 1 52  ? -10.183 2.957   -0.971  1.00 22.12 ? 52  THR A CA  1 
ATOM   411  C  C   . THR A 1 52  ? -10.270 3.885   -2.193  1.00 21.54 ? 52  THR A C   1 
ATOM   412  O  O   . THR A 1 52  ? -10.952 3.560   -3.147  1.00 22.56 ? 52  THR A O   1 
ATOM   413  C  CB  . THR A 1 52  ? -10.970 3.491   0.219   1.00 22.36 ? 52  THR A CB  1 
ATOM   414  O  OG1 . THR A 1 52  ? -11.050 2.440   1.195   1.00 21.93 ? 52  THR A OG1 1 
ATOM   415  C  CG2 . THR A 1 52  ? -12.438 3.813   -0.169  1.00 20.25 ? 52  THR A CG2 1 
ATOM   416  N  N   . TYR A 1 53  ? -9.578  5.012   -2.130  1.00 22.24 ? 53  TYR A N   1 
ATOM   417  C  CA  . TYR A 1 53  ? -9.389  5.942   -3.245  1.00 23.54 ? 53  TYR A CA  1 
ATOM   418  C  C   . TYR A 1 53  ? -8.702  5.272   -4.483  1.00 22.58 ? 53  TYR A C   1 
ATOM   419  O  O   . TYR A 1 53  ? -9.206  5.328   -5.619  1.00 21.85 ? 53  TYR A O   1 
ATOM   420  C  CB  . TYR A 1 53  ? -8.604  7.187   -2.742  1.00 24.54 ? 53  TYR A CB  1 
ATOM   421  C  CG  . TYR A 1 53  ? -7.790  7.824   -3.793  1.00 29.03 ? 53  TYR A CG  1 
ATOM   422  C  CD1 . TYR A 1 53  ? -8.400  8.675   -4.745  1.00 30.16 ? 53  TYR A CD1 1 
ATOM   423  C  CD2 . TYR A 1 53  ? -6.411  7.501   -3.915  1.00 29.44 ? 53  TYR A CD2 1 
ATOM   424  C  CE1 . TYR A 1 53  ? -7.654  9.223   -5.782  1.00 34.32 ? 53  TYR A CE1 1 
ATOM   425  C  CE2 . TYR A 1 53  ? -5.652  8.017   -4.941  1.00 33.63 ? 53  TYR A CE2 1 
ATOM   426  C  CZ  . TYR A 1 53  ? -6.264  8.875   -5.871  1.00 38.65 ? 53  TYR A CZ  1 
ATOM   427  O  OH  . TYR A 1 53  ? -5.459  9.391   -6.855  1.00 41.41 ? 53  TYR A OH  1 
ATOM   428  N  N   . ALA A 1 54  ? -7.581  4.627   -4.263  1.00 22.39 ? 54  ALA A N   1 
ATOM   429  C  CA  . ALA A 1 54  ? -6.818  4.033   -5.351  1.00 22.23 ? 54  ALA A CA  1 
ATOM   430  C  C   . ALA A 1 54  ? -7.600  2.943   -6.084  1.00 23.19 ? 54  ALA A C   1 
ATOM   431  O  O   . ALA A 1 54  ? -7.350  2.712   -7.261  1.00 21.07 ? 54  ALA A O   1 
ATOM   432  C  CB  . ALA A 1 54  ? -5.465  3.503   -4.849  1.00 21.92 ? 54  ALA A CB  1 
ATOM   433  N  N   . PHE A 1 55  ? -8.542  2.292   -5.388  1.00 23.90 ? 55  PHE A N   1 
ATOM   434  C  CA  . PHE A 1 55  ? -9.298  1.165   -5.971  1.00 24.81 ? 55  PHE A CA  1 
ATOM   435  C  C   . PHE A 1 55  ? -10.683 1.686   -6.488  1.00 25.55 ? 55  PHE A C   1 
ATOM   436  O  O   . PHE A 1 55  ? -11.547 0.890   -6.811  1.00 25.54 ? 55  PHE A O   1 
ATOM   437  C  CB  . PHE A 1 55  ? -9.490  0.056   -4.913  1.00 24.51 ? 55  PHE A CB  1 
ATOM   438  C  CG  . PHE A 1 55  ? -8.185  -0.641  -4.465  1.00 25.69 ? 55  PHE A CG  1 
ATOM   439  C  CD1 . PHE A 1 55  ? -6.979  -0.530  -5.199  1.00 24.77 ? 55  PHE A CD1 1 
ATOM   440  C  CD2 . PHE A 1 55  ? -8.197  -1.447  -3.308  1.00 26.38 ? 55  PHE A CD2 1 
ATOM   441  C  CE1 . PHE A 1 55  ? -5.807  -1.172  -4.745  1.00 21.81 ? 55  PHE A CE1 1 
ATOM   442  C  CE2 . PHE A 1 55  ? -7.044  -2.098  -2.879  1.00 21.46 ? 55  PHE A CE2 1 
ATOM   443  C  CZ  . PHE A 1 55  ? -5.873  -1.956  -3.587  1.00 22.12 ? 55  PHE A CZ  1 
ATOM   444  N  N   . GLY A 1 56  ? -10.855 3.020   -6.505  1.00 26.37 ? 56  GLY A N   1 
ATOM   445  C  CA  . GLY A 1 56  ? -12.003 3.702   -7.092  1.00 27.79 ? 56  GLY A CA  1 
ATOM   446  C  C   . GLY A 1 56  ? -13.204 3.858   -6.177  1.00 29.12 ? 56  GLY A C   1 
ATOM   447  O  O   . GLY A 1 56  ? -14.293 4.198   -6.610  1.00 28.25 ? 56  GLY A O   1 
ATOM   448  N  N   . GLY A 1 57  ? -12.993 3.613   -4.888  1.00 29.57 ? 57  GLY A N   1 
ATOM   449  C  CA  . GLY A 1 57  ? -14.032 3.743   -3.895  1.00 31.36 ? 57  GLY A CA  1 
ATOM   450  C  C   . GLY A 1 57  ? -14.295 5.164   -3.441  1.00 32.67 ? 57  GLY A C   1 
ATOM   451  O  O   . GLY A 1 57  ? -15.286 5.381   -2.761  1.00 33.23 ? 57  GLY A O   1 
ATOM   452  N  N   . THR A 1 58  ? -13.410 6.111   -3.741  1.00 32.42 ? 58  THR A N   1 
ATOM   453  C  CA  . THR A 1 58  ? -13.705 7.532   -3.475  1.00 34.96 ? 58  THR A CA  1 
ATOM   454  C  C   . THR A 1 58  ? -12.953 8.276   -4.548  1.00 36.14 ? 58  THR A C   1 
ATOM   455  O  O   . THR A 1 58  ? -11.950 7.764   -5.082  1.00 34.63 ? 58  THR A O   1 
ATOM   456  C  CB  . THR A 1 58  ? -13.262 8.089   -2.055  1.00 33.52 ? 58  THR A CB  1 
ATOM   457  O  OG1 . THR A 1 58  ? -11.897 7.780   -1.839  1.00 33.51 ? 58  THR A OG1 1 
ATOM   458  C  CG2 . THR A 1 58  ? -13.894 7.358   -0.918  1.00 34.68 ? 58  THR A CG2 1 
ATOM   459  N  N   . ASP A 1 59  ? -13.420 9.505   -4.790  1.00 38.76 ? 59  ASP A N   1 
ATOM   460  C  CA  . ASP A 1 59  ? -12.854 10.435  -5.768  1.00 41.54 ? 59  ASP A CA  1 
ATOM   461  C  C   . ASP A 1 59  ? -11.449 10.813  -5.366  1.00 41.42 ? 59  ASP A C   1 
ATOM   462  O  O   . ASP A 1 59  ? -10.562 10.890  -6.214  1.00 41.59 ? 59  ASP A O   1 
ATOM   463  C  CB  . ASP A 1 59  ? -13.670 11.733  -5.796  1.00 42.75 ? 59  ASP A CB  1 
ATOM   464  C  CG  . ASP A 1 59  ? -15.066 11.552  -6.389  1.00 49.90 ? 59  ASP A CG  1 
ATOM   465  O  OD1 . ASP A 1 59  ? -15.240 10.638  -7.249  1.00 54.02 ? 59  ASP A OD1 1 
ATOM   466  O  OD2 . ASP A 1 59  ? -16.049 12.297  -6.069  1.00 56.36 ? 59  ASP A OD2 1 
ATOM   467  N  N   . LYS A 1 60  ? -11.265 11.056  -4.057  1.00 41.49 ? 60  LYS A N   1 
ATOM   468  C  CA  . LYS A 1 60  ? -10.024 11.657  -3.564  1.00 41.26 ? 60  LYS A CA  1 
ATOM   469  C  C   . LYS A 1 60  ? -9.496  10.915  -2.373  1.00 39.78 ? 60  LYS A C   1 
ATOM   470  O  O   . LYS A 1 60  ? -10.210 10.153  -1.753  1.00 40.32 ? 60  LYS A O   1 
ATOM   471  C  CB  . LYS A 1 60  ? -10.272 13.106  -3.168  1.00 41.73 ? 60  LYS A CB  1 
ATOM   472  C  CG  . LYS A 1 60  ? -10.601 14.066  -4.352  1.00 46.88 ? 60  LYS A CG  1 
ATOM   473  C  CD  . LYS A 1 60  ? -10.754 15.528  -3.841  1.00 55.37 ? 60  LYS A CD  1 
ATOM   474  C  CE  . LYS A 1 60  ? -11.098 15.581  -2.286  1.00 59.58 ? 60  LYS A CE  1 
ATOM   475  N  NZ  . LYS A 1 60  ? -11.391 16.983  -1.803  1.00 62.91 ? 60  LYS A NZ  1 
ATOM   476  N  N   . TYR A 1 61  ? -8.217  11.152  -2.087  1.00 38.93 ? 61  TYR A N   1 
ATOM   477  C  CA  . TYR A 1 61  ? -7.547  10.740  -0.843  1.00 37.72 ? 61  TYR A CA  1 
ATOM   478  C  C   . TYR A 1 61  ? -7.358  11.990  0.086   1.00 37.89 ? 61  TYR A C   1 
ATOM   479  O  O   . TYR A 1 61  ? -6.736  12.987  -0.319  1.00 37.53 ? 61  TYR A O   1 
ATOM   480  C  CB  . TYR A 1 61  ? -6.189  10.099  -1.155  1.00 36.39 ? 61  TYR A CB  1 
ATOM   481  C  CG  . TYR A 1 61  ? -5.382  9.837   0.100   1.00 32.64 ? 61  TYR A CG  1 
ATOM   482  C  CD1 . TYR A 1 61  ? -5.954  9.127   1.152   1.00 28.71 ? 61  TYR A CD1 1 
ATOM   483  C  CD2 . TYR A 1 61  ? -4.076  10.320  0.249   1.00 28.30 ? 61  TYR A CD2 1 
ATOM   484  C  CE1 . TYR A 1 61  ? -5.276  8.883   2.261   1.00 25.96 ? 61  TYR A CE1 1 
ATOM   485  C  CE2 . TYR A 1 61  ? -3.342  10.055  1.432   1.00 27.75 ? 61  TYR A CE2 1 
ATOM   486  C  CZ  . TYR A 1 61  ? -3.980  9.340   2.436   1.00 26.25 ? 61  TYR A CZ  1 
ATOM   487  O  OH  . TYR A 1 61  ? -3.391  9.037   3.665   1.00 27.93 ? 61  TYR A OH  1 
ATOM   488  N  N   . ASP A 1 62  ? -7.896  11.925  1.301   1.00 37.31 ? 62  ASP A N   1 
ATOM   489  C  CA  . ASP A 1 62  ? -7.712  13.004  2.248   1.00 37.59 ? 62  ASP A CA  1 
ATOM   490  C  C   . ASP A 1 62  ? -6.461  12.700  3.095   1.00 36.10 ? 62  ASP A C   1 
ATOM   491  O  O   . ASP A 1 62  ? -6.547  12.005  4.130   1.00 35.33 ? 62  ASP A O   1 
ATOM   492  C  CB  . ASP A 1 62  ? -8.958  13.061  3.127   1.00 39.91 ? 62  ASP A CB  1 
ATOM   493  C  CG  . ASP A 1 62  ? -8.873  14.115  4.226   1.00 42.72 ? 62  ASP A CG  1 
ATOM   494  O  OD1 . ASP A 1 62  ? -8.311  15.201  3.955   1.00 48.92 ? 62  ASP A OD1 1 
ATOM   495  O  OD2 . ASP A 1 62  ? -9.318  13.914  5.386   1.00 48.22 ? 62  ASP A OD2 1 
ATOM   496  N  N   . GLY A 1 63  ? -5.303  13.166  2.624   1.00 34.00 ? 63  GLY A N   1 
ATOM   497  C  CA  . GLY A 1 63  ? -4.016  12.859  3.248   1.00 31.42 ? 63  GLY A CA  1 
ATOM   498  C  C   . GLY A 1 63  ? -2.905  13.353  2.345   1.00 29.22 ? 63  GLY A C   1 
ATOM   499  O  O   . GLY A 1 63  ? -3.151  14.033  1.364   1.00 30.60 ? 63  GLY A O   1 
ATOM   500  N  N   . ARG A 1 64  ? -1.676  12.994  2.654   1.00 28.63 ? 64  ARG A N   1 
ATOM   501  C  CA  . ARG A 1 64  ? -0.513  13.491  1.889   1.00 27.54 ? 64  ARG A CA  1 
ATOM   502  C  C   . ARG A 1 64  ? -0.337  12.867  0.509   1.00 25.57 ? 64  ARG A C   1 
ATOM   503  O  O   . ARG A 1 64  ? -0.784  11.733  0.254   1.00 24.69 ? 64  ARG A O   1 
ATOM   504  C  CB  . ARG A 1 64  ? 0.760   13.236  2.663   1.00 26.64 ? 64  ARG A CB  1 
ATOM   505  C  CG  . ARG A 1 64  ? 0.974   14.154  3.852   1.00 32.53 ? 64  ARG A CG  1 
ATOM   506  C  CD  . ARG A 1 64  ? 2.266   13.779  4.557   1.00 37.39 ? 64  ARG A CD  1 
ATOM   507  N  NE  . ARG A 1 64  ? 2.419   14.534  5.777   1.00 49.26 ? 64  ARG A NE  1 
ATOM   508  C  CZ  . ARG A 1 64  ? 1.792   14.284  6.971   1.00 56.05 ? 64  ARG A CZ  1 
ATOM   509  N  NH1 . ARG A 1 64  ? 0.901   13.269  7.133   1.00 57.59 ? 64  ARG A NH1 1 
ATOM   510  N  NH2 . ARG A 1 64  ? 2.070   15.060  8.023   1.00 53.92 ? 64  ARG A NH2 1 
ATOM   511  N  N   . TYR A 1 65  ? 0.293   13.636  -0.392  1.00 23.17 ? 65  TYR A N   1 
ATOM   512  C  CA  . TYR A 1 65  ? 0.767   13.080  -1.652  1.00 21.44 ? 65  TYR A CA  1 
ATOM   513  C  C   . TYR A 1 65  ? 1.879   12.096  -1.407  1.00 19.77 ? 65  TYR A C   1 
ATOM   514  O  O   . TYR A 1 65  ? 2.656   12.271  -0.458  1.00 19.86 ? 65  TYR A O   1 
ATOM   515  C  CB  . TYR A 1 65  ? 1.225   14.192  -2.585  1.00 20.35 ? 65  TYR A CB  1 
ATOM   516  C  CG  . TYR A 1 65  ? 0.026   14.984  -3.045  1.00 23.36 ? 65  TYR A CG  1 
ATOM   517  C  CD1 . TYR A 1 65  ? -0.375  16.130  -2.354  1.00 22.47 ? 65  TYR A CD1 1 
ATOM   518  C  CD2 . TYR A 1 65  ? -0.700  14.574  -4.161  1.00 26.15 ? 65  TYR A CD2 1 
ATOM   519  C  CE1 . TYR A 1 65  ? -1.478  16.871  -2.747  1.00 27.75 ? 65  TYR A CE1 1 
ATOM   520  C  CE2 . TYR A 1 65  ? -1.811  15.299  -4.586  1.00 29.28 ? 65  TYR A CE2 1 
ATOM   521  C  CZ  . TYR A 1 65  ? -2.200  16.449  -3.839  1.00 31.16 ? 65  TYR A CZ  1 
ATOM   522  O  OH  . TYR A 1 65  ? -3.294  17.181  -4.212  1.00 36.47 ? 65  TYR A OH  1 
ATOM   523  N  N   . MET A 1 66  ? 2.002   11.115  -2.293  1.00 19.10 ? 66  MET A N   1 
ATOM   524  C  CA  . MET A 1 66  ? 3.032   10.051  -2.118  1.00 19.56 ? 66  MET A CA  1 
ATOM   525  C  C   . MET A 1 66  ? 4.440   10.555  -2.056  1.00 19.47 ? 66  MET A C   1 
ATOM   526  O  O   . MET A 1 66  ? 5.271   10.001  -1.329  1.00 18.33 ? 66  MET A O   1 
ATOM   527  C  CB  . MET A 1 66  ? 2.913   8.996   -3.225  1.00 19.01 ? 66  MET A CB  1 
ATOM   528  C  CG  . MET A 1 66  ? 1.602   8.181   -3.060  1.00 19.28 ? 66  MET A CG  1 
ATOM   529  S  SD  . MET A 1 66  ? 1.405   7.275   -1.516  1.00 19.54 ? 66  MET A SD  1 
ATOM   530  C  CE  . MET A 1 66  ? 0.389   8.424   -0.590  1.00 17.69 ? 66  MET A CE  1 
ATOM   531  N  N   . ARG A 1 67  ? 4.750   11.573  -2.868  1.00 18.19 ? 67  ARG A N   1 
ATOM   532  C  CA  . ARG A 1 67  ? 6.115   12.061  -2.899  1.00 18.68 ? 67  ARG A CA  1 
ATOM   533  C  C   . ARG A 1 67  ? 6.489   12.715  -1.562  1.00 19.60 ? 67  ARG A C   1 
ATOM   534  O  O   . ARG A 1 67  ? 7.547   12.360  -0.966  1.00 19.73 ? 67  ARG A O   1 
ATOM   535  C  CB  . ARG A 1 67  ? 6.338   13.002  -4.095  1.00 18.76 ? 67  ARG A CB  1 
ATOM   536  C  CG  . ARG A 1 67  ? 7.759   13.552  -4.195  1.00 18.11 ? 67  ARG A CG  1 
ATOM   537  C  CD  . ARG A 1 67  ? 7.984   14.479  -5.437  1.00 22.74 ? 67  ARG A CD  1 
ATOM   538  N  NE  . ARG A 1 67  ? 8.038   13.627  -6.569  1.00 22.03 ? 67  ARG A NE  1 
ATOM   539  C  CZ  . ARG A 1 67  ? 9.144   13.192  -7.162  1.00 23.47 ? 67  ARG A CZ  1 
ATOM   540  N  NH1 . ARG A 1 67  ? 10.318  13.673  -6.849  1.00 22.66 ? 67  ARG A NH1 1 
ATOM   541  N  NH2 . ARG A 1 67  ? 9.041   12.342  -8.168  1.00 22.19 ? 67  ARG A NH2 1 
ATOM   542  N  N   . GLU A 1 68  ? 5.642   13.626  -1.053  1.00 20.33 ? 68  GLU A N   1 
ATOM   543  C  CA  . GLU A 1 68  ? 5.954   14.257  0.226   1.00 22.37 ? 68  GLU A CA  1 
ATOM   544  C  C   . GLU A 1 68  ? 5.886   13.209  1.362   1.00 22.62 ? 68  GLU A C   1 
ATOM   545  O  O   . GLU A 1 68  ? 6.663   13.277  2.320   1.00 21.97 ? 68  GLU A O   1 
ATOM   546  C  CB  . GLU A 1 68  ? 4.989   15.451  0.533   1.00 22.78 ? 68  GLU A CB  1 
ATOM   547  C  CG  . GLU A 1 68  ? 3.519   15.011  0.744   1.00 28.85 ? 68  GLU A CG  1 
ATOM   548  C  CD  . GLU A 1 68  ? 2.546   16.206  0.820   1.00 34.90 ? 68  GLU A CD  1 
ATOM   549  O  OE1 . GLU A 1 68  ? 2.972   17.299  1.267   1.00 39.36 ? 68  GLU A OE1 1 
ATOM   550  O  OE2 . GLU A 1 68  ? 1.392   16.092  0.410   1.00 28.02 ? 68  GLU A OE2 1 
ATOM   551  N  N   . ALA A 1 69  ? 4.956   12.247  1.255   1.00 21.28 ? 69  ALA A N   1 
ATOM   552  C  CA  . ALA A 1 69  ? 4.778   11.236  2.289   1.00 21.02 ? 69  ALA A CA  1 
ATOM   553  C  C   . ALA A 1 69  ? 6.066   10.426  2.519   1.00 21.02 ? 69  ALA A C   1 
ATOM   554  O  O   . ALA A 1 69  ? 6.347   10.032  3.648   1.00 20.97 ? 69  ALA A O   1 
ATOM   555  C  CB  . ALA A 1 69  ? 3.658   10.321  1.920   1.00 19.73 ? 69  ALA A CB  1 
ATOM   556  N  N   . HIS A 1 70  ? 6.827   10.170  1.441   1.00 20.39 ? 70  HIS A N   1 
ATOM   557  C  CA  . HIS A 1 70  ? 7.960   9.223   1.494   1.00 19.08 ? 70  HIS A CA  1 
ATOM   558  C  C   . HIS A 1 70  ? 9.299   9.910   1.408   1.00 19.23 ? 70  HIS A C   1 
ATOM   559  O  O   . HIS A 1 70  ? 10.289  9.257   1.481   1.00 19.44 ? 70  HIS A O   1 
ATOM   560  C  CB  . HIS A 1 70  ? 7.829   8.123   0.451   1.00 18.94 ? 70  HIS A CB  1 
ATOM   561  C  CG  . HIS A 1 70  ? 6.584   7.307   0.631   1.00 18.88 ? 70  HIS A CG  1 
ATOM   562  N  ND1 . HIS A 1 70  ? 5.391   7.622   0.015   1.00 20.75 ? 70  HIS A ND1 1 
ATOM   563  C  CD2 . HIS A 1 70  ? 6.319   6.255   1.443   1.00 19.43 ? 70  HIS A CD2 1 
ATOM   564  C  CE1 . HIS A 1 70  ? 4.462   6.739   0.358   1.00 18.77 ? 70  HIS A CE1 1 
ATOM   565  N  NE2 . HIS A 1 70  ? 4.978   5.951   1.273   1.00 20.01 ? 70  HIS A NE2 1 
ATOM   566  N  N   . LYS A 1 71  ? 9.280   11.246  1.281   1.00 19.69 ? 71  LYS A N   1 
ATOM   567  C  CA  . LYS A 1 71  ? 10.486  12.043  1.038   1.00 20.96 ? 71  LYS A CA  1 
ATOM   568  C  C   . LYS A 1 71  ? 11.611  11.786  2.074   1.00 20.81 ? 71  LYS A C   1 
ATOM   569  O  O   . LYS A 1 71  ? 12.755  11.545  1.702   1.00 19.60 ? 71  LYS A O   1 
ATOM   570  C  CB  . LYS A 1 71  ? 10.125  13.556  1.077   1.00 21.36 ? 71  LYS A CB  1 
ATOM   571  C  CG  . LYS A 1 71  ? 11.364  14.452  0.933   1.00 24.08 ? 71  LYS A CG  1 
ATOM   572  C  CD  . LYS A 1 71  ? 10.941  15.887  1.112   1.00 31.15 ? 71  LYS A CD  1 
ATOM   573  C  CE  . LYS A 1 71  ? 11.725  16.741  0.155   1.00 37.96 ? 71  LYS A CE  1 
ATOM   574  N  NZ  . LYS A 1 71  ? 12.585  17.623  0.909   1.00 42.31 ? 71  LYS A NZ  1 
ATOM   575  N  N   . GLU A 1 72  ? 11.243  11.848  3.367   1.00 21.21 ? 72  GLU A N   1 
ATOM   576  C  CA  . GLU A 1 72  ? 12.209  11.708  4.439   1.00 21.64 ? 72  GLU A CA  1 
ATOM   577  C  C   . GLU A 1 72  ? 12.823  10.311  4.447   1.00 20.19 ? 72  GLU A C   1 
ATOM   578  O  O   . GLU A 1 72  ? 14.034  10.145  4.777   1.00 18.87 ? 72  GLU A O   1 
ATOM   579  C  CB  . GLU A 1 72  ? 11.547  12.094  5.763   1.00 22.63 ? 72  GLU A CB  1 
ATOM   580  C  CG  . GLU A 1 72  ? 12.486  12.274  6.936   1.00 26.26 ? 72  GLU A CG  1 
ATOM   581  C  CD  . GLU A 1 72  ? 12.884  10.970  7.637   1.00 28.72 ? 72  GLU A CD  1 
ATOM   582  O  OE1 . GLU A 1 72  ? 12.178  9.908   7.515   1.00 29.43 ? 72  GLU A OE1 1 
ATOM   583  O  OE2 . GLU A 1 72  ? 13.953  11.004  8.317   1.00 27.88 ? 72  GLU A OE2 1 
ATOM   584  N  N   . LEU A 1 73  ? 12.040  9.317   4.012   1.00 20.02 ? 73  LEU A N   1 
ATOM   585  C  CA  . LEU A 1 73  ? 12.539  7.917   3.902   1.00 20.26 ? 73  LEU A CA  1 
ATOM   586  C  C   . LEU A 1 73  ? 13.604  7.799   2.795   1.00 20.63 ? 73  LEU A C   1 
ATOM   587  O  O   . LEU A 1 73  ? 14.618  7.159   2.963   1.00 19.77 ? 73  LEU A O   1 
ATOM   588  C  CB  . LEU A 1 73  ? 11.410  6.955   3.591   1.00 21.11 ? 73  LEU A CB  1 
ATOM   589  C  CG  . LEU A 1 73  ? 10.135  7.041   4.451   1.00 23.70 ? 73  LEU A CG  1 
ATOM   590  C  CD1 . LEU A 1 73  ? 9.149   5.974   3.852   1.00 22.21 ? 73  LEU A CD1 1 
ATOM   591  C  CD2 . LEU A 1 73  ? 10.479  6.754   5.946   1.00 21.07 ? 73  LEU A CD2 1 
ATOM   592  N  N   . VAL A 1 74  ? 13.316  8.413   1.655   1.00 20.27 ? 74  VAL A N   1 
ATOM   593  C  CA  . VAL A 1 74  ? 14.273  8.414   0.498   1.00 20.39 ? 74  VAL A CA  1 
ATOM   594  C  C   . VAL A 1 74  ? 15.573  9.169   0.869   1.00 20.01 ? 74  VAL A C   1 
ATOM   595  O  O   . VAL A 1 74  ? 16.680  8.726   0.586   1.00 20.16 ? 74  VAL A O   1 
ATOM   596  C  CB  . VAL A 1 74  ? 13.591  9.094   -0.750  1.00 19.86 ? 74  VAL A CB  1 
ATOM   597  C  CG1 . VAL A 1 74  ? 14.599  9.341   -1.879  1.00 22.15 ? 74  VAL A CG1 1 
ATOM   598  C  CG2 . VAL A 1 74  ? 12.394  8.289   -1.259  1.00 16.99 ? 74  VAL A CG2 1 
ATOM   599  N  N   . GLU A 1 75  ? 15.417  10.342  1.414   1.00 20.34 ? 75  GLU A N   1 
ATOM   600  C  CA  . GLU A 1 75  ? 16.518  11.269  1.684   1.00 22.13 ? 75  GLU A CA  1 
ATOM   601  C  C   . GLU A 1 75  ? 17.367  10.855  2.857   1.00 22.10 ? 75  GLU A C   1 
ATOM   602  O  O   . GLU A 1 75  ? 18.572  11.006  2.784   1.00 20.83 ? 75  GLU A O   1 
ATOM   603  C  CB  . GLU A 1 75  ? 15.990  12.693  1.942   1.00 22.44 ? 75  GLU A CB  1 
ATOM   604  C  CG  . GLU A 1 75  ? 15.408  13.284  0.685   1.00 28.68 ? 75  GLU A CG  1 
ATOM   605  C  CD  . GLU A 1 75  ? 15.021  14.746  0.800   1.00 34.09 ? 75  GLU A CD  1 
ATOM   606  O  OE1 . GLU A 1 75  ? 14.989  15.358  1.905   1.00 35.90 ? 75  GLU A OE1 1 
ATOM   607  O  OE2 . GLU A 1 75  ? 14.682  15.254  -0.265  1.00 39.78 ? 75  GLU A OE2 1 
ATOM   608  N  N   . ASN A 1 76  ? 16.754  10.286  3.913   1.00 21.46 ? 76  ASN A N   1 
ATOM   609  C  CA  . ASN A 1 76  ? 17.525  9.958   5.132   1.00 21.55 ? 76  ASN A CA  1 
ATOM   610  C  C   . ASN A 1 76  ? 17.751  8.487   5.406   1.00 20.26 ? 76  ASN A C   1 
ATOM   611  O  O   . ASN A 1 76  ? 18.633  8.181   6.179   1.00 20.17 ? 76  ASN A O   1 
ATOM   612  C  CB  . ASN A 1 76  ? 16.926  10.666  6.356   1.00 21.70 ? 76  ASN A CB  1 
ATOM   613  C  CG  . ASN A 1 76  ? 16.842  12.160  6.150   1.00 24.88 ? 76  ASN A CG  1 
ATOM   614  O  OD1 . ASN A 1 76  ? 17.654  12.743  5.412   1.00 25.20 ? 76  ASN A OD1 1 
ATOM   615  N  ND2 . ASN A 1 76  ? 15.845  12.782  6.732   1.00 26.26 ? 76  ASN A ND2 1 
ATOM   616  N  N   . HIS A 1 77  ? 16.976  7.586   4.764   1.00 19.83 ? 77  HIS A N   1 
ATOM   617  C  CA  . HIS A 1 77  ? 16.935  6.154   5.190   1.00 20.12 ? 77  HIS A CA  1 
ATOM   618  C  C   . HIS A 1 77  ? 17.112  5.203   4.061   1.00 20.69 ? 77  HIS A C   1 
ATOM   619  O  O   . HIS A 1 77  ? 16.816  4.012   4.198   1.00 21.89 ? 77  HIS A O   1 
ATOM   620  C  CB  . HIS A 1 77  ? 15.674  5.826   6.034   1.00 18.51 ? 77  HIS A CB  1 
ATOM   621  C  CG  . HIS A 1 77  ? 15.495  6.788   7.188   1.00 21.17 ? 77  HIS A CG  1 
ATOM   622  N  ND1 . HIS A 1 77  ? 16.257  6.750   8.346   1.00 17.99 ? 77  HIS A ND1 1 
ATOM   623  C  CD2 . HIS A 1 77  ? 14.744  7.903   7.287   1.00 18.53 ? 77  HIS A CD2 1 
ATOM   624  C  CE1 . HIS A 1 77  ? 15.941  7.772   9.116   1.00 19.02 ? 77  HIS A CE1 1 
ATOM   625  N  NE2 . HIS A 1 77  ? 15.025  8.483   8.494   1.00 18.26 ? 77  HIS A NE2 1 
ATOM   626  N  N   . GLY A 1 78  ? 17.545  5.720   2.906   1.00 20.28 ? 78  GLY A N   1 
ATOM   627  C  CA  . GLY A 1 78  ? 17.915  4.839   1.807   1.00 20.01 ? 78  GLY A CA  1 
ATOM   628  C  C   . GLY A 1 78  ? 16.751  4.133   1.109   1.00 21.28 ? 78  GLY A C   1 
ATOM   629  O  O   . GLY A 1 78  ? 16.942  3.104   0.423   1.00 19.63 ? 78  GLY A O   1 
ATOM   630  N  N   . LEU A 1 79  ? 15.549  4.692   1.213   1.00 21.11 ? 79  LEU A N   1 
ATOM   631  C  CA  . LEU A 1 79  ? 14.406  4.008   0.539   1.00 21.81 ? 79  LEU A CA  1 
ATOM   632  C  C   . LEU A 1 79  ? 14.686  3.895   -0.975  1.00 21.72 ? 79  LEU A C   1 
ATOM   633  O  O   . LEU A 1 79  ? 14.891  4.909   -1.620  1.00 20.30 ? 79  LEU A O   1 
ATOM   634  C  CB  . LEU A 1 79  ? 13.093  4.789   0.769   1.00 20.81 ? 79  LEU A CB  1 
ATOM   635  C  CG  . LEU A 1 79  ? 11.841  4.077   0.191   1.00 23.48 ? 79  LEU A CG  1 
ATOM   636  C  CD1 . LEU A 1 79  ? 11.544  2.864   1.116   1.00 20.74 ? 79  LEU A CD1 1 
ATOM   637  C  CD2 . LEU A 1 79  ? 10.643  5.121   0.124   1.00 21.72 ? 79  LEU A CD2 1 
ATOM   638  N  N   . ASN A 1 80  ? 14.607  2.671   -1.509  1.00 22.55 ? 80  ASN A N   1 
ATOM   639  C  CA  . ASN A 1 80  ? 14.877  2.357   -2.919  1.00 23.15 ? 80  ASN A CA  1 
ATOM   640  C  C   . ASN A 1 80  ? 13.889  1.335   -3.591  1.00 22.72 ? 80  ASN A C   1 
ATOM   641  O  O   . ASN A 1 80  ? 12.894  0.914   -2.978  1.00 21.49 ? 80  ASN A O   1 
ATOM   642  C  CB  . ASN A 1 80  ? 16.347  1.863   -3.056  1.00 23.60 ? 80  ASN A CB  1 
ATOM   643  C  CG  . ASN A 1 80  ? 16.577  0.500   -2.381  1.00 26.40 ? 80  ASN A CG  1 
ATOM   644  O  OD1 . ASN A 1 80  ? 15.687  -0.371  -2.334  1.00 24.84 ? 80  ASN A OD1 1 
ATOM   645  N  ND2 . ASN A 1 80  ? 17.774  0.322   -1.838  1.00 24.73 ? 80  ASN A ND2 1 
ATOM   646  N  N   . GLY A 1 81  ? 14.203  0.926   -4.823  1.00 22.57 ? 81  GLY A N   1 
ATOM   647  C  CA  . GLY A 1 81  ? 13.361  0.057   -5.646  1.00 22.85 ? 81  GLY A CA  1 
ATOM   648  C  C   . GLY A 1 81  ? 13.122  -1.310  -5.035  1.00 23.69 ? 81  GLY A C   1 
ATOM   649  O  O   . GLY A 1 81  ? 12.045  -1.892  -5.192  1.00 23.62 ? 81  GLY A O   1 
ATOM   650  N  N   . GLU A 1 82  ? 14.105  -1.809  -4.290  1.00 24.05 ? 82  GLU A N   1 
ATOM   651  C  CA  . GLU A 1 82  ? 13.977  -3.113  -3.639  1.00 26.24 ? 82  GLU A CA  1 
ATOM   652  C  C   . GLU A 1 82  ? 12.939  -3.084  -2.520  1.00 23.84 ? 82  GLU A C   1 
ATOM   653  O  O   . GLU A 1 82  ? 12.175  -4.022  -2.377  1.00 22.93 ? 82  GLU A O   1 
ATOM   654  C  CB  . GLU A 1 82  ? 15.295  -3.552  -3.010  1.00 27.20 ? 82  GLU A CB  1 
ATOM   655  C  CG  . GLU A 1 82  ? 16.470  -3.269  -3.902  1.00 38.21 ? 82  GLU A CG  1 
ATOM   656  C  CD  . GLU A 1 82  ? 16.543  -4.192  -5.093  1.00 49.25 ? 82  GLU A CD  1 
ATOM   657  O  OE1 . GLU A 1 82  ? 15.859  -3.942  -6.170  1.00 53.59 ? 82  GLU A OE1 1 
ATOM   658  O  OE2 . GLU A 1 82  ? 17.327  -5.163  -4.928  1.00 54.20 ? 82  GLU A OE2 1 
ATOM   659  N  N   . HIS A 1 83  ? 12.964  -2.021  -1.711  1.00 21.14 ? 83  HIS A N   1 
ATOM   660  C  CA  . HIS A 1 83  ? 11.945  -1.786  -0.671  1.00 20.21 ? 83  HIS A CA  1 
ATOM   661  C  C   . HIS A 1 83  ? 10.588  -1.635  -1.311  1.00 19.80 ? 83  HIS A C   1 
ATOM   662  O  O   . HIS A 1 83  ? 9.627   -2.194  -0.832  1.00 20.15 ? 83  HIS A O   1 
ATOM   663  C  CB  . HIS A 1 83  ? 12.262  -0.494  0.077   1.00 19.70 ? 83  HIS A CB  1 
ATOM   664  C  CG  . HIS A 1 83  ? 13.636  -0.488  0.643   1.00 23.42 ? 83  HIS A CG  1 
ATOM   665  N  ND1 . HIS A 1 83  ? 14.524  0.557   0.496   1.00 22.13 ? 83  HIS A ND1 1 
ATOM   666  C  CD2 . HIS A 1 83  ? 14.287  -1.454  1.331   1.00 22.56 ? 83  HIS A CD2 1 
ATOM   667  C  CE1 . HIS A 1 83  ? 15.654  0.233   1.087   1.00 22.05 ? 83  HIS A CE1 1 
ATOM   668  N  NE2 . HIS A 1 83  ? 15.536  -0.990  1.583   1.00 22.20 ? 83  HIS A NE2 1 
ATOM   669  N  N   . PHE A 1 84  ? 10.496  -0.815  -2.361  1.00 20.89 ? 84  PHE A N   1 
ATOM   670  C  CA  . PHE A 1 84  ? 9.241   -0.678  -3.129  1.00 20.05 ? 84  PHE A CA  1 
ATOM   671  C  C   . PHE A 1 84  ? 8.674   -2.061  -3.592  1.00 20.48 ? 84  PHE A C   1 
ATOM   672  O  O   . PHE A 1 84  ? 7.466   -2.371  -3.446  1.00 19.96 ? 84  PHE A O   1 
ATOM   673  C  CB  . PHE A 1 84  ? 9.488   0.254   -4.318  1.00 20.04 ? 84  PHE A CB  1 
ATOM   674  C  CG  . PHE A 1 84  ? 8.207   0.616   -5.062  1.00 20.49 ? 84  PHE A CG  1 
ATOM   675  C  CD1 . PHE A 1 84  ? 7.477   1.758   -4.702  1.00 21.03 ? 84  PHE A CD1 1 
ATOM   676  C  CD2 . PHE A 1 84  ? 7.720   -0.214  -6.077  1.00 22.52 ? 84  PHE A CD2 1 
ATOM   677  C  CE1 . PHE A 1 84  ? 6.294   2.077   -5.347  1.00 20.40 ? 84  PHE A CE1 1 
ATOM   678  C  CE2 . PHE A 1 84  ? 6.505   0.092   -6.766  1.00 23.59 ? 84  PHE A CE2 1 
ATOM   679  C  CZ  . PHE A 1 84  ? 5.803   1.248   -6.406  1.00 22.44 ? 84  PHE A CZ  1 
ATOM   680  N  N   . ASP A 1 85  ? 9.536   -2.877  -4.186  1.00 20.74 ? 85  ASP A N   1 
ATOM   681  C  CA  . ASP A 1 85  ? 9.094   -4.179  -4.646  1.00 23.64 ? 85  ASP A CA  1 
ATOM   682  C  C   . ASP A 1 85  ? 8.666   -5.105  -3.481  1.00 23.64 ? 85  ASP A C   1 
ATOM   683  O  O   . ASP A 1 85  ? 7.734   -5.877  -3.648  1.00 22.84 ? 85  ASP A O   1 
ATOM   684  C  CB  . ASP A 1 85  ? 10.228  -4.843  -5.426  1.00 24.94 ? 85  ASP A CB  1 
ATOM   685  C  CG  . ASP A 1 85  ? 10.482  -4.190  -6.739  1.00 27.25 ? 85  ASP A CG  1 
ATOM   686  O  OD1 . ASP A 1 85  ? 9.627   -3.490  -7.337  1.00 29.92 ? 85  ASP A OD1 1 
ATOM   687  O  OD2 . ASP A 1 85  ? 11.576  -4.285  -7.254  1.00 30.55 ? 85  ASP A OD2 1 
ATOM   688  N  N   . ALA A 1 86  ? 9.355   -5.021  -2.323  1.00 23.84 ? 86  ALA A N   1 
ATOM   689  C  CA  . ALA A 1 86  ? 8.950   -5.739  -1.097  1.00 23.76 ? 86  ALA A CA  1 
ATOM   690  C  C   . ALA A 1 86  ? 7.517   -5.359  -0.627  1.00 23.23 ? 86  ALA A C   1 
ATOM   691  O  O   . ALA A 1 86  ? 6.731   -6.224  -0.225  1.00 20.81 ? 86  ALA A O   1 
ATOM   692  C  CB  . ALA A 1 86  ? 9.972   -5.525  0.069   1.00 23.36 ? 86  ALA A CB  1 
ATOM   693  N  N   . VAL A 1 87  ? 7.203   -4.062  -0.699  1.00 22.47 ? 87  VAL A N   1 
ATOM   694  C  CA  . VAL A 1 87  ? 5.888   -3.583  -0.294  1.00 22.42 ? 87  VAL A CA  1 
ATOM   695  C  C   . VAL A 1 87  ? 4.821   -4.150  -1.247  1.00 22.13 ? 87  VAL A C   1 
ATOM   696  O  O   . VAL A 1 87  ? 3.800   -4.636  -0.787  1.00 21.38 ? 87  VAL A O   1 
ATOM   697  C  CB  . VAL A 1 87  ? 5.869   -2.037  -0.210  1.00 22.94 ? 87  VAL A CB  1 
ATOM   698  C  CG1 . VAL A 1 87  ? 4.446   -1.463  -0.418  1.00 21.51 ? 87  VAL A CG1 1 
ATOM   699  C  CG2 . VAL A 1 87  ? 6.423   -1.619  1.140   1.00 22.45 ? 87  VAL A CG2 1 
ATOM   700  N  N   . ALA A 1 88  ? 5.074   -4.093  -2.547  1.00 23.05 ? 88  ALA A N   1 
ATOM   701  C  CA  . ALA A 1 88  ? 4.093   -4.563  -3.546  1.00 24.61 ? 88  ALA A CA  1 
ATOM   702  C  C   . ALA A 1 88  ? 3.899   -6.039  -3.384  1.00 25.72 ? 88  ALA A C   1 
ATOM   703  O  O   . ALA A 1 88  ? 2.804   -6.528  -3.413  1.00 26.00 ? 88  ALA A O   1 
ATOM   704  C  CB  . ALA A 1 88  ? 4.551   -4.273  -4.988  1.00 25.03 ? 88  ALA A CB  1 
ATOM   705  N  N   . GLU A 1 89  ? 4.992   -6.749  -3.194  1.00 26.09 ? 89  GLU A N   1 
ATOM   706  C  CA  . GLU A 1 89  ? 4.957   -8.182  -3.008  1.00 27.38 ? 89  GLU A CA  1 
ATOM   707  C  C   . GLU A 1 89  ? 4.199   -8.590  -1.733  1.00 27.00 ? 89  GLU A C   1 
ATOM   708  O  O   . GLU A 1 89  ? 3.406   -9.552  -1.769  1.00 27.28 ? 89  GLU A O   1 
ATOM   709  C  CB  . GLU A 1 89  ? 6.395   -8.665  -2.997  1.00 28.93 ? 89  GLU A CB  1 
ATOM   710  C  CG  . GLU A 1 89  ? 6.655   -10.141 -2.782  1.00 34.21 ? 89  GLU A CG  1 
ATOM   711  C  CD  . GLU A 1 89  ? 8.136   -10.360 -2.480  1.00 40.64 ? 89  GLU A CD  1 
ATOM   712  O  OE1 . GLU A 1 89  ? 8.993   -9.572  -2.956  1.00 42.60 ? 89  GLU A OE1 1 
ATOM   713  O  OE2 . GLU A 1 89  ? 8.431   -11.282 -1.704  1.00 41.54 ? 89  GLU A OE2 1 
ATOM   714  N  N   . ASP A 1 90  ? 4.385   -7.848  -0.644  1.00 24.77 ? 90  ASP A N   1 
ATOM   715  C  CA  . ASP A 1 90  ? 3.708   -8.102  0.616   1.00 24.17 ? 90  ASP A CA  1 
ATOM   716  C  C   . ASP A 1 90  ? 2.207   -7.829  0.472   1.00 24.27 ? 90  ASP A C   1 
ATOM   717  O  O   . ASP A 1 90  ? 1.372   -8.519  1.071   1.00 25.08 ? 90  ASP A O   1 
ATOM   718  C  CB  . ASP A 1 90  ? 4.258   -7.186  1.733   1.00 23.99 ? 90  ASP A CB  1 
ATOM   719  C  CG  . ASP A 1 90  ? 5.609   -7.652  2.259   1.00 26.03 ? 90  ASP A CG  1 
ATOM   720  O  OD1 . ASP A 1 90  ? 6.076   -8.727  1.817   1.00 23.89 ? 90  ASP A OD1 1 
ATOM   721  O  OD2 . ASP A 1 90  ? 6.296   -6.964  3.049   1.00 22.33 ? 90  ASP A OD2 1 
ATOM   722  N  N   . LEU A 1 91  ? 1.861   -6.775  -0.259  1.00 23.83 ? 91  LEU A N   1 
ATOM   723  C  CA  . LEU A 1 91  ? 0.439   -6.461  -0.449  1.00 24.46 ? 91  LEU A CA  1 
ATOM   724  C  C   . LEU A 1 91  ? -0.248  -7.605  -1.209  1.00 24.36 ? 91  LEU A C   1 
ATOM   725  O  O   . LEU A 1 91  ? -1.379  -8.018  -0.871  1.00 24.52 ? 91  LEU A O   1 
ATOM   726  C  CB  . LEU A 1 91  ? 0.251   -5.118  -1.172  1.00 23.73 ? 91  LEU A CB  1 
ATOM   727  C  CG  . LEU A 1 91  ? -1.192  -4.713  -1.491  1.00 25.29 ? 91  LEU A CG  1 
ATOM   728  C  CD1 . LEU A 1 91  ? -2.029  -4.566  -0.175  1.00 23.42 ? 91  LEU A CD1 1 
ATOM   729  C  CD2 . LEU A 1 91  ? -1.243  -3.405  -2.321  1.00 24.18 ? 91  LEU A CD2 1 
ATOM   730  N  N   . LEU A 1 92  ? 0.396   -8.063  -2.266  1.00 25.25 ? 92  LEU A N   1 
ATOM   731  C  CA  . LEU A 1 92  ? -0.225  -9.055  -3.151  1.00 27.03 ? 92  LEU A CA  1 
ATOM   732  C  C   . LEU A 1 92  ? -0.292  -10.422 -2.471  1.00 27.87 ? 92  LEU A C   1 
ATOM   733  O  O   . LEU A 1 92  ? -1.281  -11.141 -2.651  1.00 27.81 ? 92  LEU A O   1 
ATOM   734  C  CB  . LEU A 1 92  ? 0.483   -9.116  -4.499  1.00 25.80 ? 92  LEU A CB  1 
ATOM   735  C  CG  . LEU A 1 92  ? 0.540   -7.807  -5.310  1.00 26.64 ? 92  LEU A CG  1 
ATOM   736  C  CD1 . LEU A 1 92  ? 1.298   -8.087  -6.570  1.00 27.35 ? 92  LEU A CD1 1 
ATOM   737  C  CD2 . LEU A 1 92  ? -0.821  -7.190  -5.608  1.00 25.36 ? 92  LEU A CD2 1 
ATOM   738  N  N   . ALA A 1 93  ? 0.700   -10.707 -1.626  1.00 27.49 ? 93  ALA A N   1 
ATOM   739  C  CA  . ALA A 1 93  ? 0.756   -11.938 -0.801  1.00 28.18 ? 93  ALA A CA  1 
ATOM   740  C  C   . ALA A 1 93  ? -0.388  -11.984 0.163   1.00 28.22 ? 93  ALA A C   1 
ATOM   741  O  O   . ALA A 1 93  ? -1.036  -13.035 0.286   1.00 27.47 ? 93  ALA A O   1 
ATOM   742  C  CB  . ALA A 1 93  ? 2.078   -12.075 -0.019  1.00 27.67 ? 93  ALA A CB  1 
ATOM   743  N  N   . THR A 1 94  ? -0.662  -10.840 0.803   1.00 27.12 ? 94  THR A N   1 
ATOM   744  C  CA  . THR A 1 94  ? -1.748  -10.695 1.764   1.00 28.24 ? 94  THR A CA  1 
ATOM   745  C  C   . THR A 1 94  ? -3.102  -10.965 1.078   1.00 29.41 ? 94  THR A C   1 
ATOM   746  O  O   . THR A 1 94  ? -3.933  -11.719 1.632   1.00 29.18 ? 94  THR A O   1 
ATOM   747  C  CB  . THR A 1 94  ? -1.718  -9.287  2.370   1.00 28.52 ? 94  THR A CB  1 
ATOM   748  O  OG1 . THR A 1 94  ? -0.559  -9.164  3.209   1.00 31.08 ? 94  THR A OG1 1 
ATOM   749  C  CG2 . THR A 1 94  ? -2.952  -9.004  3.259   1.00 26.73 ? 94  THR A CG2 1 
ATOM   750  N  N   . LEU A 1 95  ? -3.322  -10.336 -0.078  1.00 29.64 ? 95  LEU A N   1 
ATOM   751  C  CA  . LEU A 1 95  ? -4.534  -10.581 -0.871  1.00 31.27 ? 95  LEU A CA  1 
ATOM   752  C  C   . LEU A 1 95  ? -4.682  -12.056 -1.277  1.00 32.18 ? 95  LEU A C   1 
ATOM   753  O  O   . LEU A 1 95  ? -5.770  -12.584 -1.176  1.00 32.15 ? 95  LEU A O   1 
ATOM   754  C  CB  . LEU A 1 95  ? -4.579  -9.696  -2.106  1.00 29.26 ? 95  LEU A CB  1 
ATOM   755  C  CG  . LEU A 1 95  ? -4.631  -8.203  -1.801  1.00 28.53 ? 95  LEU A CG  1 
ATOM   756  C  CD1 . LEU A 1 95  ? -4.634  -7.448  -3.079  1.00 26.51 ? 95  LEU A CD1 1 
ATOM   757  C  CD2 . LEU A 1 95  ? -5.857  -7.824  -1.002  1.00 28.87 ? 95  LEU A CD2 1 
ATOM   758  N  N   . LYS A 1 96  ? -3.611  -12.693 -1.756  1.00 34.01 ? 96  LYS A N   1 
ATOM   759  C  CA  . LYS A 1 96  ? -3.653  -14.125 -2.060  1.00 36.01 ? 96  LYS A CA  1 
ATOM   760  C  C   . LYS A 1 96  ? -4.072  -14.956 -0.831  1.00 37.66 ? 96  LYS A C   1 
ATOM   761  O  O   . LYS A 1 96  ? -4.952  -15.804 -0.885  1.00 38.46 ? 96  LYS A O   1 
ATOM   762  C  CB  . LYS A 1 96  ? -2.323  -14.591 -2.593  1.00 36.59 ? 96  LYS A CB  1 
ATOM   763  C  CG  . LYS A 1 96  ? -2.350  -16.040 -2.992  1.00 37.84 ? 96  LYS A CG  1 
ATOM   764  C  CD  . LYS A 1 96  ? -1.034  -16.410 -3.537  1.00 43.57 ? 96  LYS A CD  1 
ATOM   765  C  CE  . LYS A 1 96  ? -1.119  -17.731 -4.317  1.00 47.84 ? 96  LYS A CE  1 
ATOM   766  N  NZ  . LYS A 1 96  ? 0.238   -18.065 -4.860  1.00 49.78 ? 96  LYS A NZ  1 
ATOM   767  N  N   . GLU A 1 97  ? -3.476  -14.661 0.309   1.00 39.05 ? 97  GLU A N   1 
ATOM   768  C  CA  . GLU A 1 97  ? -3.791  -15.337 1.519   1.00 40.07 ? 97  GLU A CA  1 
ATOM   769  C  C   . GLU A 1 97  ? -5.265  -15.174 1.934   1.00 40.05 ? 97  GLU A C   1 
ATOM   770  O  O   . GLU A 1 97  ? -5.838  -16.043 2.601   1.00 40.34 ? 97  GLU A O   1 
ATOM   771  C  CB  . GLU A 1 97  ? -2.883  -14.782 2.558   1.00 40.50 ? 97  GLU A CB  1 
ATOM   772  C  CG  . GLU A 1 97  ? -2.395  -15.828 3.495   1.00 47.84 ? 97  GLU A CG  1 
ATOM   773  C  CD  . GLU A 1 97  ? -2.577  -15.335 4.897   1.00 58.14 ? 97  GLU A CD  1 
ATOM   774  O  OE1 . GLU A 1 97  ? -3.774  -15.297 5.336   1.00 61.13 ? 97  GLU A OE1 1 
ATOM   775  O  OE2 . GLU A 1 97  ? -1.536  -14.942 5.519   1.00 59.15 ? 97  GLU A OE2 1 
ATOM   776  N  N   . MET A 1 98  ? -5.876  -14.071 1.531   1.00 38.95 ? 98  MET A N   1 
ATOM   777  C  CA  . MET A 1 98  ? -7.232  -13.739 1.946   1.00 38.15 ? 98  MET A CA  1 
ATOM   778  C  C   . MET A 1 98  ? -8.229  -14.440 1.033   1.00 38.55 ? 98  MET A C   1 
ATOM   779  O  O   . MET A 1 98  ? -9.430  -14.415 1.316   1.00 38.95 ? 98  MET A O   1 
ATOM   780  C  CB  . MET A 1 98  ? -7.460  -12.228 1.861   1.00 37.32 ? 98  MET A CB  1 
ATOM   781  C  CG  . MET A 1 98  ? -7.019  -11.465 3.088   1.00 34.66 ? 98  MET A CG  1 
ATOM   782  S  SD  . MET A 1 98  ? -7.099  -9.679  2.726   1.00 33.84 ? 98  MET A SD  1 
ATOM   783  C  CE  . MET A 1 98  ? -9.002  -9.320  2.420   1.00 33.63 ? 98  MET A CE  1 
ATOM   784  N  N   . GLY A 1 99  ? -7.735  -14.990 -0.079  1.00 37.92 ? 99  GLY A N   1 
ATOM   785  C  CA  . GLY A 1 99  ? -8.570  -15.707 -1.006  1.00 37.22 ? 99  GLY A CA  1 
ATOM   786  C  C   . GLY A 1 99  ? -9.010  -14.821 -2.125  1.00 36.83 ? 99  GLY A C   1 
ATOM   787  O  O   . GLY A 1 99  ? -9.884  -15.227 -2.892  1.00 37.76 ? 99  GLY A O   1 
ATOM   788  N  N   . VAL A 1 100 ? -8.405  -13.630 -2.257  1.00 35.47 ? 100 VAL A N   1 
ATOM   789  C  CA  . VAL A 1 100 ? -8.712  -12.745 -3.383  1.00 34.14 ? 100 VAL A CA  1 
ATOM   790  C  C   . VAL A 1 100 ? -8.307  -13.476 -4.608  1.00 34.30 ? 100 VAL A C   1 
ATOM   791  O  O   . VAL A 1 100 ? -7.225  -14.033 -4.626  1.00 34.32 ? 100 VAL A O   1 
ATOM   792  C  CB  . VAL A 1 100 ? -8.038  -11.347 -3.291  1.00 34.01 ? 100 VAL A CB  1 
ATOM   793  C  CG1 . VAL A 1 100 ? -8.281  -10.526 -4.581  1.00 32.99 ? 100 VAL A CG1 1 
ATOM   794  C  CG2 . VAL A 1 100 ? -8.522  -10.628 -2.024  1.00 32.61 ? 100 VAL A CG2 1 
ATOM   795  N  N   . PRO A 1 101 ? -9.214  -13.573 -5.589  1.00 35.14 ? 101 PRO A N   1 
ATOM   796  C  CA  . PRO A 1 101 ? -8.926  -14.273 -6.857  1.00 34.88 ? 101 PRO A CA  1 
ATOM   797  C  C   . PRO A 1 101 ? -7.798  -13.626 -7.626  1.00 36.61 ? 101 PRO A C   1 
ATOM   798  O  O   . PRO A 1 101 ? -7.613  -12.378 -7.567  1.00 36.68 ? 101 PRO A O   1 
ATOM   799  C  CB  . PRO A 1 101 ? -10.237 -14.114 -7.667  1.00 35.27 ? 101 PRO A CB  1 
ATOM   800  C  CG  . PRO A 1 101 ? -11.015 -13.154 -6.967  1.00 33.96 ? 101 PRO A CG  1 
ATOM   801  C  CD  . PRO A 1 101 ? -10.612 -13.087 -5.522  1.00 33.81 ? 101 PRO A CD  1 
ATOM   802  N  N   . GLU A 1 102 ? -7.106  -14.439 -8.421  1.00 36.38 ? 102 GLU A N   1 
ATOM   803  C  CA  . GLU A 1 102 ? -5.935  -13.962 -9.160  1.00 37.86 ? 102 GLU A CA  1 
ATOM   804  C  C   . GLU A 1 102 ? -6.183  -12.806 -10.091 1.00 36.19 ? 102 GLU A C   1 
ATOM   805  O  O   . GLU A 1 102 ? -5.352  -11.943 -10.239 1.00 34.95 ? 102 GLU A O   1 
ATOM   806  C  CB  . GLU A 1 102 ? -5.284  -15.099 -9.951  1.00 39.39 ? 102 GLU A CB  1 
ATOM   807  C  CG  . GLU A 1 102 ? -5.245  -16.381 -9.152  1.00 47.57 ? 102 GLU A CG  1 
ATOM   808  C  CD  . GLU A 1 102 ? -3.875  -16.708 -8.533  1.00 58.83 ? 102 GLU A CD  1 
ATOM   809  O  OE1 . GLU A 1 102 ? -3.164  -17.538 -9.203  1.00 61.18 ? 102 GLU A OE1 1 
ATOM   810  O  OE2 . GLU A 1 102 ? -3.537  -16.191 -7.380  1.00 58.98 ? 102 GLU A OE2 1 
ATOM   811  N  N   . ASP A 1 103 ? -7.315  -12.789 -10.768 1.00 35.57 ? 103 ASP A N   1 
ATOM   812  C  CA  . ASP A 1 103 ? -7.598  -11.700 -11.679 1.00 34.20 ? 103 ASP A CA  1 
ATOM   813  C  C   . ASP A 1 103 ? -7.714  -10.308 -10.906 1.00 33.93 ? 103 ASP A C   1 
ATOM   814  O  O   . ASP A 1 103 ? -7.387  -9.238  -11.458 1.00 33.95 ? 103 ASP A O   1 
ATOM   815  C  CB  . ASP A 1 103 ? -8.878  -12.039 -12.451 1.00 35.24 ? 103 ASP A CB  1 
ATOM   816  C  CG  . ASP A 1 103 ? -10.132 -11.865 -11.591 1.00 35.76 ? 103 ASP A CG  1 
ATOM   817  O  OD1 . ASP A 1 103 ? -10.345 -12.691 -10.653 1.00 39.06 ? 103 ASP A OD1 1 
ATOM   818  O  OD2 . ASP A 1 103 ? -10.898 -10.881 -11.738 1.00 38.13 ? 103 ASP A OD2 1 
ATOM   819  N  N   . LEU A 1 104 ? -8.152  -10.337 -9.641  1.00 33.23 ? 104 LEU A N   1 
ATOM   820  C  CA  . LEU A 1 104 ? -8.256  -9.097  -8.855  1.00 32.63 ? 104 LEU A CA  1 
ATOM   821  C  C   . LEU A 1 104 ? -6.886  -8.737  -8.255  1.00 32.98 ? 104 LEU A C   1 
ATOM   822  O  O   . LEU A 1 104 ? -6.485  -7.559  -8.209  1.00 31.55 ? 104 LEU A O   1 
ATOM   823  C  CB  . LEU A 1 104 ? -9.324  -9.205  -7.785  1.00 30.86 ? 104 LEU A CB  1 
ATOM   824  C  CG  . LEU A 1 104 ? -10.787 -9.291  -8.283  1.00 30.09 ? 104 LEU A CG  1 
ATOM   825  C  CD1 . LEU A 1 104 ? -11.787 -9.142  -7.100  1.00 28.08 ? 104 LEU A CD1 1 
ATOM   826  C  CD2 . LEU A 1 104 ? -11.117 -8.321  -9.376  1.00 29.14 ? 104 LEU A CD2 1 
ATOM   827  N  N   . ILE A 1 105 ? -6.160  -9.772  -7.838  1.00 33.37 ? 105 ILE A N   1 
ATOM   828  C  CA  . ILE A 1 105 ? -4.788  -9.585  -7.381  1.00 34.25 ? 105 ILE A CA  1 
ATOM   829  C  C   . ILE A 1 105 ? -4.002  -8.879  -8.454  1.00 33.14 ? 105 ILE A C   1 
ATOM   830  O  O   . ILE A 1 105 ? -3.325  -7.917  -8.153  1.00 33.83 ? 105 ILE A O   1 
ATOM   831  C  CB  . ILE A 1 105 ? -4.106  -10.907 -6.867  1.00 34.44 ? 105 ILE A CB  1 
ATOM   832  C  CG1 . ILE A 1 105 ? -4.823  -11.387 -5.606  1.00 33.93 ? 105 ILE A CG1 1 
ATOM   833  C  CG2 . ILE A 1 105 ? -2.617  -10.640 -6.510  1.00 34.46 ? 105 ILE A CG2 1 
ATOM   834  C  CD1 . ILE A 1 105 ? -4.340  -12.695 -5.078  1.00 33.82 ? 105 ILE A CD1 1 
ATOM   835  N  N   . ALA A 1 106 ? -4.108  -9.333  -9.695  1.00 32.97 ? 106 ALA A N   1 
ATOM   836  C  CA  . ALA A 1 106 ? -3.524  -8.638  -10.857 1.00 32.33 ? 106 ALA A CA  1 
ATOM   837  C  C   . ALA A 1 106 ? -3.903  -7.134  -11.069 1.00 32.42 ? 106 ALA A C   1 
ATOM   838  O  O   . ALA A 1 106 ? -3.023  -6.313  -11.451 1.00 31.49 ? 106 ALA A O   1 
ATOM   839  C  CB  . ALA A 1 106 ? -3.872  -9.367  -12.082 1.00 33.05 ? 106 ALA A CB  1 
ATOM   840  N  N   . GLU A 1 107 ? -5.192  -6.782  -10.909 1.00 30.65 ? 107 GLU A N   1 
ATOM   841  C  CA  . GLU A 1 107 ? -5.630  -5.373  -10.995 1.00 30.45 ? 107 GLU A CA  1 
ATOM   842  C  C   . GLU A 1 107 ? -4.961  -4.529  -9.887  1.00 28.79 ? 107 GLU A C   1 
ATOM   843  O  O   . GLU A 1 107 ? -4.528  -3.407  -10.133 1.00 28.09 ? 107 GLU A O   1 
ATOM   844  C  CB  . GLU A 1 107 ? -7.136  -5.236  -10.801 1.00 30.31 ? 107 GLU A CB  1 
ATOM   845  C  CG  . GLU A 1 107 ? -7.901  -5.689  -12.002 1.00 36.06 ? 107 GLU A CG  1 
ATOM   846  C  CD  . GLU A 1 107 ? -9.363  -5.358  -11.912 1.00 40.10 ? 107 GLU A CD  1 
ATOM   847  O  OE1 . GLU A 1 107 ? -9.708  -4.224  -11.490 1.00 43.04 ? 107 GLU A OE1 1 
ATOM   848  O  OE2 . GLU A 1 107 ? -10.155 -6.254  -12.254 1.00 42.75 ? 107 GLU A OE2 1 
ATOM   849  N  N   . VAL A 1 108 ? -4.887  -5.090  -8.695  1.00 26.84 ? 108 VAL A N   1 
ATOM   850  C  CA  . VAL A 1 108 ? -4.185  -4.430  -7.605  1.00 27.94 ? 108 VAL A CA  1 
ATOM   851  C  C   . VAL A 1 108 ? -2.684  -4.241  -7.925  1.00 27.39 ? 108 VAL A C   1 
ATOM   852  O  O   . VAL A 1 108 ? -2.146  -3.165  -7.659  1.00 27.04 ? 108 VAL A O   1 
ATOM   853  C  CB  . VAL A 1 108 ? -4.344  -5.169  -6.281  1.00 27.00 ? 108 VAL A CB  1 
ATOM   854  C  CG1 . VAL A 1 108 ? -3.419  -4.501  -5.146  1.00 28.91 ? 108 VAL A CG1 1 
ATOM   855  C  CG2 . VAL A 1 108 ? -5.793  -5.132  -5.827  1.00 28.40 ? 108 VAL A CG2 1 
ATOM   856  N  N   . ALA A 1 109 ? -2.032  -5.281  -8.478  1.00 26.24 ? 109 ALA A N   1 
ATOM   857  C  CA  . ALA A 1 109 ? -0.611  -5.206  -8.863  1.00 27.43 ? 109 ALA A CA  1 
ATOM   858  C  C   . ALA A 1 109 ? -0.338  -4.039  -9.829  1.00 27.04 ? 109 ALA A C   1 
ATOM   859  O  O   . ALA A 1 109 ? 0.696   -3.357  -9.711  1.00 26.71 ? 109 ALA A O   1 
ATOM   860  C  CB  . ALA A 1 109 ? -0.120  -6.543  -9.470  1.00 27.48 ? 109 ALA A CB  1 
ATOM   861  N  N   . ALA A 1 110 ? -1.263  -3.826  -10.769 1.00 26.58 ? 110 ALA A N   1 
ATOM   862  C  CA  . ALA A 1 110 ? -1.157  -2.734  -11.737 1.00 27.01 ? 110 ALA A CA  1 
ATOM   863  C  C   . ALA A 1 110 ? -1.253  -1.336  -11.043 1.00 27.51 ? 110 ALA A C   1 
ATOM   864  O  O   . ALA A 1 110 ? -0.576  -0.391  -11.413 1.00 28.05 ? 110 ALA A O   1 
ATOM   865  C  CB  . ALA A 1 110 ? -2.244  -2.901  -12.819 1.00 27.77 ? 110 ALA A CB  1 
ATOM   866  N  N   . VAL A 1 111 ? -2.059  -1.222  -10.004 1.00 25.72 ? 111 VAL A N   1 
ATOM   867  C  CA  . VAL A 1 111 ? -2.112  0.019   -9.242  1.00 26.46 ? 111 VAL A CA  1 
ATOM   868  C  C   . VAL A 1 111 ? -0.808  0.315   -8.441  1.00 26.21 ? 111 VAL A C   1 
ATOM   869  O  O   . VAL A 1 111 ? -0.233  1.448   -8.507  1.00 26.87 ? 111 VAL A O   1 
ATOM   870  C  CB  . VAL A 1 111 ? -3.390  0.000   -8.285  1.00 26.28 ? 111 VAL A CB  1 
ATOM   871  C  CG1 . VAL A 1 111 ? -3.458  1.192   -7.296  1.00 25.12 ? 111 VAL A CG1 1 
ATOM   872  C  CG2 . VAL A 1 111 ? -4.631  -0.071  -9.123  1.00 24.88 ? 111 VAL A CG2 1 
ATOM   873  N  N   . ALA A 1 112 ? -0.418  -0.685  -7.649  1.00 25.12 ? 112 ALA A N   1 
ATOM   874  C  CA  . ALA A 1 112 ? 0.723   -0.649  -6.751  1.00 25.88 ? 112 ALA A CA  1 
ATOM   875  C  C   . ALA A 1 112 ? 2.024   -0.427  -7.531  1.00 24.90 ? 112 ALA A C   1 
ATOM   876  O  O   . ALA A 1 112 ? 2.894   0.274   -7.055  1.00 26.13 ? 112 ALA A O   1 
ATOM   877  C  CB  . ALA A 1 112 ? 0.765   -1.967  -5.856  1.00 24.70 ? 112 ALA A CB  1 
ATOM   878  N  N   . GLY A 1 113 ? 2.093   -0.951  -8.750  1.00 25.23 ? 113 GLY A N   1 
ATOM   879  C  CA  . GLY A 1 113 ? 3.240   -0.816  -9.647  1.00 24.80 ? 113 GLY A CA  1 
ATOM   880  C  C   . GLY A 1 113 ? 3.255   0.273   -10.697 1.00 25.74 ? 113 GLY A C   1 
ATOM   881  O  O   . GLY A 1 113 ? 4.233   0.405   -11.421 1.00 28.07 ? 113 GLY A O   1 
ATOM   882  N  N   . ALA A 1 114 ? 2.205   1.081   -10.808 1.00 25.48 ? 114 ALA A N   1 
ATOM   883  C  CA  . ALA A 1 114 ? 2.218   2.162   -11.778 1.00 25.30 ? 114 ALA A CA  1 
ATOM   884  C  C   . ALA A 1 114 ? 3.429   3.067   -11.537 1.00 25.37 ? 114 ALA A C   1 
ATOM   885  O  O   . ALA A 1 114 ? 3.767   3.362   -10.389 1.00 24.33 ? 114 ALA A O   1 
ATOM   886  C  CB  . ALA A 1 114 ? 0.913   2.966   -11.650 1.00 25.00 ? 114 ALA A CB  1 
ATOM   887  N  N   . PRO A 1 115 ? 4.107   3.482   -12.612 1.00 25.95 ? 115 PRO A N   1 
ATOM   888  C  CA  . PRO A 1 115 ? 5.144   4.515   -12.548 1.00 24.79 ? 115 PRO A CA  1 
ATOM   889  C  C   . PRO A 1 115 ? 4.740   5.806   -11.826 1.00 23.83 ? 115 PRO A C   1 
ATOM   890  O  O   . PRO A 1 115 ? 5.566   6.361   -11.120 1.00 24.00 ? 115 PRO A O   1 
ATOM   891  C  CB  . PRO A 1 115 ? 5.402   4.850   -14.038 1.00 26.32 ? 115 PRO A CB  1 
ATOM   892  C  CG  . PRO A 1 115 ? 5.124   3.567   -14.751 1.00 26.25 ? 115 PRO A CG  1 
ATOM   893  C  CD  . PRO A 1 115 ? 3.974   2.904   -13.970 1.00 26.45 ? 115 PRO A CD  1 
ATOM   894  N  N   . ALA A 1 116 ? 3.524   6.291   -12.024 1.00 23.15 ? 116 ALA A N   1 
ATOM   895  C  CA  . ALA A 1 116 ? 3.082   7.506   -11.312 1.00 22.85 ? 116 ALA A CA  1 
ATOM   896  C  C   . ALA A 1 116 ? 3.067   7.295   -9.784  1.00 22.40 ? 116 ALA A C   1 
ATOM   897  O  O   . ALA A 1 116 ? 3.213   8.254   -9.013  1.00 21.62 ? 116 ALA A O   1 
ATOM   898  C  CB  . ALA A 1 116 ? 1.700   7.959   -11.793 1.00 23.32 ? 116 ALA A CB  1 
ATOM   899  N  N   . HIS A 1 117 ? 2.884   6.044   -9.347  1.00 20.60 ? 117 HIS A N   1 
ATOM   900  C  CA  . HIS A 1 117 ? 3.060   5.724   -7.940  1.00 20.61 ? 117 HIS A CA  1 
ATOM   901  C  C   . HIS A 1 117 ? 4.536   5.557   -7.512  1.00 20.12 ? 117 HIS A C   1 
ATOM   902  O  O   . HIS A 1 117 ? 5.018   6.218   -6.590  1.00 19.55 ? 117 HIS A O   1 
ATOM   903  C  CB  . HIS A 1 117 ? 2.266   4.461   -7.591  1.00 19.45 ? 117 HIS A CB  1 
ATOM   904  C  CG  . HIS A 1 117 ? 2.288   4.184   -6.130  1.00 20.57 ? 117 HIS A CG  1 
ATOM   905  N  ND1 . HIS A 1 117 ? 1.834   5.100   -5.205  1.00 16.77 ? 117 HIS A ND1 1 
ATOM   906  C  CD2 . HIS A 1 117 ? 2.771   3.140   -5.432  1.00 19.08 ? 117 HIS A CD2 1 
ATOM   907  C  CE1 . HIS A 1 117 ? 1.990   4.603   -3.997  1.00 21.62 ? 117 HIS A CE1 1 
ATOM   908  N  NE2 . HIS A 1 117 ? 2.571   3.420   -4.108  1.00 20.68 ? 117 HIS A NE2 1 
ATOM   909  N  N   . LYS A 1 118 ? 5.250   4.654   -8.210  1.00 21.88 ? 118 LYS A N   1 
ATOM   910  C  CA  . LYS A 1 118 ? 6.673   4.359   -7.934  1.00 20.94 ? 118 LYS A CA  1 
ATOM   911  C  C   . LYS A 1 118 ? 7.587   5.600   -7.952  1.00 21.23 ? 118 LYS A C   1 
ATOM   912  O  O   . LYS A 1 118 ? 8.424   5.752   -7.061  1.00 19.40 ? 118 LYS A O   1 
ATOM   913  C  CB  . LYS A 1 118 ? 7.208   3.347   -8.934  1.00 20.99 ? 118 LYS A CB  1 
ATOM   914  C  CG  . LYS A 1 118 ? 8.557   2.750   -8.504  1.00 22.22 ? 118 LYS A CG  1 
ATOM   915  C  CD  . LYS A 1 118 ? 9.041   1.691   -9.434  1.00 23.75 ? 118 LYS A CD  1 
ATOM   916  C  CE  . LYS A 1 118 ? 10.412  1.201   -8.936  1.00 26.09 ? 118 LYS A CE  1 
ATOM   917  N  NZ  . LYS A 1 118 ? 10.822  -0.020  -9.768  1.00 29.17 ? 118 LYS A NZ  1 
ATOM   918  N  N   . ARG A 1 119 ? 7.481   6.445   -9.004  1.00 20.86 ? 119 ARG A N   1 
ATOM   919  C  CA  . ARG A 1 119 ? 8.361   7.610   -9.149  1.00 21.48 ? 119 ARG A CA  1 
ATOM   920  C  C   . ARG A 1 119 ? 8.162   8.574   -7.981  1.00 20.56 ? 119 ARG A C   1 
ATOM   921  O  O   . ARG A 1 119 ? 9.095   9.155   -7.470  1.00 20.64 ? 119 ARG A O   1 
ATOM   922  C  CB  . ARG A 1 119 ? 8.049   8.349   -10.453 1.00 22.09 ? 119 ARG A CB  1 
ATOM   923  C  CG  . ARG A 1 119 ? 8.565   7.646   -11.680 1.00 27.00 ? 119 ARG A CG  1 
ATOM   924  C  CD  . ARG A 1 119 ? 9.982   7.909   -11.811 1.00 35.79 ? 119 ARG A CD  1 
ATOM   925  N  NE  . ARG A 1 119 ? 10.540  7.168   -12.917 1.00 43.83 ? 119 ARG A NE  1 
ATOM   926  C  CZ  . ARG A 1 119 ? 11.487  7.615   -13.698 1.00 46.33 ? 119 ARG A CZ  1 
ATOM   927  N  NH1 . ARG A 1 119 ? 11.984  8.839   -13.521 1.00 47.99 ? 119 ARG A NH1 1 
ATOM   928  N  NH2 . ARG A 1 119 ? 11.899  6.841   -14.693 1.00 49.43 ? 119 ARG A NH2 1 
ATOM   929  N  N   . ASP A 1 120 ? 6.914   8.770   -7.579  1.00 19.77 ? 120 ASP A N   1 
ATOM   930  C  CA  . ASP A 1 120 ? 6.641   9.713   -6.478  1.00 20.45 ? 120 ASP A CA  1 
ATOM   931  C  C   . ASP A 1 120 ? 7.096   9.168   -5.118  1.00 19.99 ? 120 ASP A C   1 
ATOM   932  O  O   . ASP A 1 120 ? 7.845   9.854   -4.400  1.00 20.99 ? 120 ASP A O   1 
ATOM   933  C  CB  . ASP A 1 120 ? 5.170   10.099  -6.478  1.00 19.01 ? 120 ASP A CB  1 
ATOM   934  C  CG  . ASP A 1 120 ? 4.872   11.251  -7.456  1.00 21.72 ? 120 ASP A CG  1 
ATOM   935  O  OD1 . ASP A 1 120 ? 5.655   12.204  -7.604  1.00 19.98 ? 120 ASP A OD1 1 
ATOM   936  O  OD2 . ASP A 1 120 ? 3.820   11.270  -8.098  1.00 21.86 ? 120 ASP A OD2 1 
ATOM   937  N  N   . VAL A 1 121 ? 6.704   7.940   -4.804  1.00 19.02 ? 121 VAL A N   1 
ATOM   938  C  CA  . VAL A 1 121 ? 7.113   7.278   -3.575  1.00 20.30 ? 121 VAL A CA  1 
ATOM   939  C  C   . VAL A 1 121 ? 8.634   7.337   -3.477  1.00 20.04 ? 121 VAL A C   1 
ATOM   940  O  O   . VAL A 1 121 ? 9.203   7.728   -2.453  1.00 20.59 ? 121 VAL A O   1 
ATOM   941  C  CB  . VAL A 1 121 ? 6.625   5.767   -3.525  1.00 19.71 ? 121 VAL A CB  1 
ATOM   942  C  CG1 . VAL A 1 121 ? 7.322   4.999   -2.386  1.00 18.74 ? 121 VAL A CG1 1 
ATOM   943  C  CG2 . VAL A 1 121 ? 5.080   5.644   -3.337  1.00 18.31 ? 121 VAL A CG2 1 
ATOM   944  N  N   . LEU A 1 122 ? 9.322   6.923   -4.539  1.00 21.15 ? 122 LEU A N   1 
ATOM   945  C  CA  . LEU A 1 122 ? 10.794  6.915   -4.471  1.00 20.85 ? 122 LEU A CA  1 
ATOM   946  C  C   . LEU A 1 122 ? 11.450  8.286   -4.754  1.00 20.23 ? 122 LEU A C   1 
ATOM   947  O  O   . LEU A 1 122 ? 12.675  8.411   -4.745  1.00 21.52 ? 122 LEU A O   1 
ATOM   948  C  CB  . LEU A 1 122 ? 11.355  5.811   -5.425  1.00 22.17 ? 122 LEU A CB  1 
ATOM   949  C  CG  . LEU A 1 122 ? 10.908  4.367   -5.100  1.00 22.17 ? 122 LEU A CG  1 
ATOM   950  C  CD1 . LEU A 1 122 ? 11.430  3.399   -6.129  1.00 23.28 ? 122 LEU A CD1 1 
ATOM   951  C  CD2 . LEU A 1 122 ? 11.301  3.947   -3.649  1.00 21.06 ? 122 LEU A CD2 1 
ATOM   952  N  N   . ASN A 1 123 ? 10.634  9.310   -5.043  1.00 21.11 ? 123 ASN A N   1 
ATOM   953  C  CA  . ASN A 1 123 ? 11.128  10.681  -5.214  1.00 21.09 ? 123 ASN A CA  1 
ATOM   954  C  C   . ASN A 1 123 ? 12.130  10.710  -6.395  1.00 22.98 ? 123 ASN A C   1 
ATOM   955  O  O   . ASN A 1 123 ? 13.221  11.290  -6.284  1.00 22.41 ? 123 ASN A O   1 
ATOM   956  C  CB  . ASN A 1 123 ? 11.847  11.173  -3.948  1.00 19.37 ? 123 ASN A CB  1 
ATOM   957  C  CG  . ASN A 1 123 ? 10.869  11.657  -2.851  1.00 22.36 ? 123 ASN A CG  1 
ATOM   958  O  OD1 . ASN A 1 123 ? 11.123  12.700  -2.304  1.00 26.17 ? 123 ASN A OD1 1 
ATOM   959  N  ND2 . ASN A 1 123 ? 9.800   10.900  -2.517  1.00 21.53 ? 123 ASN A ND2 1 
ATOM   960  N  N   . GLN A 1 124 ? 11.795  9.976   -7.439  1.00 24.20 ? 124 GLN A N   1 
ATOM   961  C  CA  . GLN A 1 124 ? 12.665  9.846   -8.587  1.00 26.96 ? 124 GLN A CA  1 
ATOM   962  C  C   . GLN A 1 124 ? 12.254  10.817  -9.711  1.00 29.51 ? 124 GLN A C   1 
ATOM   963  O  O   . GLN A 1 124 ? 13.011  10.812  -10.712 1.00 31.69 ? 124 GLN A O   1 
ATOM   964  C  CB  . GLN A 1 124 ? 12.512  8.497   -9.171  1.00 25.41 ? 124 GLN A CB  1 
ATOM   965  C  CG  . GLN A 1 124 ? 13.224  7.427   -8.464  1.00 29.29 ? 124 GLN A CG  1 
ATOM   966  C  CD  . GLN A 1 124 ? 12.811  6.081   -8.984  1.00 30.07 ? 124 GLN A CD  1 
ATOM   967  O  OE1 . GLN A 1 124 ? 11.720  5.915   -9.602  1.00 34.42 ? 124 GLN A OE1 1 
ATOM   968  N  NE2 . GLN A 1 124 ? 13.613  5.093   -8.693  1.00 30.92 ? 124 GLN A NE2 1 
ATOM   969  O  OXT . GLN A 1 124 ? 11.201  11.480  -9.624  1.00 28.75 ? 124 GLN A OXT 1 
HETATM 970  C  CAC . FLC B 2 .   ? 0.093   7.743   -6.061  1.00 20.63 ? 227 FLC A CAC 1 
HETATM 971  C  CA  . FLC B 2 .   ? -1.120  8.652   -5.892  1.00 20.88 ? 227 FLC A CA  1 
HETATM 972  C  CB  . FLC B 2 .   ? -0.965  10.125  -6.389  1.00 22.20 ? 227 FLC A CB  1 
HETATM 973  C  CBC . FLC B 2 .   ? 0.127   10.878  -5.585  1.00 20.45 ? 227 FLC A CBC 1 
HETATM 974  C  CG  . FLC B 2 .   ? -2.311  10.804  -6.232  1.00 22.01 ? 227 FLC A CG  1 
HETATM 975  C  CGC . FLC B 2 .   ? -2.352  12.199  -6.886  1.00 25.15 ? 227 FLC A CGC 1 
HETATM 976  O  OA1 . FLC B 2 .   ? 1.200   8.240   -6.414  1.00 23.17 ? 227 FLC A OA1 1 
HETATM 977  O  OA2 . FLC B 2 .   ? -0.037  6.502   -5.761  1.00 20.64 ? 227 FLC A OA2 1 
HETATM 978  O  OB1 . FLC B 2 .   ? 1.090   11.393  -6.158  1.00 18.55 ? 227 FLC A OB1 1 
HETATM 979  O  OB2 . FLC B 2 .   ? 0.035   10.974  -4.350  1.00 18.48 ? 227 FLC A OB2 1 
HETATM 980  O  OG1 . FLC B 2 .   ? -1.533  12.575  -7.729  1.00 19.07 ? 227 FLC A OG1 1 
HETATM 981  O  OG2 . FLC B 2 .   ? -3.170  12.992  -6.461  1.00 28.18 ? 227 FLC A OG2 1 
HETATM 982  O  OHB . FLC B 2 .   ? -0.590  10.143  -7.778  1.00 23.70 ? 227 FLC A OHB 1 
HETATM 983  C  C   . CYN C 3 .   ? 3.181   2.678   3.072   1.00 17.63 ? 126 CYN A C   1 
HETATM 984  N  N   . CYN C 3 .   ? 2.733   1.833   3.620   1.00 21.27 ? 126 CYN A N   1 
HETATM 985  C  CHA . HEM D 4 .   ? 3.290   6.561   4.598   1.00 21.43 ? 125 HEM A CHA 1 
HETATM 986  C  CHB . HEM D 4 .   ? 0.930   4.651   0.767   1.00 20.52 ? 125 HEM A CHB 1 
HETATM 987  C  CHC . HEM D 4 .   ? 5.065   2.573   -0.687  1.00 21.01 ? 125 HEM A CHC 1 
HETATM 988  C  CHD . HEM D 4 .   ? 6.775   3.283   3.821   1.00 21.22 ? 125 HEM A CHD 1 
HETATM 989  C  C1A . HEM D 4 .   ? 2.312   6.266   3.637   1.00 22.85 ? 125 HEM A C1A 1 
HETATM 990  C  C2A . HEM D 4 .   ? 0.958   6.786   3.628   1.00 19.14 ? 125 HEM A C2A 1 
HETATM 991  C  C3A . HEM D 4 .   ? 0.304   6.240   2.609   1.00 18.76 ? 125 HEM A C3A 1 
HETATM 992  C  C4A . HEM D 4 .   ? 1.198   5.361   1.916   1.00 20.03 ? 125 HEM A C4A 1 
HETATM 993  C  CMA . HEM D 4 .   ? -1.190  6.492   2.253   1.00 18.95 ? 125 HEM A CMA 1 
HETATM 994  C  CAA . HEM D 4 .   ? 0.432   7.774   4.698   1.00 23.85 ? 125 HEM A CAA 1 
HETATM 995  C  CBA . HEM D 4 .   ? 0.438   9.137   3.984   1.00 27.05 ? 125 HEM A CBA 1 
HETATM 996  C  CGA . HEM D 4 .   ? -0.243  10.299  4.696   1.00 30.61 ? 125 HEM A CGA 1 
HETATM 997  O  O1A . HEM D 4 .   ? 0.444   10.784  5.587   1.00 25.77 ? 125 HEM A O1A 1 
HETATM 998  O  O2A . HEM D 4 .   ? -1.407  10.766  4.375   1.00 29.32 ? 125 HEM A O2A 1 
HETATM 999  C  C1B . HEM D 4 .   ? 1.880   3.969   0.035   1.00 20.82 ? 125 HEM A C1B 1 
HETATM 1000 C  C2B . HEM D 4 .   ? 1.594   3.325   -1.200  1.00 18.68 ? 125 HEM A C2B 1 
HETATM 1001 C  C3B . HEM D 4 .   ? 2.750   2.759   -1.648  1.00 20.62 ? 125 HEM A C3B 1 
HETATM 1002 C  C4B . HEM D 4 .   ? 3.763   3.022   -0.640  1.00 17.55 ? 125 HEM A C4B 1 
HETATM 1003 C  CMB . HEM D 4 .   ? 0.181   3.351   -1.881  1.00 18.78 ? 125 HEM A CMB 1 
HETATM 1004 C  CAB . HEM D 4 .   ? 3.072   1.865   -2.915  1.00 23.31 ? 125 HEM A CAB 1 
HETATM 1005 C  CBB . HEM D 4 .   ? 2.308   0.822   -3.370  1.00 19.72 ? 125 HEM A CBB 1 
HETATM 1006 C  C1C . HEM D 4 .   ? 5.901   2.585   0.437   1.00 19.66 ? 125 HEM A C1C 1 
HETATM 1007 C  C2C . HEM D 4 .   ? 7.168   1.901   0.521   1.00 17.63 ? 125 HEM A C2C 1 
HETATM 1008 C  C3C . HEM D 4 .   ? 7.596   2.081   1.791   1.00 20.29 ? 125 HEM A C3C 1 
HETATM 1009 C  C4C . HEM D 4 .   ? 6.639   2.868   2.523   1.00 20.21 ? 125 HEM A C4C 1 
HETATM 1010 C  CMC . HEM D 4 .   ? 7.805   1.140   -0.704  1.00 18.81 ? 125 HEM A CMC 1 
HETATM 1011 C  CAC . HEM D 4 .   ? 8.860   1.584   2.520   1.00 22.27 ? 125 HEM A CAC 1 
HETATM 1012 C  CBC . HEM D 4 .   ? 9.183   0.302   2.436   1.00 20.80 ? 125 HEM A CBC 1 
HETATM 1013 C  C1D . HEM D 4 .   ? 6.017   4.234   4.434   1.00 22.23 ? 125 HEM A C1D 1 
HETATM 1014 C  C2D . HEM D 4 .   ? 6.300   4.805   5.708   1.00 22.32 ? 125 HEM A C2D 1 
HETATM 1015 C  C3D . HEM D 4 .   ? 5.229   5.827   5.901   1.00 24.15 ? 125 HEM A C3D 1 
HETATM 1016 C  C4D . HEM D 4 .   ? 4.407   5.803   4.752   1.00 21.07 ? 125 HEM A C4D 1 
HETATM 1017 C  CMD . HEM D 4 .   ? 7.432   4.474   6.681   1.00 22.31 ? 125 HEM A CMD 1 
HETATM 1018 C  CAD . HEM D 4 .   ? 5.012   6.733   7.096   1.00 25.65 ? 125 HEM A CAD 1 
HETATM 1019 C  CBD . HEM D 4 .   ? 5.993   7.857   6.753   1.00 29.40 ? 125 HEM A CBD 1 
HETATM 1020 C  CGD . HEM D 4 .   ? 6.322   8.630   7.990   1.00 36.42 ? 125 HEM A CGD 1 
HETATM 1021 O  O1D . HEM D 4 .   ? 5.563   9.527   8.326   1.00 35.69 ? 125 HEM A O1D 1 
HETATM 1022 O  O2D . HEM D 4 .   ? 7.341   8.371   8.642   1.00 43.42 ? 125 HEM A O2D 1 
HETATM 1023 N  NA  . HEM D 4 .   ? 2.394   5.378   2.599   1.00 19.71 ? 125 HEM A NA  1 
HETATM 1024 N  NB  . HEM D 4 .   ? 3.220   3.756   0.385   1.00 21.19 ? 125 HEM A NB  1 
HETATM 1025 N  NC  . HEM D 4 .   ? 5.628   3.154   1.663   1.00 17.65 ? 125 HEM A NC  1 
HETATM 1026 N  ND  . HEM D 4 .   ? 4.905   4.865   3.873   1.00 21.09 ? 125 HEM A ND  1 
HETATM 1027 FE FE  . HEM D 4 .   ? 4.042   4.298   2.152   1.00 21.44 ? 125 HEM A FE  1 
HETATM 1028 O  O   . HOH E 5 .   ? 6.551   17.058  -3.175  1.00 25.85 ? 228 HOH A O   1 
HETATM 1029 O  O   . HOH E 5 .   ? 2.945   17.706  -2.044  1.00 23.31 ? 229 HOH A O   1 
HETATM 1030 O  O   . HOH E 5 .   ? 19.002  8.019   1.898   1.00 20.83 ? 230 HOH A O   1 
HETATM 1031 O  O   . HOH E 5 .   ? 4.207   15.479  -2.955  1.00 19.27 ? 231 HOH A O   1 
HETATM 1032 O  O   . HOH E 5 .   ? -7.806  1.848   10.764  1.00 30.11 ? 232 HOH A O   1 
HETATM 1033 O  O   . HOH E 5 .   ? -16.601 2.036   -5.420  1.00 26.43 ? 233 HOH A O   1 
HETATM 1034 O  O   . HOH E 5 .   ? -1.777  -4.415  11.160  1.00 23.57 ? 234 HOH A O   1 
HETATM 1035 O  O   . HOH E 5 .   ? 8.848   -6.569  13.891  1.00 22.75 ? 235 HOH A O   1 
HETATM 1036 O  O   . HOH E 5 .   ? -11.909 0.688   -10.030 1.00 30.20 ? 236 HOH A O   1 
HETATM 1037 O  O   . HOH E 5 .   ? 14.086  3.622   9.414   1.00 24.34 ? 237 HOH A O   1 
HETATM 1038 O  O   . HOH E 5 .   ? 12.069  7.742   9.239   1.00 28.80 ? 238 HOH A O   1 
HETATM 1039 O  O   . HOH E 5 .   ? -13.024 -8.112  -13.094 1.00 29.58 ? 239 HOH A O   1 
HETATM 1040 O  O   . HOH E 5 .   ? 14.942  -4.849  9.110   1.00 29.66 ? 240 HOH A O   1 
HETATM 1041 O  O   . HOH E 5 .   ? -5.712  -2.330  -11.943 1.00 37.40 ? 241 HOH A O   1 
HETATM 1042 O  O   . HOH E 5 .   ? 12.195  5.215   8.534   1.00 27.54 ? 242 HOH A O   1 
HETATM 1043 O  O   . HOH E 5 .   ? 0.116   -15.391 0.055   1.00 37.88 ? 243 HOH A O   1 
HETATM 1044 O  O   . HOH E 5 .   ? 1.237   7.527   11.274  1.00 43.93 ? 244 HOH A O   1 
HETATM 1045 O  O   . HOH E 5 .   ? -19.602 0.824   -9.342  1.00 24.20 ? 245 HOH A O   1 
HETATM 1046 O  O   . HOH E 5 .   ? 3.585   -11.478 -3.536  1.00 31.92 ? 246 HOH A O   1 
HETATM 1047 O  O   . HOH E 5 .   ? 3.190   12.647  -5.057  1.00 20.09 ? 247 HOH A O   1 
HETATM 1048 O  O   . HOH E 5 .   ? 9.243   -1.497  13.020  1.00 25.10 ? 248 HOH A O   1 
HETATM 1049 O  O   . HOH E 5 .   ? 7.398   -4.924  -7.670  1.00 32.38 ? 249 HOH A O   1 
HETATM 1050 O  O   . HOH E 5 .   ? 10.199  5.080   11.244  1.00 34.66 ? 250 HOH A O   1 
HETATM 1051 O  O   . HOH E 5 .   ? -3.611  14.333  -1.213  1.00 46.48 ? 251 HOH A O   1 
HETATM 1052 O  O   . HOH E 5 .   ? -1.260  11.418  10.442  1.00 60.13 ? 252 HOH A O   1 
HETATM 1053 O  O   . HOH E 5 .   ? -9.307  5.141   7.191   1.00 29.64 ? 253 HOH A O   1 
HETATM 1054 O  O   . HOH E 5 .   ? -13.051 -11.632 -10.111 1.00 26.99 ? 254 HOH A O   1 
HETATM 1055 O  O   . HOH E 5 .   ? 14.806  -10.505 12.324  1.00 42.68 ? 255 HOH A O   1 
HETATM 1056 O  O   . HOH E 5 .   ? 3.763   8.381   12.628  1.00 31.80 ? 256 HOH A O   1 
HETATM 1057 O  O   . HOH E 5 .   ? 3.450   -8.409  12.555  1.00 27.59 ? 257 HOH A O   1 
HETATM 1058 O  O   . HOH E 5 .   ? 1.368   7.739   8.564   1.00 31.68 ? 258 HOH A O   1 
HETATM 1059 O  O   . HOH E 5 .   ? 7.265   -7.070  -6.086  1.00 31.25 ? 259 HOH A O   1 
HETATM 1060 O  O   . HOH E 5 .   ? 11.023  -8.093  14.241  1.00 22.58 ? 260 HOH A O   1 
HETATM 1061 O  O   . HOH E 5 .   ? -0.344  -11.004 7.363   1.00 29.66 ? 261 HOH A O   1 
HETATM 1062 O  O   . HOH E 5 .   ? -18.063 -0.752  1.271   1.00 31.99 ? 262 HOH A O   1 
HETATM 1063 O  O   . HOH E 5 .   ? -4.033  7.571   -8.230  1.00 39.77 ? 263 HOH A O   1 
HETATM 1064 O  O   . HOH E 5 .   ? -12.894 1.832   2.961   1.00 39.82 ? 264 HOH A O   1 
HETATM 1065 O  O   . HOH E 5 .   ? 10.947  15.903  -4.964  1.00 31.49 ? 265 HOH A O   1 
HETATM 1066 O  O   . HOH E 5 .   ? 6.674   -10.748 6.423   1.00 26.33 ? 266 HOH A O   1 
HETATM 1067 O  O   . HOH E 5 .   ? -6.388  2.792   12.846  1.00 29.62 ? 267 HOH A O   1 
HETATM 1068 O  O   . HOH E 5 .   ? -7.609  -17.492 -8.056  1.00 58.44 ? 268 HOH A O   1 
HETATM 1069 O  O   . HOH E 5 .   ? -8.235  9.166   6.409   1.00 68.46 ? 269 HOH A O   1 
HETATM 1070 O  O   . HOH E 5 .   ? 2.796   -4.427  -8.360  1.00 35.38 ? 270 HOH A O   1 
HETATM 1071 O  O   . HOH E 5 .   ? 6.651   -1.534  -10.110 1.00 43.93 ? 271 HOH A O   1 
HETATM 1072 O  O   . HOH E 5 .   ? 17.054  -0.617  -5.576  1.00 37.90 ? 272 HOH A O   1 
HETATM 1073 O  O   . HOH E 5 .   ? 15.418  9.215   -5.377  1.00 36.12 ? 273 HOH A O   1 
HETATM 1074 O  O   . HOH E 5 .   ? -10.783 7.161   0.594   1.00 26.76 ? 274 HOH A O   1 
HETATM 1075 O  O   . HOH E 5 .   ? -5.896  4.018   -8.969  1.00 33.70 ? 275 HOH A O   1 
HETATM 1076 O  O   . HOH E 5 .   ? 1.264   -0.950  -13.354 1.00 36.10 ? 276 HOH A O   1 
HETATM 1077 O  O   . HOH E 5 .   ? -4.532  8.387   10.255  1.00 44.41 ? 277 HOH A O   1 
HETATM 1078 O  O   . HOH E 5 .   ? 7.031   12.410  -10.478 1.00 24.62 ? 278 HOH A O   1 
HETATM 1079 O  O   . HOH E 5 .   ? -18.104 0.104   -13.677 1.00 41.90 ? 279 HOH A O   1 
HETATM 1080 O  O   . HOH E 5 .   ? -1.674  8.279   -9.452  1.00 24.65 ? 280 HOH A O   1 
HETATM 1081 O  O   . HOH E 5 .   ? 1.446   5.524   -14.048 1.00 23.59 ? 281 HOH A O   1 
HETATM 1082 O  O   . HOH E 5 .   ? -1.954  10.850  -2.507  1.00 23.58 ? 282 HOH A O   1 
HETATM 1083 O  O   . HOH E 5 .   ? -3.573  12.723  -3.243  1.00 33.15 ? 283 HOH A O   1 
HETATM 1084 O  O   . HOH E 5 .   ? 5.379   -3.202  -8.141  1.00 33.66 ? 284 HOH A O   1 
HETATM 1085 O  O   . HOH E 5 .   ? 2.176   -12.082 7.537   1.00 35.33 ? 285 HOH A O   1 
HETATM 1086 O  O   . HOH E 5 .   ? 2.915   -11.070 12.668  1.00 35.04 ? 286 HOH A O   1 
HETATM 1087 O  O   . HOH E 5 .   ? 16.589  -6.181  10.915  1.00 45.29 ? 287 HOH A O   1 
HETATM 1088 O  O   . HOH E 5 .   ? 0.740   -4.169  12.273  1.00 40.44 ? 288 HOH A O   1 
HETATM 1089 O  O   . HOH E 5 .   ? 20.612  11.809  2.532   1.00 33.34 ? 289 HOH A O   1 
HETATM 1090 O  O   . HOH E 5 .   ? 15.811  2.505   -6.420  1.00 38.62 ? 290 HOH A O   1 
HETATM 1091 O  O   . HOH E 5 .   ? 14.631  6.287   -3.957  1.00 29.79 ? 291 HOH A O   1 
HETATM 1092 O  O   . HOH E 5 .   ? -14.254 5.065   -9.369  1.00 32.22 ? 292 HOH A O   1 
HETATM 1093 O  O   . HOH E 5 .   ? -12.055 6.198   2.860   1.00 34.02 ? 293 HOH A O   1 
HETATM 1094 O  O   . HOH E 5 .   ? 8.146   16.379  -1.451  1.00 28.66 ? 294 HOH A O   1 
HETATM 1095 O  O   . HOH E 5 .   ? 9.834   18.230  -5.058  1.00 29.38 ? 295 HOH A O   1 
HETATM 1096 O  O   . HOH E 5 .   ? 20.712  11.327  0.105   1.00 43.52 ? 296 HOH A O   1 
HETATM 1097 O  O   . HOH E 5 .   ? -18.394 1.214   -11.523 1.00 29.70 ? 297 HOH A O   1 
HETATM 1098 O  O   . HOH E 5 .   ? -11.527 0.188   5.105   1.00 36.56 ? 298 HOH A O   1 
HETATM 1099 O  O   . HOH E 5 .   ? 4.313   -10.667 -5.944  1.00 34.35 ? 299 HOH A O   1 
HETATM 1100 O  O   . HOH E 5 .   ? 3.682   -6.995  -8.870  1.00 35.88 ? 300 HOH A O   1 
HETATM 1101 O  O   . HOH E 5 .   ? -18.600 -5.506  -2.691  1.00 28.44 ? 301 HOH A O   1 
HETATM 1102 O  O   . HOH E 5 .   ? 9.220   7.616   10.209  1.00 42.58 ? 302 HOH A O   1 
HETATM 1103 O  O   . HOH E 5 .   ? -3.952  10.809  11.098  1.00 50.53 ? 303 HOH A O   1 
HETATM 1104 O  O   . HOH E 5 .   ? 9.201   -8.788  -5.255  1.00 57.20 ? 304 HOH A O   1 
HETATM 1105 O  O   . HOH E 5 .   ? -6.186  9.494   5.642   1.00 40.60 ? 305 HOH A O   1 
HETATM 1106 O  O   . HOH E 5 .   ? -2.105  4.918   -6.510  1.00 28.41 ? 306 HOH A O   1 
HETATM 1107 O  O   . HOH E 5 .   ? -11.678 11.377  0.028   1.00 42.92 ? 307 HOH A O   1 
HETATM 1108 O  O   . HOH E 5 .   ? 8.711   -13.443 15.784  1.00 48.12 ? 308 HOH A O   1 
HETATM 1109 O  O   . HOH E 5 .   ? 11.794  -11.310 6.612   1.00 35.68 ? 309 HOH A O   1 
HETATM 1110 O  O   . HOH E 5 .   ? 1.694   -13.603 -3.743  1.00 33.59 ? 310 HOH A O   1 
HETATM 1111 O  O   . HOH E 5 .   ? -10.454 -9.022  -13.159 1.00 37.96 ? 311 HOH A O   1 
HETATM 1112 O  O   . HOH E 5 .   ? 9.320   -2.098  -9.488  1.00 35.52 ? 312 HOH A O   1 
HETATM 1113 O  O   . HOH E 5 .   ? 9.742   -10.415 14.625  1.00 41.82 ? 313 HOH A O   1 
HETATM 1114 O  O   . HOH E 5 .   ? 8.314   -13.095 12.172  1.00 52.77 ? 314 HOH A O   1 
HETATM 1115 O  O   . HOH E 5 .   ? 15.321  9.837   -11.248 1.00 45.19 ? 315 HOH A O   1 
HETATM 1116 O  O   . HOH E 5 .   ? 4.526   13.391  9.235   1.00 66.30 ? 316 HOH A O   1 
HETATM 1117 O  O   . HOH E 5 .   ? -11.081 4.339   4.731   1.00 32.29 ? 317 HOH A O   1 
HETATM 1118 O  O   . HOH E 5 .   ? -17.355 2.073   1.226   1.00 75.02 ? 318 HOH A O   1 
HETATM 1119 O  O   . HOH E 5 .   ? -9.608  7.085   7.950   1.00 53.55 ? 319 HOH A O   1 
HETATM 1120 O  O   . HOH E 5 .   ? -2.507  1.140   -12.547 1.00 48.10 ? 320 HOH A O   1 
HETATM 1121 O  O   . HOH E 5 .   ? 1.863   9.951   -8.019  1.00 10.54 ? 321 HOH A O   1 
HETATM 1122 O  O   . HOH E 5 .   ? 9.386   9.916   7.495   1.00 23.71 ? 322 HOH A O   1 
HETATM 1123 O  O   . HOH E 5 .   ? 10.797  4.093   -11.174 1.00 36.77 ? 323 HOH A O   1 
HETATM 1124 O  O   . HOH E 5 .   ? 4.368   12.207  5.876   1.00 43.70 ? 324 HOH A O   1 
HETATM 1125 O  O   . HOH E 5 .   ? -16.451 -9.222  -12.925 1.00 28.71 ? 325 HOH A O   1 
HETATM 1126 O  O   . HOH E 5 .   ? -19.296 2.024   -14.008 1.00 56.36 ? 326 HOH A O   1 
HETATM 1127 O  O   . HOH E 5 .   ? 5.269   18.742  -0.106  1.00 46.59 ? 327 HOH A O   1 
HETATM 1128 O  O   . HOH E 5 .   ? 19.443  2.825   -0.618  1.00 44.61 ? 328 HOH A O   1 
HETATM 1129 O  O   . HOH E 5 .   ? 12.387  -6.553  -2.878  1.00 38.55 ? 329 HOH A O   1 
HETATM 1130 O  O   . HOH E 5 .   ? -11.662 -0.283  7.192   1.00 46.90 ? 330 HOH A O   1 
HETATM 1131 O  O   . HOH E 5 .   ? -15.138 -4.037  -14.204 1.00 45.31 ? 331 HOH A O   1 
HETATM 1132 O  O   . HOH E 5 .   ? -4.228  5.808   -7.136  1.00 46.40 ? 332 HOH A O   1 
HETATM 1133 O  O   . HOH E 5 .   ? -9.558  5.426   12.052  1.00 58.16 ? 333 HOH A O   1 
HETATM 1134 O  O   . HOH E 5 .   ? -0.864  5.796   -13.178 1.00 29.19 ? 334 HOH A O   1 
HETATM 1135 O  O   . HOH E 5 .   ? -6.853  8.841   8.744   1.00 43.17 ? 335 HOH A O   1 
HETATM 1136 O  O   . HOH E 5 .   ? -5.355  -15.886 -5.517  1.00 66.51 ? 336 HOH A O   1 
HETATM 1137 O  O   . HOH E 5 .   ? 12.209  -10.917 4.031   1.00 58.53 ? 337 HOH A O   1 
HETATM 1138 O  O   . HOH E 5 .   ? 0.781   9.891   16.278  1.00 46.58 ? 338 HOH A O   1 
HETATM 1139 O  O   . HOH E 5 .   ? -2.049  13.494  -10.169 1.00 33.30 ? 339 HOH A O   1 
HETATM 1140 O  O   . HOH E 5 .   ? 2.676   -12.324 10.280  1.00 50.15 ? 340 HOH A O   1 
HETATM 1141 O  O   . HOH E 5 .   ? 15.363  -7.745  13.247  1.00 37.62 ? 341 HOH A O   1 
HETATM 1142 O  O   . HOH E 5 .   ? -3.469  3.227   -10.558 1.00 45.49 ? 342 HOH A O   1 
HETATM 1143 O  O   . HOH E 5 .   ? 18.224  11.118  -1.736  1.00 48.02 ? 343 HOH A O   1 
HETATM 1144 O  O   . HOH E 5 .   ? 2.692   -16.189 -6.036  1.00 69.75 ? 344 HOH A O   1 
HETATM 1145 O  O   . HOH E 5 .   ? 16.420  8.728   -7.898  1.00 61.58 ? 345 HOH A O   1 
HETATM 1146 O  O   . HOH E 5 .   ? 4.964   -8.277  -6.828  1.00 35.17 ? 346 HOH A O   1 
HETATM 1147 O  O   . HOH E 5 .   ? 18.039  15.324  4.746   1.00 38.94 ? 347 HOH A O   1 
HETATM 1148 O  O   . HOH E 5 .   ? -12.106 -3.454  -11.467 1.00 36.37 ? 348 HOH A O   1 
HETATM 1149 O  O   . HOH E 5 .   ? -10.747 -12.952 3.599   1.00 59.50 ? 349 HOH A O   1 
HETATM 1150 O  O   . HOH E 5 .   ? -3.536  -4.974  13.138  1.00 36.72 ? 350 HOH A O   1 
HETATM 1151 O  O   . HOH E 5 .   ? 10.356  15.471  -2.333  1.00 33.39 ? 351 HOH A O   1 
HETATM 1152 O  O   . HOH E 5 .   ? 8.613   12.779  4.275   1.00 25.69 ? 352 HOH A O   1 
HETATM 1153 O  O   . HOH E 5 .   ? 8.937   10.188  4.739   1.00 26.40 ? 353 HOH A O   1 
HETATM 1154 O  O   . HOH E 5 .   ? 17.004  6.599   -1.142  1.00 22.46 ? 354 HOH A O   1 
HETATM 1155 O  O   . HOH E 5 .   ? -1.285  3.708   -9.045  1.00 27.89 ? 355 HOH A O   1 
HETATM 1156 O  O   . HOH E 5 .   ? 8.396   3.652   -12.486 1.00 29.89 ? 356 HOH A O   1 
HETATM 1157 O  O   . HOH E 5 .   ? 14.087  2.166   -9.008  1.00 42.39 ? 357 HOH A O   1 
HETATM 1158 O  O   . HOH E 5 .   ? 9.685   12.073  -11.815 1.00 28.42 ? 358 HOH A O   1 
HETATM 1159 O  O   . HOH E 5 .   ? 4.819   11.139  -10.767 1.00 30.76 ? 359 HOH A O   1 
HETATM 1160 O  O   . HOH E 5 .   ? 1.145   11.034  -10.017 1.00 19.23 ? 360 HOH A O   1 
HETATM 1161 O  O   . HOH E 5 .   ? 13.010  5.958   12.382  1.00 30.82 ? 361 HOH A O   1 
HETATM 1162 O  O   . HOH E 5 .   ? -16.601 -9.128  -9.639  1.00 30.63 ? 362 HOH A O   1 
HETATM 1163 O  O   . HOH E 5 .   ? -14.554 -9.651  -11.289 1.00 33.70 ? 363 HOH A O   1 
HETATM 1164 O  O   . HOH E 5 .   ? -9.686  10.287  1.741   1.00 33.90 ? 364 HOH A O   1 
HETATM 1165 O  O   . HOH E 5 .   ? -2.334  12.731  6.029   1.00 37.42 ? 365 HOH A O   1 
HETATM 1166 O  O   . HOH E 5 .   ? 13.779  13.642  -2.545  1.00 27.39 ? 366 HOH A O   1 
HETATM 1167 O  O   . HOH E 5 .   ? 15.777  -5.192  0.566   1.00 49.95 ? 367 HOH A O   1 
HETATM 1168 O  O   . HOH E 5 .   ? 17.124  -6.731  3.233   1.00 45.05 ? 368 HOH A O   1 
HETATM 1169 O  O   . HOH E 5 .   ? 16.708  -2.960  3.773   1.00 52.33 ? 369 HOH A O   1 
HETATM 1170 O  O   . HOH E 5 .   ? -13.068 11.459  -2.165  1.00 56.50 ? 370 HOH A O   1 
HETATM 1171 O  O   . HOH E 5 .   ? -9.377  3.231   9.691   1.00 46.34 ? 371 HOH A O   1 
HETATM 1172 O  O   . HOH E 5 .   ? -5.419  12.561  6.236   1.00 46.27 ? 372 HOH A O   1 
HETATM 1173 O  O   . HOH E 5 .   ? 13.721  14.799  4.166   1.00 40.42 ? 373 HOH A O   1 
HETATM 1174 O  O   . HOH E 5 .   ? -17.639 -4.216  3.024   1.00 34.06 ? 374 HOH A O   1 
HETATM 1175 O  O   . HOH E 5 .   ? -3.419  15.614  -7.680  1.00 37.50 ? 375 HOH A O   1 
# 
